data_4BSU
#
_entry.id   4BSU
#
_cell.length_a   495.130
_cell.length_b   62.150
_cell.length_c   104.869
_cell.angle_alpha   90.00
_cell.angle_beta   91.19
_cell.angle_gamma   90.00
#
_symmetry.space_group_name_H-M   'C 1 2 1'
#
loop_
_entity.id
_entity.type
_entity.pdbx_description
1 polymer 'LEUCINE-RICH REPEAT-CONTAINING G-PROTEIN COUPLED RECEPTOR 5'
2 polymer R-SPONDIN-1
3 branched 2-acetamido-2-deoxy-beta-D-glucopyranose-(1-4)-2-acetamido-2-deoxy-beta-D-glucopyranose
4 branched beta-D-mannopyranose-(1-4)-2-acetamido-2-deoxy-beta-D-glucopyranose-(1-4)-2-acetamido-2-deoxy-beta-D-glucopyranose
5 non-polymer 2-acetamido-2-deoxy-beta-D-glucopyranose
#
loop_
_entity_poly.entity_id
_entity_poly.type
_entity_poly.pdbx_seq_one_letter_code
_entity_poly.pdbx_strand_id
1 'polypeptide(L)'
;HHHHHHENLYFQGSGSSPRSGVLLRGCPTHCHCEPDGRMLLRVDCSDLGLSELPSNLSVFTSYLDLSMNNISQLLPNPLP
SLRFLEELRLAGNALTYIPKGAFTGLYSLKVLMLQNNQLRHVPTEALQNLRSLQSLRLDANHISYVPPSCFSGLHSLRHL
WLDDNALTEIPVQAFRSLSALQAMTLALNKIHHIPDYAFGNLSSLVVLHLHNNRIHSLGKKCFDGLHSLETLDLNYNNLD
EFPTAIRTLSNLKELGFHSNNIRSIPEKAFVGNPSLITIHFYDNPIQFVGRSAFQHLPELRTLTLNGASQITEFPDLTGT
ANLESLTLTGAQISSLPQTVCNQLPNLQVLDLSYNLLEDLPSFSVCQKLQKIDLRHNEIYEIKVDTFQQLLSLRSLNLAW
NKIAIIHPNAFSTLPSLIKLDLSSNLLSSFPITGLHGLTHLKLTGNHALQSLISSENFPELKVIEMPYAYQCCAFGVCEN
AYKISNQWNKGDNSSMDDLHKKDAGMFQAQDERDLEDFLLDFEEDLKALHSVQCSPAAA
;
A,B,E,F
2 'polypeptide(L)'
;GSRISAEGSQACAKGCELCSEVNGCLKCSPKLFILLERNDIRQVGVCLPSCPPGYFDARNPDMNKCIKCKIEHCEACFSH
NFCTKCKEGLYLHKGRCYPACPEGSSAANGTMECSSPAAAHHHHHH
;
C,D,G,H
#
loop_
_chem_comp.id
_chem_comp.type
_chem_comp.name
_chem_comp.formula
BMA D-saccharide, beta linking beta-D-mannopyranose 'C6 H12 O6'
NAG D-saccharide, beta linking 2-acetamido-2-deoxy-beta-D-glucopyranose 'C8 H15 N O6'
#
# COMPACT_ATOMS: atom_id res chain seq x y z
N LEU A 24 13.92 63.89 29.58
CA LEU A 24 15.11 63.63 30.40
C LEU A 24 15.83 62.38 29.93
N ARG A 25 17.17 62.42 30.03
CA ARG A 25 18.05 61.34 29.59
C ARG A 25 18.13 61.35 28.08
N GLY A 26 19.29 61.02 27.52
CA GLY A 26 19.45 60.94 26.08
C GLY A 26 18.57 59.87 25.46
N CYS A 27 17.27 59.95 25.76
CA CYS A 27 16.25 59.05 25.27
C CYS A 27 15.68 59.50 23.92
N PRO A 28 16.17 58.91 22.81
CA PRO A 28 15.92 59.27 21.41
C PRO A 28 14.59 60.00 21.20
N THR A 29 14.66 61.26 20.78
CA THR A 29 13.48 62.10 20.65
C THR A 29 12.33 61.39 19.93
N HIS A 30 11.14 61.50 20.53
CA HIS A 30 9.88 60.85 20.12
C HIS A 30 9.72 59.44 20.70
N CYS A 31 10.82 58.80 21.10
CA CYS A 31 10.78 57.43 21.62
C CYS A 31 10.45 57.36 23.11
N HIS A 32 10.05 56.17 23.56
CA HIS A 32 9.67 55.91 24.95
C HIS A 32 10.69 55.02 25.68
N CYS A 33 11.33 55.55 26.71
CA CYS A 33 12.35 54.78 27.45
C CYS A 33 11.91 54.35 28.85
N GLU A 34 12.80 53.63 29.52
CA GLU A 34 12.53 53.05 30.85
C GLU A 34 13.77 52.47 31.51
N PRO A 35 13.78 52.41 32.85
CA PRO A 35 14.93 51.78 33.51
C PRO A 35 14.76 50.27 33.65
N ASP A 36 15.81 49.52 33.34
CA ASP A 36 15.78 48.06 33.39
C ASP A 36 16.12 47.66 34.81
N GLY A 37 17.40 47.39 35.02
CA GLY A 37 17.95 47.32 36.36
C GLY A 37 18.30 48.77 36.57
N ARG A 38 18.70 49.15 37.78
CA ARG A 38 19.00 50.56 38.04
C ARG A 38 20.08 51.05 37.06
N MET A 39 19.87 52.27 36.56
CA MET A 39 20.68 52.93 35.54
C MET A 39 20.83 52.17 34.21
N LEU A 40 20.10 51.09 34.01
CA LEU A 40 20.10 50.44 32.70
C LEU A 40 18.93 51.01 31.89
N LEU A 41 19.05 51.03 30.57
CA LEU A 41 18.06 51.71 29.73
C LEU A 41 17.39 50.79 28.71
N ARG A 42 16.06 50.84 28.67
CA ARG A 42 15.27 50.10 27.69
C ARG A 42 14.56 51.10 26.80
N VAL A 43 14.74 50.96 25.48
CA VAL A 43 14.24 51.96 24.54
C VAL A 43 13.24 51.41 23.53
N ASP A 44 12.05 52.00 23.52
CA ASP A 44 11.01 51.64 22.57
C ASP A 44 10.84 52.77 21.55
N CYS A 45 11.34 52.56 20.34
CA CYS A 45 11.10 53.48 19.23
C CYS A 45 10.35 52.74 18.14
N SER A 46 9.43 51.86 18.56
CA SER A 46 8.70 51.02 17.62
C SER A 46 7.47 51.75 17.10
N ASP A 47 7.13 51.48 15.84
CA ASP A 47 6.01 52.14 15.16
C ASP A 47 6.14 53.66 15.15
N LEU A 48 7.35 54.17 14.90
CA LEU A 48 7.54 55.61 14.72
C LEU A 48 7.77 55.96 13.25
N GLY A 49 7.83 54.93 12.40
CA GLY A 49 8.04 55.13 10.97
C GLY A 49 9.32 55.88 10.65
N LEU A 50 10.37 55.62 11.42
CA LEU A 50 11.65 56.31 11.26
C LEU A 50 12.29 56.06 9.90
N SER A 51 12.85 57.08 9.27
CA SER A 51 13.52 56.84 7.99
C SER A 51 14.81 56.06 8.24
N GLU A 52 15.52 56.47 9.29
CA GLU A 52 16.71 55.78 9.78
C GLU A 52 16.66 55.86 11.30
N LEU A 53 17.68 55.37 11.98
CA LEU A 53 17.63 55.37 13.44
C LEU A 53 18.20 56.69 13.96
N PRO A 54 17.84 57.07 15.19
CA PRO A 54 18.32 58.32 15.77
C PRO A 54 19.84 58.34 15.94
N SER A 55 20.43 59.53 15.79
CA SER A 55 21.88 59.67 15.89
C SER A 55 22.29 59.54 17.34
N ASN A 56 21.71 60.37 18.20
CA ASN A 56 22.05 60.33 19.61
C ASN A 56 21.25 59.26 20.33
N LEU A 57 21.86 58.09 20.44
CA LEU A 57 21.24 56.94 21.08
C LEU A 57 22.04 56.65 22.34
N SER A 58 21.37 56.48 23.46
CA SER A 58 22.08 56.36 24.72
C SER A 58 22.80 55.03 24.85
N VAL A 59 24.10 55.11 25.16
CA VAL A 59 24.84 53.97 25.67
C VAL A 59 24.15 53.73 27.02
N PHE A 60 24.24 52.50 27.54
CA PHE A 60 23.52 52.00 28.74
C PHE A 60 22.24 51.31 28.29
N THR A 61 21.95 51.37 27.00
CA THR A 61 20.78 50.70 26.45
C THR A 61 20.92 49.19 26.56
N SER A 62 19.96 48.56 27.24
CA SER A 62 19.97 47.11 27.40
C SER A 62 18.80 46.50 26.63
N TYR A 63 18.02 47.34 25.96
CA TYR A 63 16.90 46.87 25.17
C TYR A 63 16.55 47.95 24.14
N LEU A 64 16.58 47.59 22.86
CA LEU A 64 16.27 48.55 21.81
C LEU A 64 15.26 47.96 20.84
N ASP A 65 14.07 48.53 20.80
CA ASP A 65 13.03 48.05 19.89
C ASP A 65 12.77 49.04 18.76
N LEU A 66 13.19 48.67 17.55
CA LEU A 66 12.82 49.39 16.35
C LEU A 66 12.04 48.44 15.44
N SER A 67 10.71 48.54 15.49
CA SER A 67 9.87 47.65 14.70
C SER A 67 8.77 48.40 13.97
N MET A 68 8.49 47.96 12.74
CA MET A 68 7.49 48.59 11.86
C MET A 68 7.88 50.03 11.55
N ASN A 69 9.07 50.22 10.97
CA ASN A 69 9.63 51.57 10.82
C ASN A 69 10.20 51.97 9.46
N ASN A 70 9.76 51.35 8.35
CA ASN A 70 10.16 51.80 7.00
C ASN A 70 11.66 52.11 6.86
N ILE A 71 12.50 51.29 7.50
CA ILE A 71 13.94 51.55 7.54
C ILE A 71 14.67 50.88 6.38
N SER A 72 15.10 51.69 5.41
CA SER A 72 15.75 51.19 4.20
C SER A 72 17.16 50.66 4.44
N GLN A 73 17.98 51.44 5.12
CA GLN A 73 19.39 51.09 5.27
C GLN A 73 19.93 51.35 6.66
N LEU A 74 20.90 50.54 7.04
CA LEU A 74 21.59 50.70 8.30
C LEU A 74 23.11 50.67 8.11
N LEU A 75 23.77 51.82 8.22
CA LEU A 75 23.15 53.14 8.44
C LEU A 75 23.97 54.25 7.78
N PRO A 76 23.42 55.48 7.76
CA PRO A 76 24.36 56.60 7.67
C PRO A 76 25.34 56.53 8.84
N ASN A 77 24.80 56.48 10.05
CA ASN A 77 25.60 56.18 11.24
C ASN A 77 25.00 55.07 12.10
N PRO A 78 25.51 53.84 11.93
CA PRO A 78 25.08 52.75 12.81
C PRO A 78 25.71 52.94 14.17
N LEU A 79 25.13 52.35 15.21
CA LEU A 79 25.62 52.61 16.55
C LEU A 79 26.14 51.38 17.29
N PRO A 80 27.41 51.04 17.06
CA PRO A 80 28.09 50.14 18.00
C PRO A 80 28.43 50.88 19.29
N SER A 81 29.31 50.31 20.11
CA SER A 81 29.73 50.91 21.38
C SER A 81 28.60 50.94 22.43
N LEU A 82 27.43 50.40 22.09
CA LEU A 82 26.38 50.19 23.08
C LEU A 82 26.57 48.81 23.68
N ARG A 83 27.71 48.64 24.36
CA ARG A 83 28.16 47.36 24.90
C ARG A 83 27.22 46.70 25.91
N PHE A 84 26.18 47.42 26.35
CA PHE A 84 25.24 46.85 27.31
C PHE A 84 23.98 46.27 26.67
N LEU A 85 23.87 46.39 25.35
CA LEU A 85 22.65 45.97 24.66
C LEU A 85 22.39 44.48 24.78
N GLU A 86 21.30 44.13 25.45
CA GLU A 86 20.91 42.74 25.66
C GLU A 86 20.04 42.23 24.51
N GLU A 87 19.20 43.11 23.98
CA GLU A 87 18.17 42.70 23.02
C GLU A 87 17.92 43.75 21.96
N LEU A 88 18.10 43.37 20.69
CA LEU A 88 17.87 44.28 19.58
C LEU A 88 16.74 43.79 18.69
N ARG A 89 15.72 44.62 18.50
CA ARG A 89 14.61 44.29 17.64
C ARG A 89 14.62 45.17 16.38
N LEU A 90 14.55 44.52 15.23
CA LEU A 90 14.69 45.22 13.95
C LEU A 90 13.67 44.66 12.95
N ALA A 91 12.49 44.36 13.47
CA ALA A 91 11.44 43.70 12.70
C ALA A 91 10.54 44.68 11.95
N GLY A 92 9.89 44.20 10.90
CA GLY A 92 8.96 45.00 10.12
C GLY A 92 9.62 46.16 9.43
N ASN A 93 10.94 46.09 9.32
CA ASN A 93 11.72 47.13 8.67
C ASN A 93 12.05 46.67 7.24
N ALA A 94 12.25 47.63 6.35
CA ALA A 94 12.56 47.30 4.97
C ALA A 94 14.06 47.17 4.73
N LEU A 95 14.70 46.21 5.39
CA LEU A 95 16.12 45.99 5.20
C LEU A 95 16.34 44.96 4.08
N THR A 96 17.31 45.24 3.22
CA THR A 96 17.56 44.38 2.07
C THR A 96 18.89 43.65 2.19
N TYR A 97 19.76 44.16 3.07
CA TYR A 97 21.08 43.57 3.29
C TYR A 97 21.65 44.09 4.59
N ILE A 98 22.70 43.43 5.09
CA ILE A 98 23.39 43.91 6.28
C ILE A 98 24.90 44.01 6.06
N PRO A 99 25.45 45.22 6.19
CA PRO A 99 26.90 45.45 6.10
C PRO A 99 27.64 44.67 7.19
N LYS A 100 28.91 44.37 6.94
CA LYS A 100 29.64 43.36 7.71
C LYS A 100 29.99 43.80 9.14
N GLY A 101 30.19 45.10 9.35
CA GLY A 101 30.58 45.62 10.64
C GLY A 101 29.43 46.11 11.52
N ALA A 102 28.20 45.83 11.09
CA ALA A 102 26.99 46.41 11.70
C ALA A 102 26.87 46.22 13.22
N PHE A 103 27.24 45.05 13.73
CA PHE A 103 27.00 44.72 15.13
C PHE A 103 28.28 44.56 15.95
N THR A 104 29.35 45.24 15.55
CA THR A 104 30.67 44.98 16.11
C THR A 104 30.79 45.31 17.60
N GLY A 105 30.14 46.39 18.02
CA GLY A 105 30.20 46.82 19.40
C GLY A 105 29.57 45.89 20.42
N LEU A 106 28.56 45.14 19.99
CA LEU A 106 27.63 44.48 20.92
C LEU A 106 28.14 43.15 21.49
N TYR A 107 28.84 43.21 22.61
CA TYR A 107 29.32 42.01 23.29
C TYR A 107 28.30 41.42 24.26
N SER A 108 27.23 42.17 24.53
CA SER A 108 26.22 41.74 25.50
C SER A 108 24.94 41.27 24.80
N LEU A 109 24.94 41.31 23.48
CA LEU A 109 23.76 40.97 22.70
C LEU A 109 23.37 39.51 22.93
N LYS A 110 22.18 39.29 23.50
CA LYS A 110 21.70 37.93 23.72
C LYS A 110 20.63 37.53 22.71
N VAL A 111 19.75 38.46 22.35
CA VAL A 111 18.66 38.17 21.43
C VAL A 111 18.52 39.22 20.33
N LEU A 112 18.49 38.75 19.09
CA LEU A 112 18.40 39.64 17.93
C LEU A 112 17.24 39.25 17.02
N MET A 113 16.44 40.24 16.65
CA MET A 113 15.21 40.02 15.90
C MET A 113 15.24 40.72 14.53
N LEU A 114 15.19 39.91 13.48
CA LEU A 114 15.28 40.43 12.12
C LEU A 114 14.21 39.83 11.21
N GLN A 115 13.00 39.69 11.73
CA GLN A 115 11.91 39.10 10.97
C GLN A 115 11.11 40.16 10.23
N ASN A 116 10.37 39.72 9.22
CA ASN A 116 9.49 40.59 8.43
C ASN A 116 10.30 41.67 7.73
N ASN A 117 11.47 41.29 7.23
CA ASN A 117 12.29 42.16 6.41
C ASN A 117 12.45 41.53 5.03
N GLN A 118 12.97 42.27 4.07
CA GLN A 118 13.15 41.73 2.72
C GLN A 118 14.57 41.21 2.49
N LEU A 119 15.19 40.68 3.53
CA LEU A 119 16.47 39.98 3.39
C LEU A 119 16.34 38.84 2.39
N ARG A 120 17.34 38.71 1.52
CA ARG A 120 17.30 37.73 0.45
C ARG A 120 18.31 36.62 0.73
N HIS A 121 19.09 36.82 1.79
CA HIS A 121 20.01 35.81 2.30
C HIS A 121 20.50 36.22 3.69
N VAL A 122 20.93 35.24 4.48
CA VAL A 122 21.51 35.53 5.79
C VAL A 122 22.76 36.38 5.59
N PRO A 123 22.90 37.44 6.40
CA PRO A 123 24.08 38.31 6.36
C PRO A 123 25.38 37.52 6.29
N THR A 124 26.13 37.73 5.20
CA THR A 124 27.25 36.87 4.84
C THR A 124 28.33 36.79 5.91
N GLU A 125 28.63 37.94 6.52
CA GLU A 125 29.63 37.99 7.59
C GLU A 125 29.13 38.79 8.78
N ALA A 126 28.15 39.65 8.54
CA ALA A 126 27.66 40.62 9.51
C ALA A 126 27.29 40.04 10.88
N LEU A 127 26.89 38.77 10.92
CA LEU A 127 26.43 38.15 12.16
C LEU A 127 27.53 37.42 12.91
N GLN A 128 28.74 37.41 12.37
CA GLN A 128 29.80 36.57 12.90
C GLN A 128 30.39 37.06 14.22
N ASN A 129 30.75 36.10 15.06
CA ASN A 129 31.42 36.35 16.33
C ASN A 129 30.66 37.27 17.29
N LEU A 130 29.33 37.21 17.22
CA LEU A 130 28.50 37.77 18.29
C LEU A 130 28.46 36.75 19.41
N ARG A 131 29.54 36.71 20.19
CA ARG A 131 29.82 35.66 21.17
C ARG A 131 28.70 35.36 22.17
N SER A 132 27.94 36.38 22.55
CA SER A 132 26.91 36.22 23.57
C SER A 132 25.52 35.95 23.00
N LEU A 133 25.39 36.02 21.68
CA LEU A 133 24.09 35.87 21.01
C LEU A 133 23.46 34.50 21.29
N GLN A 134 22.23 34.51 21.82
CA GLN A 134 21.58 33.29 22.27
C GLN A 134 20.39 32.89 21.40
N SER A 135 19.65 33.89 20.93
CA SER A 135 18.48 33.63 20.09
C SER A 135 18.38 34.60 18.93
N LEU A 136 18.27 34.06 17.73
CA LEU A 136 18.24 34.89 16.52
C LEU A 136 17.04 34.56 15.64
N ARG A 137 16.30 35.60 15.27
CA ARG A 137 15.10 35.42 14.46
C ARG A 137 15.28 35.99 13.06
N LEU A 138 15.31 35.09 12.08
CA LEU A 138 15.43 35.48 10.68
C LEU A 138 14.27 34.91 9.85
N ASP A 139 13.10 34.85 10.46
CA ASP A 139 11.91 34.34 9.77
C ASP A 139 11.20 35.45 9.00
N ALA A 140 10.24 35.07 8.17
CA ALA A 140 9.38 36.00 7.43
C ALA A 140 10.16 36.96 6.52
N ASN A 141 11.29 36.48 5.98
CA ASN A 141 12.02 37.23 4.97
C ASN A 141 11.89 36.58 3.60
N HIS A 142 12.80 36.90 2.69
CA HIS A 142 12.84 36.25 1.38
C HIS A 142 14.17 35.53 1.19
N ILE A 143 14.78 35.07 2.28
CA ILE A 143 16.10 34.47 2.19
C ILE A 143 16.02 33.12 1.48
N SER A 144 16.99 32.86 0.62
CA SER A 144 17.03 31.63 -0.15
C SER A 144 18.42 31.01 -0.08
N TYR A 145 19.41 31.84 0.22
CA TYR A 145 20.78 31.37 0.35
C TYR A 145 21.29 31.59 1.76
N VAL A 146 21.95 30.57 2.31
CA VAL A 146 22.61 30.70 3.60
C VAL A 146 24.10 30.43 3.41
N PRO A 147 24.90 31.50 3.32
CA PRO A 147 26.34 31.34 3.14
C PRO A 147 26.97 30.62 4.32
N PRO A 148 27.82 29.61 4.05
CA PRO A 148 28.43 28.85 5.13
C PRO A 148 29.29 29.75 6.03
N SER A 149 29.32 29.43 7.32
CA SER A 149 30.05 30.21 8.30
C SER A 149 29.58 31.67 8.35
N CYS A 150 28.29 31.89 8.11
CA CYS A 150 27.67 33.17 8.40
C CYS A 150 27.32 33.16 9.88
N PHE A 151 27.30 31.96 10.44
CA PHE A 151 27.02 31.75 11.85
C PHE A 151 28.30 31.45 12.62
N SER A 152 29.44 31.64 11.98
CA SER A 152 30.73 31.33 12.58
C SER A 152 31.00 32.15 13.84
N GLY A 153 31.41 31.46 14.91
CA GLY A 153 31.78 32.12 16.15
C GLY A 153 30.61 32.52 17.03
N LEU A 154 29.44 31.94 16.77
CA LEU A 154 28.27 32.14 17.64
C LEU A 154 28.19 31.06 18.70
N HIS A 155 29.06 31.16 19.70
CA HIS A 155 29.22 30.10 20.71
C HIS A 155 28.02 29.95 21.64
N SER A 156 27.20 30.99 21.75
CA SER A 156 26.09 31.00 22.70
C SER A 156 24.71 30.74 22.10
N LEU A 157 24.66 30.54 20.78
CA LEU A 157 23.38 30.45 20.07
C LEU A 157 22.58 29.21 20.44
N ARG A 158 21.40 29.43 21.02
CA ARG A 158 20.51 28.34 21.43
C ARG A 158 19.27 28.21 20.54
N HIS A 159 18.77 29.34 20.05
CA HIS A 159 17.49 29.38 19.35
C HIS A 159 17.58 30.04 17.97
N LEU A 160 17.09 29.34 16.94
CA LEU A 160 17.17 29.88 15.57
C LEU A 160 15.85 29.79 14.78
N TRP A 161 15.41 30.94 14.28
CA TRP A 161 14.20 31.01 13.47
C TRP A 161 14.52 31.23 12.00
N LEU A 162 14.00 30.36 11.13
CA LEU A 162 14.13 30.54 9.70
C LEU A 162 12.89 30.08 8.94
N ASP A 163 11.73 30.36 9.51
CA ASP A 163 10.46 29.98 8.88
C ASP A 163 9.95 31.12 8.00
N ASP A 164 8.98 30.81 7.14
CA ASP A 164 8.38 31.80 6.24
C ASP A 164 9.45 32.42 5.34
N ASN A 165 10.39 31.58 4.91
CA ASN A 165 11.44 32.00 3.99
C ASN A 165 11.40 31.19 2.70
N ALA A 166 12.34 31.45 1.80
CA ALA A 166 12.37 30.78 0.50
C ALA A 166 13.55 29.81 0.39
N LEU A 167 13.84 29.10 1.48
CA LEU A 167 14.90 28.08 1.46
C LEU A 167 14.54 26.96 0.48
N THR A 168 15.55 26.26 -0.01
CA THR A 168 15.35 25.22 -1.00
C THR A 168 15.99 23.92 -0.53
N GLU A 169 17.07 24.04 0.21
CA GLU A 169 17.76 22.88 0.78
C GLU A 169 18.29 23.21 2.16
N ILE A 170 18.64 22.18 2.92
CA ILE A 170 19.25 22.38 4.22
C ILE A 170 20.66 22.94 4.08
N PRO A 171 20.92 24.12 4.64
CA PRO A 171 22.30 24.58 4.63
C PRO A 171 23.12 23.80 5.66
N VAL A 172 23.43 22.55 5.32
CA VAL A 172 24.10 21.63 6.23
C VAL A 172 25.47 22.17 6.63
N GLN A 173 26.16 22.76 5.66
CA GLN A 173 27.48 23.35 5.88
C GLN A 173 27.43 24.45 6.95
N ALA A 174 26.53 25.41 6.79
CA ALA A 174 26.40 26.52 7.72
C ALA A 174 26.02 26.05 9.12
N PHE A 175 25.20 25.00 9.19
CA PHE A 175 24.71 24.48 10.46
C PHE A 175 25.75 23.69 11.23
N ARG A 176 26.88 23.38 10.59
CA ARG A 176 27.85 22.47 11.16
C ARG A 176 28.55 23.08 12.37
N SER A 177 28.57 24.41 12.44
CA SER A 177 29.21 25.10 13.56
C SER A 177 28.30 25.22 14.78
N LEU A 178 26.99 25.24 14.54
CA LEU A 178 26.02 25.49 15.61
C LEU A 178 25.76 24.28 16.49
N SER A 179 26.75 23.89 17.29
CA SER A 179 26.64 22.75 18.18
C SER A 179 25.96 23.09 19.50
N ALA A 180 25.59 24.36 19.68
CA ALA A 180 24.97 24.79 20.92
C ALA A 180 23.47 25.02 20.74
N LEU A 181 23.02 24.94 19.50
CA LEU A 181 21.62 25.12 19.14
C LEU A 181 20.75 24.14 19.92
N GLN A 182 19.61 24.63 20.42
CA GLN A 182 18.67 23.77 21.12
C GLN A 182 17.31 23.72 20.43
N ALA A 183 17.02 24.74 19.62
CA ALA A 183 15.73 24.81 18.93
C ALA A 183 15.86 25.49 17.57
N MET A 184 15.21 24.92 16.56
CA MET A 184 15.30 25.48 15.21
C MET A 184 14.02 25.31 14.38
N THR A 185 13.67 26.35 13.63
CA THR A 185 12.50 26.26 12.76
C THR A 185 12.80 26.56 11.29
N LEU A 186 12.63 25.55 10.44
CA LEU A 186 12.78 25.72 9.01
C LEU A 186 11.43 25.50 8.31
N ALA A 187 10.36 25.82 9.02
CA ALA A 187 9.02 25.63 8.50
C ALA A 187 8.67 26.66 7.43
N LEU A 188 7.55 26.45 6.74
CA LEU A 188 7.07 27.36 5.69
C LEU A 188 8.16 27.80 4.72
N ASN A 189 8.98 26.85 4.29
CA ASN A 189 9.97 27.10 3.25
C ASN A 189 9.65 26.27 2.02
N LYS A 190 10.64 26.05 1.15
CA LYS A 190 10.42 25.28 -0.06
C LYS A 190 11.38 24.09 -0.12
N ILE A 191 11.81 23.64 1.05
CA ILE A 191 12.72 22.50 1.15
C ILE A 191 12.07 21.20 0.67
N HIS A 192 12.70 20.52 -0.27
CA HIS A 192 12.15 19.31 -0.85
C HIS A 192 12.91 18.03 -0.46
N HIS A 193 14.12 18.19 0.08
CA HIS A 193 14.94 17.03 0.39
C HIS A 193 15.88 17.24 1.58
N ILE A 194 16.08 16.17 2.35
CA ILE A 194 17.01 16.17 3.47
C ILE A 194 18.09 15.11 3.29
N PRO A 195 19.34 15.54 3.01
CA PRO A 195 20.48 14.62 2.87
C PRO A 195 20.82 13.88 4.17
N ASP A 196 21.56 12.79 4.09
CA ASP A 196 22.04 12.10 5.29
C ASP A 196 22.96 13.00 6.10
N TYR A 197 22.86 12.91 7.42
CA TYR A 197 23.66 13.73 8.34
C TYR A 197 23.54 15.23 8.06
N ALA A 198 22.37 15.66 7.61
CA ALA A 198 22.14 17.06 7.28
C ALA A 198 22.29 17.98 8.49
N PHE A 199 22.20 17.41 9.69
CA PHE A 199 22.33 18.17 10.93
C PHE A 199 23.37 17.55 11.87
N GLY A 200 24.51 17.14 11.30
CA GLY A 200 25.57 16.45 12.03
C GLY A 200 26.00 16.90 13.43
N ASN A 201 26.64 18.08 13.50
CA ASN A 201 27.30 18.54 14.72
C ASN A 201 26.32 19.02 15.78
N LEU A 202 25.04 19.11 15.42
CA LEU A 202 24.02 19.66 16.30
C LEU A 202 23.65 18.69 17.43
N SER A 203 24.62 18.33 18.25
CA SER A 203 24.42 17.38 19.35
C SER A 203 23.47 17.89 20.43
N SER A 204 23.42 19.21 20.60
CA SER A 204 22.63 19.82 21.67
C SER A 204 21.18 20.10 21.29
N LEU A 205 20.87 19.99 20.00
CA LEU A 205 19.53 20.31 19.50
C LEU A 205 18.45 19.44 20.12
N VAL A 206 17.36 20.08 20.53
CA VAL A 206 16.27 19.39 21.23
C VAL A 206 14.97 19.45 20.44
N VAL A 207 14.77 20.54 19.70
CA VAL A 207 13.50 20.81 19.05
C VAL A 207 13.68 21.19 17.59
N LEU A 208 13.15 20.36 16.69
CA LEU A 208 13.31 20.62 15.26
C LEU A 208 11.96 20.71 14.53
N HIS A 209 11.74 21.83 13.83
CA HIS A 209 10.47 22.07 13.17
C HIS A 209 10.62 22.23 11.66
N LEU A 210 10.13 21.25 10.92
CA LEU A 210 10.30 21.23 9.47
C LEU A 210 8.97 21.26 8.71
N HIS A 211 7.88 21.54 9.41
CA HIS A 211 6.54 21.44 8.81
C HIS A 211 6.31 22.47 7.69
N ASN A 212 5.20 22.30 6.98
CA ASN A 212 4.84 23.13 5.84
C ASN A 212 5.96 23.37 4.84
N ASN A 213 6.62 22.28 4.45
CA ASN A 213 7.63 22.33 3.40
C ASN A 213 7.18 21.49 2.21
N ARG A 214 8.05 21.31 1.23
CA ARG A 214 7.74 20.41 0.12
C ARG A 214 8.63 19.16 0.15
N ILE A 215 8.88 18.66 1.36
CA ILE A 215 9.76 17.51 1.57
C ILE A 215 9.18 16.25 0.97
N HIS A 216 9.84 15.74 -0.06
CA HIS A 216 9.36 14.55 -0.76
C HIS A 216 10.13 13.31 -0.33
N SER A 217 11.43 13.47 -0.10
CA SER A 217 12.27 12.35 0.33
C SER A 217 13.36 12.80 1.28
N LEU A 218 13.65 11.96 2.26
CA LEU A 218 14.69 12.22 3.24
C LEU A 218 15.52 10.96 3.48
N GLY A 219 16.82 11.14 3.66
CA GLY A 219 17.74 10.03 3.84
C GLY A 219 17.41 9.09 4.98
N LYS A 220 18.04 7.92 4.96
CA LYS A 220 17.81 6.91 5.98
C LYS A 220 18.59 7.27 7.24
N LYS A 221 19.58 8.14 7.08
CA LYS A 221 20.39 8.61 8.19
C LYS A 221 20.42 10.14 8.27
N CYS A 222 19.31 10.77 7.90
CA CYS A 222 19.29 12.23 7.75
C CYS A 222 19.21 12.96 9.09
N PHE A 223 18.88 12.24 10.16
CA PHE A 223 18.80 12.83 11.49
C PHE A 223 19.83 12.28 12.47
N ASP A 224 20.87 11.62 11.96
CA ASP A 224 21.75 10.81 12.81
C ASP A 224 22.59 11.61 13.80
N GLY A 225 22.74 12.90 13.53
CA GLY A 225 23.52 13.77 14.39
C GLY A 225 23.00 13.98 15.82
N LEU A 226 21.79 14.49 15.95
CA LEU A 226 21.30 15.05 17.21
C LEU A 226 20.78 14.01 18.19
N HIS A 227 21.59 13.68 19.18
CA HIS A 227 21.22 12.70 20.19
C HIS A 227 20.25 13.31 21.21
N SER A 228 20.29 14.63 21.33
CA SER A 228 19.49 15.33 22.33
C SER A 228 18.10 15.69 21.81
N LEU A 229 17.78 15.27 20.60
CA LEU A 229 16.49 15.63 20.00
C LEU A 229 15.35 14.94 20.72
N GLU A 230 14.35 15.74 21.10
CA GLU A 230 13.21 15.21 21.83
C GLU A 230 11.93 15.37 21.01
N THR A 231 11.85 16.44 20.21
CA THR A 231 10.67 16.67 19.38
C THR A 231 10.98 17.00 17.92
N LEU A 232 10.24 16.34 17.03
CA LEU A 232 10.46 16.43 15.60
C LEU A 232 9.14 16.69 14.87
N ASP A 233 9.08 17.76 14.10
CA ASP A 233 7.87 18.13 13.38
C ASP A 233 8.04 18.03 11.86
N LEU A 234 7.50 16.96 11.28
CA LEU A 234 7.55 16.77 9.83
C LEU A 234 6.19 16.98 9.18
N ASN A 235 5.23 17.47 9.98
CA ASN A 235 3.85 17.65 9.53
C ASN A 235 3.69 18.53 8.28
N TYR A 236 2.50 18.46 7.69
CA TYR A 236 2.14 19.29 6.55
C TYR A 236 3.18 19.24 5.43
N ASN A 237 3.55 18.04 5.02
CA ASN A 237 4.56 17.87 3.98
C ASN A 237 4.12 16.90 2.89
N ASN A 238 5.03 16.61 1.97
CA ASN A 238 4.72 15.74 0.84
C ASN A 238 5.51 14.43 0.84
N LEU A 239 5.69 13.86 2.03
CA LEU A 239 6.42 12.60 2.19
C LEU A 239 5.63 11.43 1.60
N ASP A 240 6.35 10.50 0.95
CA ASP A 240 5.70 9.32 0.37
C ASP A 240 5.85 8.09 1.28
N GLU A 241 6.88 8.09 2.12
CA GLU A 241 7.13 6.94 2.99
C GLU A 241 7.46 7.33 4.43
N PHE A 242 7.26 6.38 5.33
CA PHE A 242 7.68 6.49 6.73
C PHE A 242 9.13 6.93 6.86
N PRO A 243 9.38 7.89 7.77
CA PRO A 243 10.74 8.36 8.02
C PRO A 243 11.52 7.44 8.95
N THR A 244 12.29 6.52 8.37
CA THR A 244 13.02 5.53 9.16
C THR A 244 14.26 6.15 9.79
N ALA A 245 14.63 7.36 9.35
CA ALA A 245 15.74 8.09 9.95
C ALA A 245 15.54 8.23 11.46
N ILE A 246 14.27 8.26 11.86
CA ILE A 246 13.84 8.19 13.26
C ILE A 246 14.62 7.21 14.14
N ARG A 247 15.11 6.10 13.57
CA ARG A 247 15.75 5.03 14.35
C ARG A 247 16.80 5.50 15.36
N THR A 248 17.54 6.54 15.00
CA THR A 248 18.69 6.98 15.78
C THR A 248 18.35 7.92 16.93
N LEU A 249 17.12 8.44 16.93
CA LEU A 249 16.71 9.43 17.92
C LEU A 249 16.20 8.78 19.20
N SER A 250 17.11 8.28 20.03
CA SER A 250 16.75 7.53 21.22
C SER A 250 16.03 8.39 22.27
N ASN A 251 16.44 9.65 22.38
CA ASN A 251 15.85 10.54 23.38
C ASN A 251 14.60 11.27 22.87
N LEU A 252 14.13 10.88 21.69
CA LEU A 252 12.92 11.45 21.11
C LEU A 252 11.68 11.24 21.99
N LYS A 253 10.87 12.29 22.10
CA LYS A 253 9.70 12.25 22.96
C LYS A 253 8.42 12.50 22.17
N GLU A 254 8.43 13.55 21.36
CA GLU A 254 7.26 13.93 20.57
C GLU A 254 7.56 13.93 19.08
N LEU A 255 6.69 13.29 18.31
CA LEU A 255 6.93 13.07 16.88
C LEU A 255 5.68 13.35 16.06
N GLY A 256 5.81 14.19 15.05
CA GLY A 256 4.70 14.48 14.18
C GLY A 256 5.05 14.42 12.71
N PHE A 257 4.32 13.60 11.96
CA PHE A 257 4.45 13.58 10.50
C PHE A 257 3.09 13.44 9.82
N HIS A 258 2.10 14.16 10.34
CA HIS A 258 0.75 14.11 9.78
C HIS A 258 0.63 15.00 8.54
N SER A 259 -0.49 14.86 7.84
CA SER A 259 -0.78 15.64 6.63
C SER A 259 0.26 15.42 5.52
N ASN A 260 0.78 14.19 5.45
CA ASN A 260 1.65 13.81 4.34
C ASN A 260 0.94 12.86 3.37
N ASN A 261 1.73 12.12 2.59
CA ASN A 261 1.19 11.13 1.66
C ASN A 261 1.83 9.76 1.93
N ILE A 262 2.12 9.51 3.20
CA ILE A 262 2.75 8.26 3.63
C ILE A 262 1.76 7.09 3.53
N ARG A 263 2.27 5.90 3.25
CA ARG A 263 1.43 4.76 2.94
C ARG A 263 1.45 3.64 3.98
N SER A 264 2.52 3.56 4.78
CA SER A 264 2.64 2.46 5.73
C SER A 264 3.54 2.73 6.94
N ILE A 265 3.23 2.05 8.04
CA ILE A 265 4.13 2.01 9.19
C ILE A 265 4.79 0.63 9.23
N PRO A 266 6.13 0.59 9.12
CA PRO A 266 6.91 -0.66 9.06
C PRO A 266 7.01 -1.37 10.40
N GLU A 267 7.29 -2.68 10.36
CA GLU A 267 7.61 -3.45 11.55
C GLU A 267 8.77 -2.79 12.28
N LYS A 268 8.76 -2.84 13.61
CA LYS A 268 9.79 -2.19 14.43
C LYS A 268 10.03 -0.75 14.01
N ALA A 269 8.97 0.03 13.87
CA ALA A 269 9.10 1.39 13.38
C ALA A 269 9.65 2.31 14.46
N PHE A 270 9.22 2.10 15.70
CA PHE A 270 9.62 2.96 16.80
C PHE A 270 10.49 2.22 17.82
N VAL A 271 11.12 1.14 17.37
CA VAL A 271 12.06 0.38 18.20
C VAL A 271 13.20 1.26 18.72
N GLY A 272 13.64 2.21 17.89
CA GLY A 272 14.77 3.05 18.24
C GLY A 272 14.44 4.18 19.19
N ASN A 273 13.17 4.37 19.50
CA ASN A 273 12.75 5.51 20.30
C ASN A 273 11.76 5.18 21.42
N PRO A 274 12.22 4.43 22.45
CA PRO A 274 11.39 4.36 23.65
C PRO A 274 11.31 5.72 24.31
N SER A 275 10.51 5.84 25.37
CA SER A 275 10.24 7.13 25.99
C SER A 275 9.61 8.11 24.99
N LEU A 276 9.02 7.57 23.92
CA LEU A 276 8.13 8.35 23.06
C LEU A 276 6.81 8.54 23.80
N ILE A 277 6.21 9.72 23.68
CA ILE A 277 4.99 10.00 24.41
C ILE A 277 3.82 10.36 23.49
N THR A 278 4.05 11.28 22.54
CA THR A 278 3.00 11.66 21.60
C THR A 278 3.43 11.53 20.14
N ILE A 279 2.55 10.95 19.33
CA ILE A 279 2.80 10.69 17.92
C ILE A 279 1.62 11.12 17.06
N HIS A 280 1.87 11.91 16.03
CA HIS A 280 0.82 12.37 15.13
C HIS A 280 1.08 11.90 13.70
N PHE A 281 0.19 11.07 13.17
CA PHE A 281 0.29 10.65 11.78
C PHE A 281 -1.06 10.60 11.06
N TYR A 282 -2.02 11.36 11.55
CA TYR A 282 -3.31 11.47 10.87
C TYR A 282 -3.16 12.17 9.52
N ASP A 283 -4.26 12.27 8.77
CA ASP A 283 -4.26 12.79 7.41
C ASP A 283 -3.19 12.14 6.53
N ASN A 284 -2.75 10.96 6.91
CA ASN A 284 -1.93 10.11 6.06
C ASN A 284 -2.72 8.88 5.62
N PRO A 285 -2.73 8.59 4.31
CA PRO A 285 -3.44 7.42 3.82
C PRO A 285 -2.72 6.13 4.19
N ILE A 286 -2.68 5.84 5.49
CA ILE A 286 -2.00 4.65 6.00
C ILE A 286 -2.84 3.42 5.75
N GLN A 287 -2.28 2.44 5.05
CA GLN A 287 -3.03 1.24 4.74
C GLN A 287 -2.55 0.03 5.55
N PHE A 288 -1.24 -0.13 5.70
CA PHE A 288 -0.74 -1.20 6.54
C PHE A 288 0.07 -0.69 7.73
N VAL A 289 0.04 -1.45 8.81
CA VAL A 289 0.85 -1.20 9.99
C VAL A 289 1.43 -2.51 10.50
N GLY A 290 2.74 -2.55 10.73
CA GLY A 290 3.38 -3.73 11.27
C GLY A 290 2.82 -4.06 12.64
N ARG A 291 2.75 -5.35 12.97
CA ARG A 291 2.19 -5.77 14.25
C ARG A 291 3.10 -5.38 15.41
N SER A 292 4.40 -5.59 15.26
CA SER A 292 5.38 -5.23 16.28
C SER A 292 5.77 -3.75 16.22
N ALA A 293 5.18 -3.04 15.26
CA ALA A 293 5.55 -1.64 15.00
C ALA A 293 5.37 -0.72 16.19
N PHE A 294 4.42 -1.03 17.06
CA PHE A 294 4.17 -0.20 18.23
C PHE A 294 4.56 -0.91 19.52
N GLN A 295 5.61 -1.73 19.45
CA GLN A 295 6.11 -2.41 20.64
C GLN A 295 7.06 -1.53 21.44
N HIS A 296 7.11 -1.77 22.75
CA HIS A 296 8.05 -1.12 23.65
C HIS A 296 8.03 0.41 23.56
N LEU A 297 6.88 0.99 23.85
CA LEU A 297 6.76 2.42 24.06
C LEU A 297 5.93 2.61 25.32
N PRO A 298 6.54 2.34 26.49
CA PRO A 298 5.83 2.29 27.77
C PRO A 298 5.20 3.62 28.18
N GLU A 299 5.71 4.71 27.62
CA GLU A 299 5.20 6.03 27.96
C GLU A 299 4.16 6.51 26.95
N LEU A 300 3.89 5.70 25.94
CA LEU A 300 2.87 6.01 24.94
C LEU A 300 1.49 5.84 25.57
N ARG A 301 0.64 6.86 25.42
CA ARG A 301 -0.65 6.89 26.11
C ARG A 301 -1.84 6.66 25.20
N THR A 302 -1.70 7.02 23.92
CA THR A 302 -2.83 6.95 23.00
C THR A 302 -2.42 6.42 21.63
N LEU A 303 -3.27 5.56 21.06
CA LEU A 303 -3.02 5.00 19.73
C LEU A 303 -4.29 5.04 18.88
N THR A 304 -4.20 5.70 17.73
CA THR A 304 -5.35 5.87 16.85
C THR A 304 -5.00 5.48 15.42
N LEU A 305 -5.82 4.60 14.83
CA LEU A 305 -5.58 4.01 13.52
C LEU A 305 -6.85 3.95 12.69
N ASN A 306 -7.10 4.96 11.87
CA ASN A 306 -8.31 5.00 11.07
C ASN A 306 -8.08 4.58 9.62
N GLY A 307 -8.86 3.61 9.16
CA GLY A 307 -8.86 3.21 7.76
C GLY A 307 -7.61 2.49 7.30
N ALA A 308 -6.95 1.78 8.20
CA ALA A 308 -5.81 0.96 7.82
C ALA A 308 -6.33 -0.40 7.39
N SER A 309 -6.92 -0.43 6.19
CA SER A 309 -7.65 -1.59 5.68
C SER A 309 -6.90 -2.92 5.71
N GLN A 310 -5.59 -2.87 5.48
CA GLN A 310 -4.80 -4.08 5.28
C GLN A 310 -4.28 -4.70 6.57
N ILE A 311 -4.64 -4.12 7.71
CA ILE A 311 -4.33 -4.75 8.99
C ILE A 311 -5.25 -5.95 9.17
N THR A 312 -4.67 -7.13 9.33
CA THR A 312 -5.45 -8.35 9.42
C THR A 312 -5.32 -9.02 10.78
N GLU A 313 -4.27 -8.64 11.51
CA GLU A 313 -4.03 -9.22 12.82
C GLU A 313 -3.95 -8.09 13.85
N PHE A 314 -4.42 -8.35 15.07
CA PHE A 314 -4.27 -7.36 16.14
C PHE A 314 -2.79 -7.16 16.44
N PRO A 315 -2.38 -5.89 16.59
CA PRO A 315 -0.96 -5.57 16.76
C PRO A 315 -0.44 -5.95 18.14
N ASP A 316 0.84 -6.28 18.23
CA ASP A 316 1.46 -6.62 19.50
C ASP A 316 1.80 -5.34 20.26
N LEU A 317 1.51 -5.33 21.56
CA LEU A 317 1.78 -4.17 22.39
C LEU A 317 2.52 -4.59 23.65
N THR A 318 3.58 -5.37 23.47
CA THR A 318 4.43 -5.79 24.58
C THR A 318 5.31 -4.63 25.03
N GLY A 319 5.37 -4.39 26.33
CA GLY A 319 6.22 -3.34 26.88
C GLY A 319 5.67 -1.95 26.64
N THR A 320 4.41 -1.88 26.22
CA THR A 320 3.72 -0.61 26.05
C THR A 320 2.32 -0.75 26.67
N ALA A 321 2.30 -0.83 28.00
CA ALA A 321 1.08 -1.17 28.72
C ALA A 321 0.28 0.05 29.18
N ASN A 322 0.88 1.23 29.09
CA ASN A 322 0.23 2.43 29.62
C ASN A 322 -0.66 3.13 28.59
N LEU A 323 -1.11 2.39 27.59
CA LEU A 323 -2.11 2.92 26.65
C LEU A 323 -3.40 3.16 27.39
N GLU A 324 -3.99 4.33 27.17
CA GLU A 324 -5.24 4.70 27.83
C GLU A 324 -6.39 4.78 26.83
N SER A 325 -6.05 5.04 25.58
CA SER A 325 -7.05 5.09 24.52
C SER A 325 -6.57 4.37 23.28
N LEU A 326 -7.20 3.25 22.95
CA LEU A 326 -6.84 2.51 21.76
C LEU A 326 -8.03 2.43 20.80
N THR A 327 -7.86 3.06 19.63
CA THR A 327 -8.88 3.00 18.61
C THR A 327 -8.27 2.60 17.27
N LEU A 328 -8.86 1.61 16.62
CA LEU A 328 -8.36 1.07 15.36
C LEU A 328 -9.54 0.58 14.53
N THR A 329 -9.85 1.31 13.47
CA THR A 329 -11.08 1.09 12.71
C THR A 329 -10.82 0.96 11.21
N GLY A 330 -11.83 0.53 10.48
CA GLY A 330 -11.78 0.45 9.02
C GLY A 330 -10.77 -0.57 8.51
N ALA A 331 -10.55 -1.62 9.29
CA ALA A 331 -9.57 -2.64 8.94
C ALA A 331 -10.22 -4.02 8.80
N GLN A 332 -9.40 -5.06 8.88
CA GLN A 332 -9.86 -6.43 8.69
C GLN A 332 -9.49 -7.34 9.86
N ILE A 333 -9.47 -6.81 11.07
CA ILE A 333 -9.07 -7.60 12.23
C ILE A 333 -10.08 -8.71 12.51
N SER A 334 -9.60 -9.95 12.52
CA SER A 334 -10.47 -11.12 12.61
C SER A 334 -10.81 -11.49 14.05
N SER A 335 -9.84 -11.35 14.95
CA SER A 335 -10.03 -11.78 16.33
C SER A 335 -8.96 -11.18 17.25
N LEU A 336 -9.16 -11.33 18.55
CA LEU A 336 -8.26 -10.76 19.54
C LEU A 336 -7.58 -11.88 20.33
N PRO A 337 -6.30 -11.66 20.69
CA PRO A 337 -5.61 -12.52 21.64
C PRO A 337 -6.48 -12.78 22.87
N GLN A 338 -6.46 -14.01 23.35
CA GLN A 338 -7.36 -14.44 24.40
C GLN A 338 -7.02 -13.75 25.72
N THR A 339 -5.74 -13.42 25.88
CA THR A 339 -5.29 -12.61 27.00
C THR A 339 -4.88 -11.22 26.49
N VAL A 340 -5.72 -10.62 25.66
CA VAL A 340 -5.43 -9.29 25.12
C VAL A 340 -5.43 -8.19 26.19
N CYS A 341 -6.31 -8.33 27.18
CA CYS A 341 -6.42 -7.32 28.23
C CYS A 341 -5.19 -7.32 29.13
N ASN A 342 -4.54 -8.48 29.24
CA ASN A 342 -3.29 -8.61 29.98
C ASN A 342 -2.21 -7.66 29.46
N GLN A 343 -2.26 -7.36 28.16
CA GLN A 343 -1.33 -6.40 27.60
C GLN A 343 -1.84 -4.98 27.75
N LEU A 344 -3.11 -4.84 28.15
CA LEU A 344 -3.79 -3.55 28.14
C LEU A 344 -4.50 -3.17 29.44
N PRO A 345 -3.80 -3.24 30.59
CA PRO A 345 -4.42 -2.55 31.71
C PRO A 345 -4.18 -1.05 31.55
N ASN A 346 -4.77 -0.24 32.43
CA ASN A 346 -4.71 1.23 32.33
C ASN A 346 -5.50 1.78 31.14
N LEU A 347 -5.88 0.89 30.21
CA LEU A 347 -6.70 1.27 29.06
C LEU A 347 -8.07 1.74 29.52
N GLN A 348 -8.56 2.82 28.88
CA GLN A 348 -9.82 3.41 29.30
C GLN A 348 -10.88 3.38 28.20
N VAL A 349 -10.46 3.63 26.96
CA VAL A 349 -11.40 3.59 25.83
C VAL A 349 -10.86 2.65 24.75
N LEU A 350 -11.74 1.81 24.24
CA LEU A 350 -11.37 0.85 23.20
C LEU A 350 -12.39 0.92 22.06
N ASP A 351 -11.92 1.29 20.88
CA ASP A 351 -12.80 1.44 19.73
C ASP A 351 -12.32 0.60 18.55
N LEU A 352 -13.00 -0.51 18.29
CA LEU A 352 -12.63 -1.40 17.20
C LEU A 352 -13.76 -1.51 16.18
N SER A 353 -14.50 -0.42 15.99
CA SER A 353 -15.59 -0.38 15.05
C SER A 353 -15.11 -0.63 13.62
N TYR A 354 -16.02 -1.12 12.77
CA TYR A 354 -15.76 -1.33 11.35
C TYR A 354 -14.58 -2.27 11.11
N ASN A 355 -14.68 -3.47 11.69
CA ASN A 355 -13.72 -4.54 11.45
C ASN A 355 -14.46 -5.83 11.18
N LEU A 356 -13.77 -6.95 11.24
CA LEU A 356 -14.41 -8.25 11.08
C LEU A 356 -14.20 -9.13 12.30
N LEU A 357 -14.86 -8.79 13.40
CA LEU A 357 -14.70 -9.50 14.66
C LEU A 357 -15.87 -10.44 14.90
N GLU A 358 -15.56 -11.67 15.31
CA GLU A 358 -16.59 -12.69 15.48
C GLU A 358 -16.72 -13.12 16.94
N ASP A 359 -15.63 -13.62 17.51
CA ASP A 359 -15.61 -13.99 18.93
C ASP A 359 -14.95 -12.88 19.76
N LEU A 360 -15.28 -12.85 21.05
CA LEU A 360 -14.74 -11.82 21.93
C LEU A 360 -14.12 -12.44 23.19
N PRO A 361 -12.95 -11.93 23.60
CA PRO A 361 -12.27 -12.35 24.82
C PRO A 361 -12.97 -11.87 26.09
N SER A 362 -12.35 -12.11 27.24
CA SER A 362 -12.98 -11.88 28.54
C SER A 362 -13.22 -10.40 28.83
N PHE A 363 -12.26 -9.55 28.46
CA PHE A 363 -12.31 -8.11 28.73
C PHE A 363 -12.36 -7.75 30.23
N SER A 364 -12.46 -8.75 31.09
CA SER A 364 -12.57 -8.53 32.53
C SER A 364 -11.28 -7.94 33.11
N VAL A 365 -10.14 -8.38 32.57
CA VAL A 365 -8.84 -7.92 33.06
C VAL A 365 -8.65 -6.46 32.71
N CYS A 366 -9.28 -6.03 31.61
CA CYS A 366 -9.19 -4.63 31.19
C CYS A 366 -10.14 -3.76 31.98
N GLN A 367 -9.97 -3.77 33.30
CA GLN A 367 -10.63 -2.82 34.18
C GLN A 367 -10.10 -1.42 33.86
N LYS A 368 -10.69 -0.40 34.48
CA LYS A 368 -10.38 1.02 34.20
C LYS A 368 -10.98 1.43 32.84
N LEU A 369 -11.50 0.44 32.12
CA LEU A 369 -12.21 0.67 30.86
C LEU A 369 -13.48 1.47 31.07
N GLN A 370 -13.59 2.58 30.35
CA GLN A 370 -14.77 3.43 30.45
C GLN A 370 -15.64 3.40 29.20
N LYS A 371 -15.02 3.18 28.04
CA LYS A 371 -15.78 3.21 26.79
C LYS A 371 -15.40 2.08 25.85
N ILE A 372 -16.40 1.47 25.21
CA ILE A 372 -16.19 0.41 24.23
C ILE A 372 -17.09 0.59 23.01
N ASP A 373 -16.48 0.53 21.82
CA ASP A 373 -17.22 0.74 20.57
C ASP A 373 -16.89 -0.38 19.57
N LEU A 374 -17.84 -1.29 19.39
CA LEU A 374 -17.62 -2.48 18.57
C LEU A 374 -18.60 -2.60 17.41
N ARG A 375 -19.14 -1.46 16.95
CA ARG A 375 -20.13 -1.46 15.89
C ARG A 375 -19.57 -1.88 14.54
N HIS A 376 -20.47 -2.26 13.63
CA HIS A 376 -20.13 -2.73 12.30
C HIS A 376 -19.03 -3.80 12.30
N ASN A 377 -19.17 -4.76 13.21
CA ASN A 377 -18.38 -5.98 13.25
C ASN A 377 -19.29 -7.16 12.92
N GLU A 378 -18.74 -8.35 12.79
CA GLU A 378 -19.58 -9.52 12.56
C GLU A 378 -19.68 -10.40 13.82
N ILE A 379 -20.21 -9.83 14.90
CA ILE A 379 -20.31 -10.52 16.18
C ILE A 379 -21.65 -11.24 16.31
N TYR A 380 -21.61 -12.53 16.63
CA TYR A 380 -22.84 -13.33 16.67
C TYR A 380 -23.36 -13.65 18.08
N GLU A 381 -22.53 -13.50 19.10
CA GLU A 381 -22.91 -13.92 20.45
C GLU A 381 -22.18 -13.14 21.55
N ILE A 382 -22.87 -12.91 22.67
CA ILE A 382 -22.28 -12.24 23.81
C ILE A 382 -22.33 -13.16 25.03
N LYS A 383 -21.18 -13.70 25.41
CA LYS A 383 -21.10 -14.66 26.51
C LYS A 383 -21.21 -14.01 27.88
N VAL A 384 -20.98 -14.79 28.93
CA VAL A 384 -21.14 -14.31 30.31
C VAL A 384 -19.97 -13.45 30.78
N ASP A 385 -18.78 -14.04 30.74
CA ASP A 385 -17.59 -13.41 31.30
C ASP A 385 -17.05 -12.27 30.43
N THR A 386 -17.57 -12.16 29.22
CA THR A 386 -17.01 -11.23 28.22
C THR A 386 -17.11 -9.75 28.59
N PHE A 387 -17.87 -9.42 29.64
CA PHE A 387 -17.90 -8.05 30.14
C PHE A 387 -18.04 -7.96 31.66
N GLN A 388 -17.55 -8.97 32.36
CA GLN A 388 -17.66 -9.03 33.81
C GLN A 388 -16.66 -8.12 34.51
N GLN A 389 -17.11 -7.48 35.59
CA GLN A 389 -16.26 -6.65 36.45
C GLN A 389 -15.66 -5.44 35.73
N LEU A 390 -16.48 -4.78 34.92
CA LEU A 390 -16.07 -3.53 34.29
C LEU A 390 -16.75 -2.37 35.00
N LEU A 391 -16.29 -2.09 36.22
CA LEU A 391 -16.98 -1.20 37.15
C LEU A 391 -16.98 0.25 36.69
N SER A 392 -16.00 0.63 35.88
CA SER A 392 -15.89 2.00 35.39
C SER A 392 -16.54 2.20 34.03
N LEU A 393 -16.96 1.10 33.39
CA LEU A 393 -17.53 1.14 32.05
C LEU A 393 -18.83 1.94 32.00
N ARG A 394 -18.85 2.95 31.14
CA ARG A 394 -20.00 3.83 31.01
C ARG A 394 -20.74 3.68 29.68
N SER A 395 -20.00 3.47 28.59
CA SER A 395 -20.59 3.41 27.26
C SER A 395 -20.22 2.15 26.49
N LEU A 396 -21.24 1.44 25.99
CA LEU A 396 -21.02 0.24 25.20
C LEU A 396 -21.85 0.26 23.91
N ASN A 397 -21.17 0.24 22.77
CA ASN A 397 -21.85 0.22 21.48
C ASN A 397 -21.61 -1.09 20.74
N LEU A 398 -22.69 -1.83 20.49
CA LEU A 398 -22.62 -3.09 19.74
C LEU A 398 -23.49 -3.06 18.50
N ALA A 399 -23.79 -1.86 18.00
CA ALA A 399 -24.68 -1.69 16.86
C ALA A 399 -24.15 -2.36 15.60
N TRP A 400 -25.06 -2.63 14.66
CA TRP A 400 -24.73 -3.20 13.36
C TRP A 400 -23.81 -4.41 13.44
N ASN A 401 -24.13 -5.32 14.35
CA ASN A 401 -23.48 -6.62 14.44
C ASN A 401 -24.50 -7.68 14.05
N LYS A 402 -24.12 -8.95 14.12
CA LYS A 402 -25.07 -10.02 13.86
C LYS A 402 -25.35 -10.78 15.15
N ILE A 403 -25.59 -10.05 16.22
CA ILE A 403 -25.74 -10.64 17.55
C ILE A 403 -27.07 -11.37 17.71
N ALA A 404 -27.02 -12.71 17.64
CA ALA A 404 -28.23 -13.51 17.70
C ALA A 404 -28.73 -13.72 19.13
N ILE A 405 -27.82 -13.68 20.09
CA ILE A 405 -28.17 -14.06 21.46
C ILE A 405 -27.24 -13.39 22.49
N ILE A 406 -27.81 -13.05 23.65
CA ILE A 406 -27.04 -12.47 24.74
C ILE A 406 -27.31 -13.24 26.03
N HIS A 407 -26.25 -13.70 26.69
CA HIS A 407 -26.41 -14.31 28.00
C HIS A 407 -26.97 -13.26 28.96
N PRO A 408 -28.02 -13.64 29.72
CA PRO A 408 -28.75 -12.72 30.60
C PRO A 408 -27.86 -11.87 31.51
N ASN A 409 -26.91 -12.50 32.17
CA ASN A 409 -26.07 -11.81 33.15
C ASN A 409 -24.83 -11.14 32.56
N ALA A 410 -24.74 -11.11 31.23
CA ALA A 410 -23.63 -10.43 30.55
C ALA A 410 -23.44 -8.98 31.01
N PHE A 411 -24.53 -8.30 31.28
CA PHE A 411 -24.47 -6.89 31.68
C PHE A 411 -24.74 -6.72 33.18
N SER A 412 -24.76 -7.81 33.91
CA SER A 412 -25.09 -7.81 35.34
C SER A 412 -24.18 -6.94 36.22
N THR A 413 -22.90 -6.85 35.87
CA THR A 413 -21.91 -6.27 36.78
C THR A 413 -21.28 -4.99 36.22
N LEU A 414 -22.12 -4.12 35.68
CA LEU A 414 -21.65 -2.88 35.07
C LEU A 414 -22.37 -1.69 35.70
N PRO A 415 -22.05 -1.39 36.96
CA PRO A 415 -22.75 -0.37 37.76
C PRO A 415 -22.72 1.02 37.13
N SER A 416 -21.58 1.37 36.53
CA SER A 416 -21.40 2.71 35.97
C SER A 416 -21.97 2.85 34.56
N LEU A 417 -22.49 1.76 34.01
CA LEU A 417 -22.99 1.76 32.63
C LEU A 417 -24.15 2.72 32.48
N ILE A 418 -24.07 3.63 31.51
CA ILE A 418 -25.14 4.58 31.24
C ILE A 418 -25.57 4.60 29.77
N LYS A 419 -24.65 4.33 28.84
CA LYS A 419 -24.96 4.36 27.42
C LYS A 419 -24.87 2.97 26.78
N LEU A 420 -25.93 2.54 26.10
CA LEU A 420 -25.92 1.24 25.44
C LEU A 420 -26.60 1.27 24.06
N ASP A 421 -25.88 0.75 23.06
CA ASP A 421 -26.39 0.74 21.70
C ASP A 421 -26.34 -0.65 21.09
N LEU A 422 -27.52 -1.21 20.82
CA LEU A 422 -27.63 -2.54 20.23
C LEU A 422 -28.39 -2.53 18.91
N SER A 423 -28.42 -1.37 18.25
CA SER A 423 -29.13 -1.20 16.99
C SER A 423 -28.72 -2.20 15.89
N SER A 424 -29.69 -2.62 15.10
CA SER A 424 -29.45 -3.50 13.94
C SER A 424 -28.67 -4.76 14.29
N ASN A 425 -29.21 -5.57 15.20
CA ASN A 425 -28.51 -6.76 15.66
C ASN A 425 -29.21 -8.10 15.53
N LEU A 426 -30.42 -8.10 14.96
CA LEU A 426 -31.25 -9.31 14.88
C LEU A 426 -31.46 -9.94 16.25
N LEU A 427 -31.74 -9.11 17.25
CA LEU A 427 -32.12 -9.59 18.58
C LEU A 427 -33.63 -9.84 18.60
N SER A 428 -34.07 -10.73 19.47
CA SER A 428 -35.50 -10.98 19.62
C SER A 428 -35.96 -10.64 21.03
N SER A 429 -35.07 -10.84 21.99
CA SER A 429 -35.37 -10.56 23.39
C SER A 429 -34.24 -9.73 24.01
N PHE A 430 -34.41 -9.39 25.28
CA PHE A 430 -33.50 -8.44 25.92
C PHE A 430 -33.18 -8.85 27.36
N PRO A 431 -31.92 -8.65 27.78
CA PRO A 431 -31.50 -8.87 29.17
C PRO A 431 -31.60 -7.60 30.00
N ILE A 432 -32.64 -7.50 30.82
CA ILE A 432 -32.86 -6.32 31.67
C ILE A 432 -31.97 -6.37 32.90
N THR A 433 -31.54 -7.57 33.27
CA THR A 433 -30.76 -7.78 34.49
C THR A 433 -29.53 -6.88 34.55
N GLY A 434 -29.31 -6.30 35.72
CA GLY A 434 -28.29 -5.27 35.88
C GLY A 434 -28.71 -4.01 35.15
N LEU A 435 -27.72 -3.18 34.77
CA LEU A 435 -27.92 -2.10 33.79
C LEU A 435 -29.00 -1.09 34.19
N HIS A 436 -29.62 -1.31 35.35
CA HIS A 436 -30.67 -0.46 35.88
C HIS A 436 -30.29 1.02 35.84
N GLY A 437 -31.25 1.85 35.45
CA GLY A 437 -31.05 3.28 35.38
C GLY A 437 -29.84 3.70 34.55
N LEU A 438 -29.82 3.33 33.28
CA LEU A 438 -28.83 3.87 32.37
C LEU A 438 -29.43 5.05 31.62
N THR A 439 -28.58 5.85 30.97
CA THR A 439 -29.06 7.08 30.34
C THR A 439 -29.47 6.92 28.88
N HIS A 440 -28.71 6.15 28.10
CA HIS A 440 -28.96 6.01 26.67
C HIS A 440 -29.24 4.56 26.30
N LEU A 441 -30.27 4.34 25.48
CA LEU A 441 -30.59 2.98 25.04
C LEU A 441 -31.10 2.96 23.60
N LYS A 442 -30.40 2.22 22.74
CA LYS A 442 -30.70 2.23 21.32
C LYS A 442 -30.91 0.83 20.76
N LEU A 443 -32.12 0.52 20.32
CA LEU A 443 -32.46 -0.84 19.89
C LEU A 443 -33.07 -0.97 18.50
N THR A 444 -33.18 0.13 17.75
CA THR A 444 -33.75 0.09 16.40
C THR A 444 -33.09 -0.95 15.50
N GLY A 445 -33.87 -1.52 14.57
CA GLY A 445 -33.34 -2.48 13.64
C GLY A 445 -33.34 -3.92 14.14
N ASN A 446 -33.78 -4.11 15.37
CA ASN A 446 -34.00 -5.46 15.91
C ASN A 446 -35.45 -5.87 15.73
N HIS A 447 -35.83 -6.16 14.50
CA HIS A 447 -37.23 -6.37 14.13
C HIS A 447 -37.90 -7.50 14.90
N ALA A 448 -37.10 -8.44 15.41
CA ALA A 448 -37.62 -9.54 16.21
C ALA A 448 -37.85 -9.11 17.66
N LEU A 449 -37.45 -7.89 17.99
CA LEU A 449 -37.66 -7.35 19.33
C LEU A 449 -39.01 -6.65 19.36
N GLN A 450 -40.04 -7.34 19.85
CA GLN A 450 -41.40 -6.82 19.77
C GLN A 450 -42.05 -6.57 21.13
N SER A 451 -41.54 -7.17 22.19
CA SER A 451 -42.14 -7.02 23.50
C SER A 451 -41.97 -5.59 24.02
N LEU A 452 -42.75 -5.23 25.03
CA LEU A 452 -42.79 -3.86 25.53
C LEU A 452 -41.75 -3.64 26.62
N ILE A 453 -41.53 -2.38 26.98
CA ILE A 453 -40.55 -2.02 28.00
C ILE A 453 -41.10 -0.94 28.93
N SER A 454 -41.08 -1.26 30.23
CA SER A 454 -41.66 -0.39 31.25
C SER A 454 -40.79 0.82 31.58
N SER A 455 -41.43 1.92 31.97
CA SER A 455 -40.72 3.11 32.44
C SER A 455 -39.89 2.75 33.66
N GLU A 456 -40.48 2.00 34.59
CA GLU A 456 -39.72 1.39 35.68
C GLU A 456 -38.89 0.27 35.09
N ASN A 457 -37.81 -0.08 35.79
CA ASN A 457 -36.67 -0.87 35.29
C ASN A 457 -35.73 0.06 34.54
N PHE A 458 -36.12 1.32 34.43
CA PHE A 458 -35.40 2.26 33.57
C PHE A 458 -35.60 3.75 33.87
N PRO A 459 -35.47 4.16 35.15
CA PRO A 459 -35.43 5.63 35.31
C PRO A 459 -34.13 6.18 34.74
N GLU A 460 -34.10 7.49 34.46
CA GLU A 460 -32.92 8.22 33.99
C GLU A 460 -32.67 8.06 32.49
N LEU A 461 -33.55 7.36 31.78
CA LEU A 461 -33.42 7.28 30.33
C LEU A 461 -33.69 8.63 29.69
N LYS A 462 -32.66 9.25 29.15
CA LYS A 462 -32.85 10.53 28.48
C LYS A 462 -32.84 10.41 26.95
N VAL A 463 -32.26 9.33 26.42
CA VAL A 463 -32.30 9.09 24.98
C VAL A 463 -32.61 7.62 24.67
N ILE A 464 -33.65 7.42 23.85
CA ILE A 464 -34.10 6.08 23.45
C ILE A 464 -34.40 5.94 21.95
N GLU A 465 -33.95 4.83 21.39
CA GLU A 465 -34.35 4.44 20.05
C GLU A 465 -35.01 3.08 20.15
N MET A 466 -36.09 2.87 19.41
CA MET A 466 -36.86 1.65 19.55
C MET A 466 -37.36 1.16 18.21
N PRO A 467 -37.36 -0.17 18.01
CA PRO A 467 -37.76 -0.74 16.71
C PRO A 467 -39.23 -0.47 16.38
N TYR A 468 -40.07 -0.35 17.41
CA TYR A 468 -41.49 -0.12 17.20
C TYR A 468 -42.02 1.04 18.04
N ALA A 469 -42.78 1.91 17.39
CA ALA A 469 -43.37 3.11 18.01
C ALA A 469 -44.17 2.82 19.28
N TYR A 470 -44.95 1.74 19.25
CA TYR A 470 -45.79 1.40 20.40
C TYR A 470 -44.93 1.15 21.65
N GLN A 471 -43.71 0.66 21.46
CA GLN A 471 -42.78 0.49 22.56
C GLN A 471 -42.32 1.85 23.09
N CYS A 472 -42.23 2.81 22.19
CA CYS A 472 -41.88 4.19 22.56
C CYS A 472 -42.98 4.77 23.43
N CYS A 473 -44.22 4.60 22.98
CA CYS A 473 -45.39 5.07 23.72
C CYS A 473 -45.40 4.64 25.20
N ALA A 474 -44.88 3.44 25.46
CA ALA A 474 -44.79 2.90 26.83
C ALA A 474 -43.92 3.77 27.75
N PHE A 475 -43.24 4.76 27.18
CA PHE A 475 -42.46 5.69 27.97
C PHE A 475 -43.08 7.08 27.98
N GLY A 476 -44.26 7.22 27.40
CA GLY A 476 -44.96 8.49 27.41
C GLY A 476 -44.87 9.33 26.16
N VAL A 477 -44.15 8.83 25.15
CA VAL A 477 -43.99 9.56 23.89
C VAL A 477 -44.95 9.06 22.82
N CYS A 478 -45.80 9.96 22.34
CA CYS A 478 -46.86 9.71 21.34
C CYS A 478 -46.81 8.37 20.61
N PHE A 518 -43.93 28.47 43.31
CA PHE A 518 -44.80 27.31 43.28
C PHE A 518 -44.84 26.67 41.89
N LEU A 519 -45.44 27.38 40.94
CA LEU A 519 -45.64 26.87 39.57
C LEU A 519 -44.37 26.94 38.74
N LEU A 520 -43.43 27.75 39.22
CA LEU A 520 -42.21 28.02 38.47
C LEU A 520 -41.40 26.76 38.48
N ASP A 521 -41.52 26.00 39.56
CA ASP A 521 -40.91 24.69 39.70
C ASP A 521 -41.40 23.70 38.64
N PHE A 522 -42.68 23.82 38.25
CA PHE A 522 -43.18 23.07 37.09
C PHE A 522 -42.56 23.57 35.80
N GLU A 523 -42.48 24.88 35.67
CA GLU A 523 -41.90 25.44 34.45
C GLU A 523 -40.49 24.86 34.27
N GLU A 524 -39.71 24.85 35.33
CA GLU A 524 -38.38 24.23 35.32
C GLU A 524 -38.42 22.73 35.06
N ASP A 525 -39.39 22.08 35.68
CA ASP A 525 -39.59 20.63 35.57
C ASP A 525 -39.75 20.19 34.14
N LEU A 526 -40.38 21.05 33.35
CA LEU A 526 -40.51 20.81 31.93
C LEU A 526 -39.21 20.40 31.27
N LYS A 527 -38.10 21.03 31.63
CA LYS A 527 -36.81 20.67 31.05
C LYS A 527 -36.30 19.29 31.48
N ALA A 528 -36.35 18.98 32.76
CA ALA A 528 -35.82 17.70 33.23
C ALA A 528 -36.64 16.56 32.63
N LEU A 529 -37.93 16.83 32.40
CA LEU A 529 -38.81 15.86 31.74
C LEU A 529 -38.54 15.82 30.22
N HIS A 530 -38.18 16.98 29.69
CA HIS A 530 -38.05 17.24 28.26
C HIS A 530 -36.96 16.43 27.61
N SER A 531 -35.98 16.07 28.42
CA SER A 531 -34.81 15.36 27.96
C SER A 531 -35.15 14.05 27.25
N VAL A 532 -36.17 13.33 27.71
CA VAL A 532 -36.46 12.02 27.14
C VAL A 532 -36.83 12.11 25.65
N GLN A 533 -36.29 11.17 24.87
CA GLN A 533 -36.55 11.09 23.43
C GLN A 533 -36.72 9.63 23.06
N CYS A 534 -37.56 9.36 22.07
CA CYS A 534 -37.79 8.00 21.63
C CYS A 534 -38.12 7.95 20.14
N SER A 535 -37.21 7.42 19.33
CA SER A 535 -37.51 7.30 17.91
C SER A 535 -38.03 5.90 17.53
N PRO A 536 -38.88 5.84 16.49
CA PRO A 536 -39.29 4.57 15.90
C PRO A 536 -38.62 4.28 14.56
N GLY B 26 -85.12 -17.93 26.29
CA GLY B 26 -84.63 -18.10 24.93
C GLY B 26 -83.14 -17.80 24.83
N CYS B 27 -82.82 -16.52 24.92
CA CYS B 27 -81.44 -16.02 24.87
C CYS B 27 -80.57 -16.68 25.94
N PRO B 28 -79.81 -17.73 25.55
CA PRO B 28 -79.10 -18.71 26.39
C PRO B 28 -78.70 -18.18 27.75
N THR B 29 -79.67 -18.04 28.66
CA THR B 29 -79.53 -17.44 30.00
C THR B 29 -78.10 -17.20 30.52
N HIS B 30 -77.87 -15.96 31.00
CA HIS B 30 -76.54 -15.40 31.34
C HIS B 30 -75.92 -14.74 30.13
N CYS B 31 -76.44 -15.09 28.96
CA CYS B 31 -75.85 -14.65 27.71
C CYS B 31 -76.23 -13.21 27.38
N HIS B 32 -75.41 -12.57 26.57
CA HIS B 32 -75.69 -11.20 26.17
C HIS B 32 -76.09 -11.22 24.70
N CYS B 33 -77.37 -10.96 24.43
CA CYS B 33 -77.83 -10.98 23.06
C CYS B 33 -78.15 -9.57 22.57
N GLU B 34 -78.48 -9.46 21.29
CA GLU B 34 -78.68 -8.16 20.65
C GLU B 34 -79.20 -8.36 19.23
N PRO B 35 -79.83 -7.34 18.65
CA PRO B 35 -80.24 -7.57 17.28
C PRO B 35 -79.07 -7.35 16.31
N ASP B 36 -78.94 -8.24 15.33
CA ASP B 36 -77.80 -8.19 14.41
C ASP B 36 -78.15 -7.21 13.31
N GLY B 37 -78.67 -7.74 12.20
CA GLY B 37 -79.31 -6.93 11.20
C GLY B 37 -80.75 -6.91 11.65
N ARG B 38 -81.58 -6.13 10.98
CA ARG B 38 -82.98 -6.03 11.36
C ARG B 38 -83.57 -7.44 11.30
N MET B 39 -84.23 -7.86 12.39
CA MET B 39 -84.86 -9.18 12.56
C MET B 39 -83.94 -10.32 13.04
N LEU B 40 -82.63 -10.16 12.92
CA LEU B 40 -81.68 -11.21 13.32
C LEU B 40 -81.13 -11.11 14.74
N LEU B 41 -80.65 -12.24 15.27
CA LEU B 41 -80.22 -12.32 16.65
C LEU B 41 -78.72 -12.64 16.77
N ARG B 42 -78.05 -11.84 17.60
CA ARG B 42 -76.62 -11.94 17.88
C ARG B 42 -76.38 -12.36 19.32
N VAL B 43 -75.62 -13.43 19.51
CA VAL B 43 -75.46 -14.08 20.82
C VAL B 43 -74.02 -14.12 21.35
N ASP B 44 -73.78 -13.46 22.49
CA ASP B 44 -72.45 -13.45 23.12
C ASP B 44 -72.48 -14.23 24.44
N CYS B 45 -71.95 -15.45 24.39
CA CYS B 45 -71.77 -16.31 25.57
C CYS B 45 -70.29 -16.59 25.77
N SER B 46 -69.47 -15.55 25.72
CA SER B 46 -68.03 -15.76 25.69
C SER B 46 -67.46 -16.19 27.04
N ASP B 47 -66.66 -15.34 27.67
CA ASP B 47 -65.97 -15.71 28.90
C ASP B 47 -66.92 -16.01 30.07
N LEU B 48 -67.86 -16.93 29.86
CA LEU B 48 -68.78 -17.33 30.93
C LEU B 48 -68.33 -18.63 31.60
N GLY B 49 -67.24 -19.20 31.10
CA GLY B 49 -66.69 -20.42 31.68
C GLY B 49 -67.62 -21.61 31.71
N LEU B 50 -68.46 -21.73 30.68
CA LEU B 50 -69.49 -22.77 30.58
C LEU B 50 -68.89 -24.18 30.55
N SER B 51 -69.52 -25.14 31.22
CA SER B 51 -69.03 -26.52 31.10
C SER B 51 -69.38 -27.04 29.72
N GLU B 52 -70.60 -26.75 29.29
CA GLU B 52 -71.07 -27.05 27.93
C GLU B 52 -71.92 -25.87 27.50
N LEU B 53 -72.48 -25.90 26.30
CA LEU B 53 -73.29 -24.77 25.87
C LEU B 53 -74.73 -25.05 26.28
N PRO B 54 -75.55 -24.01 26.45
CA PRO B 54 -76.93 -24.14 26.94
C PRO B 54 -77.90 -24.93 26.06
N SER B 55 -79.18 -24.67 26.34
CA SER B 55 -80.31 -25.26 25.63
C SER B 55 -81.30 -24.11 25.34
N ASN B 56 -82.47 -24.46 24.81
CA ASN B 56 -83.35 -23.48 24.17
C ASN B 56 -82.51 -22.94 23.02
N LEU B 57 -82.06 -21.69 23.12
CA LEU B 57 -81.25 -21.08 22.07
C LEU B 57 -81.85 -21.36 20.69
N SER B 58 -82.99 -20.74 20.42
CA SER B 58 -83.74 -21.06 19.21
C SER B 58 -83.05 -20.52 17.97
N VAL B 59 -83.51 -20.99 16.82
CA VAL B 59 -83.14 -20.46 15.52
C VAL B 59 -83.47 -18.96 15.47
N PHE B 60 -82.86 -18.26 14.51
CA PHE B 60 -82.79 -16.79 14.34
C PHE B 60 -81.42 -16.26 14.77
N THR B 61 -80.61 -17.13 15.34
CA THR B 61 -79.23 -16.77 15.69
C THR B 61 -78.36 -16.62 14.44
N SER B 62 -77.76 -15.45 14.26
CA SER B 62 -76.86 -15.22 13.13
C SER B 62 -75.42 -15.04 13.59
N TYR B 63 -75.20 -15.12 14.90
CA TYR B 63 -73.86 -14.96 15.46
C TYR B 63 -73.80 -15.58 16.84
N LEU B 64 -72.86 -16.50 17.03
CA LEU B 64 -72.70 -17.20 18.29
C LEU B 64 -71.24 -17.14 18.74
N ASP B 65 -71.00 -16.45 19.85
CA ASP B 65 -69.66 -16.34 20.38
C ASP B 65 -69.48 -17.14 21.67
N LEU B 66 -68.75 -18.24 21.56
CA LEU B 66 -68.33 -19.01 22.73
C LEU B 66 -66.81 -19.06 22.79
N SER B 67 -66.21 -18.21 23.63
CA SER B 67 -64.76 -18.16 23.73
C SER B 67 -64.27 -18.16 25.17
N MET B 68 -63.18 -18.89 25.42
CA MET B 68 -62.61 -19.06 26.75
C MET B 68 -63.61 -19.74 27.68
N ASN B 69 -64.06 -20.94 27.32
CA ASN B 69 -65.16 -21.58 28.02
C ASN B 69 -64.99 -23.04 28.42
N ASN B 70 -63.76 -23.53 28.58
CA ASN B 70 -63.53 -24.87 29.14
C ASN B 70 -64.48 -25.94 28.53
N ILE B 71 -64.75 -25.83 27.23
CA ILE B 71 -65.73 -26.71 26.59
C ILE B 71 -65.06 -27.96 26.06
N SER B 72 -65.23 -29.07 26.78
CA SER B 72 -64.52 -30.29 26.44
C SER B 72 -65.02 -30.92 25.15
N GLN B 73 -66.34 -31.09 25.04
CA GLN B 73 -66.91 -31.84 23.93
C GLN B 73 -68.20 -31.23 23.44
N LEU B 74 -68.51 -31.44 22.16
CA LEU B 74 -69.75 -30.96 21.58
C LEU B 74 -70.53 -32.07 20.87
N LEU B 75 -71.67 -32.47 21.41
CA LEU B 75 -72.20 -31.95 22.68
C LEU B 75 -73.01 -33.01 23.43
N PRO B 76 -73.34 -32.73 24.70
CA PRO B 76 -74.50 -33.40 25.31
C PRO B 76 -75.76 -33.12 24.48
N ASN B 77 -76.03 -31.83 24.28
CA ASN B 77 -77.09 -31.41 23.37
C ASN B 77 -76.56 -30.41 22.36
N PRO B 78 -76.13 -30.90 21.18
CA PRO B 78 -75.72 -29.94 20.16
C PRO B 78 -76.94 -29.33 19.48
N LEU B 79 -76.80 -28.12 18.95
CA LEU B 79 -77.91 -27.48 18.27
C LEU B 79 -77.58 -27.09 16.84
N PRO B 80 -77.64 -28.07 15.92
CA PRO B 80 -77.73 -27.77 14.48
C PRO B 80 -79.13 -27.26 14.14
N SER B 81 -79.47 -27.29 12.86
CA SER B 81 -80.78 -26.85 12.37
C SER B 81 -80.94 -25.34 12.56
N LEU B 82 -79.87 -24.69 12.98
CA LEU B 82 -79.84 -23.24 13.06
C LEU B 82 -79.34 -22.71 11.72
N ARG B 83 -80.13 -22.98 10.68
CA ARG B 83 -79.76 -22.67 9.30
C ARG B 83 -79.50 -21.20 9.02
N PHE B 84 -79.77 -20.32 9.99
CA PHE B 84 -79.53 -18.89 9.82
C PHE B 84 -78.19 -18.43 10.41
N LEU B 85 -77.46 -19.34 11.03
CA LEU B 85 -76.20 -19.00 11.70
C LEU B 85 -75.15 -18.53 10.71
N GLU B 86 -74.73 -17.27 10.85
CA GLU B 86 -73.72 -16.69 9.96
C GLU B 86 -72.30 -16.91 10.47
N GLU B 87 -72.12 -16.85 11.79
CA GLU B 87 -70.78 -16.80 12.37
C GLU B 87 -70.69 -17.54 13.70
N LEU B 88 -69.78 -18.50 13.77
CA LEU B 88 -69.58 -19.26 15.00
C LEU B 88 -68.17 -19.05 15.55
N ARG B 89 -68.08 -18.60 16.79
CA ARG B 89 -66.78 -18.42 17.43
C ARG B 89 -66.60 -19.45 18.53
N LEU B 90 -65.49 -20.18 18.47
CA LEU B 90 -65.28 -21.32 19.36
C LEU B 90 -63.83 -21.41 19.86
N ALA B 91 -63.23 -20.27 20.17
CA ALA B 91 -61.83 -20.22 20.54
C ALA B 91 -61.59 -20.43 22.03
N GLY B 92 -60.41 -20.93 22.38
CA GLY B 92 -60.03 -21.10 23.77
C GLY B 92 -60.90 -22.07 24.53
N ASN B 93 -61.58 -22.96 23.82
CA ASN B 93 -62.52 -23.87 24.44
C ASN B 93 -61.98 -25.25 24.81
N ALA B 94 -60.74 -25.54 24.39
CA ALA B 94 -60.10 -26.83 24.67
C ALA B 94 -60.85 -28.02 24.07
N LEU B 95 -60.94 -28.05 22.74
CA LEU B 95 -61.54 -29.18 22.03
C LEU B 95 -60.45 -30.14 21.60
N THR B 96 -60.72 -31.45 21.66
CA THR B 96 -59.70 -32.44 21.33
C THR B 96 -59.98 -33.12 19.99
N TYR B 97 -61.22 -33.02 19.53
CA TYR B 97 -61.62 -33.63 18.26
C TYR B 97 -62.96 -33.02 17.83
N ILE B 98 -63.33 -33.24 16.57
CA ILE B 98 -64.63 -32.79 16.09
C ILE B 98 -65.39 -33.92 15.39
N PRO B 99 -66.57 -34.27 15.94
CA PRO B 99 -67.45 -35.27 15.32
C PRO B 99 -67.91 -34.83 13.93
N LYS B 100 -68.22 -35.80 13.09
CA LYS B 100 -68.38 -35.55 11.65
C LYS B 100 -69.70 -34.83 11.27
N GLY B 101 -70.75 -35.05 12.04
CA GLY B 101 -72.05 -34.46 11.74
C GLY B 101 -72.30 -33.17 12.48
N ALA B 102 -71.26 -32.64 13.13
CA ALA B 102 -71.39 -31.49 14.03
C ALA B 102 -72.00 -30.24 13.38
N PHE B 103 -71.64 -29.94 12.13
CA PHE B 103 -72.04 -28.68 11.53
C PHE B 103 -73.00 -28.83 10.35
N THR B 104 -73.73 -29.95 10.29
CA THR B 104 -74.51 -30.30 9.11
C THR B 104 -75.69 -29.36 8.87
N GLY B 105 -76.35 -28.92 9.96
CA GLY B 105 -77.51 -28.06 9.87
C GLY B 105 -77.27 -26.68 9.30
N LEU B 106 -76.05 -26.16 9.47
CA LEU B 106 -75.77 -24.74 9.27
C LEU B 106 -75.51 -24.42 7.80
N TYR B 107 -76.57 -24.04 7.08
CA TYR B 107 -76.45 -23.72 5.66
C TYR B 107 -76.01 -22.28 5.37
N SER B 108 -76.06 -21.42 6.38
CA SER B 108 -75.74 -20.01 6.19
C SER B 108 -74.38 -19.64 6.78
N LEU B 109 -73.67 -20.63 7.31
CA LEU B 109 -72.40 -20.41 7.99
C LEU B 109 -71.37 -19.82 7.05
N LYS B 110 -70.94 -18.59 7.32
CA LYS B 110 -69.90 -17.95 6.52
C LYS B 110 -68.53 -17.94 7.21
N VAL B 111 -68.51 -17.74 8.52
CA VAL B 111 -67.24 -17.64 9.24
C VAL B 111 -67.21 -18.51 10.49
N LEU B 112 -66.16 -19.33 10.59
CA LEU B 112 -66.00 -20.26 11.70
C LEU B 112 -64.64 -20.12 12.37
N MET B 113 -64.65 -20.03 13.70
CA MET B 113 -63.44 -19.74 14.47
C MET B 113 -63.11 -20.87 15.45
N LEU B 114 -61.95 -21.49 15.25
CA LEU B 114 -61.54 -22.64 16.06
C LEU B 114 -60.10 -22.55 16.55
N GLN B 115 -59.69 -21.36 16.99
CA GLN B 115 -58.30 -21.17 17.43
C GLN B 115 -58.11 -21.42 18.92
N ASN B 116 -56.86 -21.67 19.31
CA ASN B 116 -56.49 -21.87 20.70
C ASN B 116 -57.19 -23.08 21.31
N ASN B 117 -57.31 -24.13 20.51
CA ASN B 117 -57.84 -25.41 20.98
C ASN B 117 -56.78 -26.49 20.80
N GLN B 118 -57.00 -27.67 21.39
CA GLN B 118 -56.02 -28.74 21.30
C GLN B 118 -56.29 -29.76 20.20
N LEU B 119 -56.86 -29.30 19.09
CA LEU B 119 -56.98 -30.13 17.88
C LEU B 119 -55.60 -30.61 17.44
N ARG B 120 -55.51 -31.88 17.08
CA ARG B 120 -54.22 -32.47 16.71
C ARG B 120 -54.18 -32.82 15.22
N HIS B 121 -55.30 -32.59 14.54
CA HIS B 121 -55.37 -32.70 13.09
C HIS B 121 -56.66 -32.05 12.61
N VAL B 122 -56.70 -31.64 11.36
CA VAL B 122 -57.92 -31.08 10.79
C VAL B 122 -59.02 -32.14 10.82
N PRO B 123 -60.22 -31.75 11.29
CA PRO B 123 -61.39 -32.63 11.30
C PRO B 123 -61.57 -33.34 9.96
N THR B 124 -61.51 -34.68 9.98
CA THR B 124 -61.39 -35.48 8.78
C THR B 124 -62.55 -35.27 7.79
N GLU B 125 -63.76 -35.15 8.33
CA GLU B 125 -64.94 -34.96 7.49
C GLU B 125 -65.83 -33.83 7.99
N ALA B 126 -65.71 -33.52 9.27
CA ALA B 126 -66.61 -32.60 9.96
C ALA B 126 -66.81 -31.24 9.29
N LEU B 127 -65.82 -30.81 8.52
CA LEU B 127 -65.85 -29.48 7.90
C LEU B 127 -66.41 -29.47 6.47
N GLN B 128 -66.78 -30.65 5.97
CA GLN B 128 -67.13 -30.79 4.56
C GLN B 128 -68.50 -30.23 4.17
N ASN B 129 -68.55 -29.70 2.95
CA ASN B 129 -69.77 -29.22 2.32
C ASN B 129 -70.53 -28.14 3.09
N LEU B 130 -69.80 -27.31 3.81
CA LEU B 130 -70.35 -26.06 4.31
C LEU B 130 -70.28 -25.05 3.17
N ARG B 131 -71.22 -25.17 2.23
CA ARG B 131 -71.20 -24.44 0.96
C ARG B 131 -71.03 -22.92 1.09
N SER B 132 -71.53 -22.35 2.17
CA SER B 132 -71.50 -20.90 2.34
C SER B 132 -70.29 -20.41 3.14
N LEU B 133 -69.53 -21.35 3.70
CA LEU B 133 -68.38 -21.01 4.54
C LEU B 133 -67.33 -20.20 3.78
N GLN B 134 -67.00 -19.02 4.31
CA GLN B 134 -66.14 -18.08 3.60
C GLN B 134 -64.78 -17.90 4.30
N SER B 135 -64.77 -17.93 5.62
CA SER B 135 -63.53 -17.74 6.37
C SER B 135 -63.42 -18.71 7.55
N LEU B 136 -62.31 -19.43 7.62
CA LEU B 136 -62.11 -20.46 8.63
C LEU B 136 -60.77 -20.30 9.38
N ARG B 137 -60.85 -20.28 10.70
CA ARG B 137 -59.67 -20.08 11.55
C ARG B 137 -59.30 -21.33 12.34
N LEU B 138 -58.16 -21.93 12.00
CA LEU B 138 -57.66 -23.09 12.73
C LEU B 138 -56.24 -22.90 13.25
N ASP B 139 -55.92 -21.70 13.70
CA ASP B 139 -54.60 -21.41 14.24
C ASP B 139 -54.49 -21.72 15.74
N ALA B 140 -53.26 -21.69 16.25
CA ALA B 140 -52.98 -21.87 17.68
C ALA B 140 -53.47 -23.21 18.23
N ASN B 141 -53.45 -24.25 17.40
CA ASN B 141 -53.76 -25.58 17.87
C ASN B 141 -52.50 -26.46 17.93
N HIS B 142 -52.70 -27.77 17.96
CA HIS B 142 -51.59 -28.70 17.90
C HIS B 142 -51.68 -29.62 16.68
N ILE B 143 -52.31 -29.14 15.62
CA ILE B 143 -52.54 -29.98 14.46
C ILE B 143 -51.23 -30.26 13.72
N SER B 144 -51.08 -31.50 13.25
CA SER B 144 -49.87 -31.91 12.55
C SER B 144 -50.17 -32.66 11.26
N TYR B 145 -51.36 -33.23 11.18
CA TYR B 145 -51.79 -33.96 9.99
C TYR B 145 -53.00 -33.30 9.33
N VAL B 146 -52.96 -33.20 8.00
CA VAL B 146 -54.11 -32.71 7.25
C VAL B 146 -54.61 -33.78 6.28
N PRO B 147 -55.68 -34.49 6.66
CA PRO B 147 -56.26 -35.52 5.79
C PRO B 147 -56.83 -34.89 4.52
N PRO B 148 -56.51 -35.47 3.35
CA PRO B 148 -56.97 -34.93 2.07
C PRO B 148 -58.49 -34.93 1.95
N SER B 149 -59.01 -33.94 1.23
CA SER B 149 -60.45 -33.76 1.04
C SER B 149 -61.21 -33.62 2.36
N CYS B 150 -60.56 -33.01 3.35
CA CYS B 150 -61.25 -32.55 4.55
C CYS B 150 -61.90 -31.22 4.26
N PHE B 151 -61.45 -30.59 3.18
CA PHE B 151 -61.96 -29.30 2.74
C PHE B 151 -62.89 -29.47 1.54
N SER B 152 -63.27 -30.71 1.25
CA SER B 152 -64.10 -31.01 0.09
C SER B 152 -65.46 -30.32 0.14
N GLY B 153 -65.82 -29.66 -0.96
CA GLY B 153 -67.12 -29.03 -1.09
C GLY B 153 -67.27 -27.68 -0.41
N LEU B 154 -66.15 -27.06 -0.06
CA LEU B 154 -66.16 -25.71 0.48
C LEU B 154 -65.99 -24.69 -0.63
N HIS B 155 -67.04 -24.51 -1.42
CA HIS B 155 -66.98 -23.69 -2.64
C HIS B 155 -66.87 -22.19 -2.38
N SER B 156 -67.22 -21.74 -1.19
CA SER B 156 -67.23 -20.30 -0.88
C SER B 156 -66.02 -19.86 -0.05
N LEU B 157 -65.15 -20.80 0.28
CA LEU B 157 -64.04 -20.52 1.19
C LEU B 157 -63.02 -19.56 0.58
N ARG B 158 -62.87 -18.39 1.21
CA ARG B 158 -61.93 -17.39 0.72
C ARG B 158 -60.71 -17.20 1.65
N HIS B 159 -60.91 -17.37 2.94
CA HIS B 159 -59.89 -17.03 3.94
C HIS B 159 -59.56 -18.20 4.86
N LEU B 160 -58.28 -18.54 4.98
CA LEU B 160 -57.88 -19.69 5.81
C LEU B 160 -56.68 -19.44 6.74
N TRP B 161 -56.88 -19.69 8.03
CA TRP B 161 -55.84 -19.54 9.05
C TRP B 161 -55.32 -20.88 9.53
N LEU B 162 -54.01 -21.08 9.50
CA LEU B 162 -53.40 -22.30 10.04
C LEU B 162 -52.03 -22.06 10.68
N ASP B 163 -51.89 -20.96 11.42
CA ASP B 163 -50.63 -20.64 12.08
C ASP B 163 -50.53 -21.20 13.49
N ASP B 164 -49.32 -21.21 14.03
CA ASP B 164 -49.06 -21.66 15.40
C ASP B 164 -49.48 -23.13 15.55
N ASN B 165 -49.23 -23.91 14.51
CA ASN B 165 -49.52 -25.34 14.53
C ASN B 165 -48.25 -26.16 14.33
N ALA B 166 -48.40 -27.48 14.28
CA ALA B 166 -47.25 -28.38 14.14
C ALA B 166 -47.21 -29.08 12.78
N LEU B 167 -47.54 -28.35 11.71
CA LEU B 167 -47.45 -28.87 10.36
C LEU B 167 -46.01 -29.21 9.98
N THR B 168 -45.84 -30.09 9.00
CA THR B 168 -44.52 -30.56 8.62
C THR B 168 -44.25 -30.33 7.13
N GLU B 169 -45.31 -30.45 6.32
CA GLU B 169 -45.21 -30.20 4.89
C GLU B 169 -46.49 -29.59 4.36
N ILE B 170 -46.42 -29.03 3.15
CA ILE B 170 -47.60 -28.50 2.50
C ILE B 170 -48.55 -29.64 2.09
N PRO B 171 -49.77 -29.62 2.62
CA PRO B 171 -50.78 -30.60 2.21
C PRO B 171 -51.34 -30.27 0.83
N VAL B 172 -50.55 -30.59 -0.20
CA VAL B 172 -50.89 -30.23 -1.57
C VAL B 172 -52.20 -30.87 -2.03
N GLN B 173 -52.41 -32.12 -1.63
CA GLN B 173 -53.60 -32.88 -1.98
C GLN B 173 -54.87 -32.17 -1.49
N ALA B 174 -54.90 -31.87 -0.20
CA ALA B 174 -56.06 -31.22 0.43
C ALA B 174 -56.36 -29.85 -0.18
N PHE B 175 -55.30 -29.14 -0.58
CA PHE B 175 -55.44 -27.78 -1.09
C PHE B 175 -55.98 -27.71 -2.53
N ARG B 176 -56.03 -28.84 -3.22
CA ARG B 176 -56.38 -28.85 -4.64
C ARG B 176 -57.84 -28.49 -4.92
N SER B 177 -58.71 -28.69 -3.94
CA SER B 177 -60.13 -28.40 -4.11
C SER B 177 -60.43 -26.91 -3.92
N LEU B 178 -59.62 -26.24 -3.13
CA LEU B 178 -59.88 -24.85 -2.75
C LEU B 178 -59.47 -23.85 -3.82
N SER B 179 -60.20 -23.84 -4.94
CA SER B 179 -59.89 -22.92 -6.04
C SER B 179 -60.49 -21.53 -5.81
N ALA B 180 -61.18 -21.35 -4.69
CA ALA B 180 -61.82 -20.07 -4.37
C ALA B 180 -61.05 -19.30 -3.30
N LEU B 181 -60.05 -19.95 -2.71
CA LEU B 181 -59.22 -19.34 -1.67
C LEU B 181 -58.59 -18.04 -2.15
N GLN B 182 -58.57 -17.02 -1.29
CA GLN B 182 -57.95 -15.75 -1.63
C GLN B 182 -56.81 -15.39 -0.68
N ALA B 183 -56.84 -15.95 0.53
CA ALA B 183 -55.82 -15.65 1.54
C ALA B 183 -55.57 -16.84 2.46
N MET B 184 -54.30 -17.13 2.73
CA MET B 184 -53.96 -18.26 3.59
C MET B 184 -52.69 -18.00 4.40
N THR B 185 -52.71 -18.40 5.67
CA THR B 185 -51.52 -18.25 6.50
C THR B 185 -51.11 -19.56 7.17
N LEU B 186 -49.91 -20.03 6.82
CA LEU B 186 -49.35 -21.24 7.41
C LEU B 186 -48.13 -20.94 8.27
N ALA B 187 -48.12 -19.77 8.91
CA ALA B 187 -46.99 -19.32 9.70
C ALA B 187 -46.82 -20.11 10.99
N LEU B 188 -45.70 -19.86 11.68
CA LEU B 188 -45.37 -20.51 12.94
C LEU B 188 -45.61 -22.01 12.94
N ASN B 189 -45.18 -22.66 11.86
CA ASN B 189 -45.21 -24.12 11.80
C ASN B 189 -43.82 -24.71 11.69
N LYS B 190 -43.74 -25.95 11.24
CA LYS B 190 -42.45 -26.61 11.08
C LYS B 190 -42.23 -27.11 9.65
N ILE B 191 -42.87 -26.44 8.69
CA ILE B 191 -42.69 -26.75 7.28
C ILE B 191 -41.26 -26.47 6.81
N HIS B 192 -40.62 -27.48 6.23
CA HIS B 192 -39.23 -27.37 5.81
C HIS B 192 -39.02 -27.36 4.31
N HIS B 193 -40.05 -27.75 3.54
CA HIS B 193 -39.89 -27.87 2.09
C HIS B 193 -41.19 -27.59 1.34
N ILE B 194 -41.05 -26.96 0.16
CA ILE B 194 -42.18 -26.69 -0.72
C ILE B 194 -41.99 -27.36 -2.08
N PRO B 195 -42.79 -28.41 -2.36
CA PRO B 195 -42.78 -29.14 -3.63
C PRO B 195 -43.22 -28.26 -4.81
N ASP B 196 -42.91 -28.69 -6.02
CA ASP B 196 -43.40 -28.01 -7.22
C ASP B 196 -44.92 -28.09 -7.27
N TYR B 197 -45.55 -27.01 -7.72
CA TYR B 197 -47.01 -26.93 -7.81
C TYR B 197 -47.69 -27.24 -6.48
N ALA B 198 -47.03 -26.91 -5.37
CA ALA B 198 -47.55 -27.22 -4.05
C ALA B 198 -48.86 -26.51 -3.76
N PHE B 199 -49.12 -25.44 -4.50
CA PHE B 199 -50.38 -24.71 -4.37
C PHE B 199 -51.00 -24.57 -5.75
N GLY B 200 -50.91 -25.65 -6.53
CA GLY B 200 -51.36 -25.69 -7.92
C GLY B 200 -52.70 -25.05 -8.24
N ASN B 201 -53.77 -25.61 -7.70
CA ASN B 201 -55.12 -25.27 -8.11
C ASN B 201 -55.62 -23.92 -7.59
N LEU B 202 -54.87 -23.33 -6.67
CA LEU B 202 -55.29 -22.10 -6.02
C LEU B 202 -55.13 -20.86 -6.91
N SER B 203 -55.84 -20.85 -8.03
CA SER B 203 -55.74 -19.75 -8.99
C SER B 203 -56.23 -18.40 -8.45
N SER B 204 -57.16 -18.44 -7.50
CA SER B 204 -57.76 -17.22 -6.98
C SER B 204 -56.97 -16.62 -5.81
N LEU B 205 -56.02 -17.39 -5.29
CA LEU B 205 -55.24 -16.98 -4.12
C LEU B 205 -54.46 -15.68 -4.36
N VAL B 206 -54.52 -14.79 -3.39
CA VAL B 206 -53.92 -13.47 -3.52
C VAL B 206 -52.84 -13.24 -2.46
N VAL B 207 -53.02 -13.83 -1.29
CA VAL B 207 -52.16 -13.54 -0.13
C VAL B 207 -51.67 -14.80 0.54
N LEU B 208 -50.35 -15.00 0.57
CA LEU B 208 -49.77 -16.20 1.17
C LEU B 208 -48.76 -15.88 2.27
N HIS B 209 -48.98 -16.45 3.45
CA HIS B 209 -48.15 -16.16 4.61
C HIS B 209 -47.47 -17.43 5.14
N LEU B 210 -46.16 -17.52 4.94
CA LEU B 210 -45.41 -18.72 5.31
C LEU B 210 -44.32 -18.47 6.36
N HIS B 211 -44.32 -17.29 6.97
CA HIS B 211 -43.22 -16.90 7.85
C HIS B 211 -43.08 -17.76 9.10
N ASN B 212 -41.97 -17.59 9.81
CA ASN B 212 -41.63 -18.36 11.00
C ASN B 212 -41.78 -19.88 10.82
N ASN B 213 -41.24 -20.39 9.73
CA ASN B 213 -41.19 -21.83 9.46
C ASN B 213 -39.74 -22.30 9.40
N ARG B 214 -39.55 -23.55 8.99
CA ARG B 214 -38.20 -24.05 8.76
C ARG B 214 -37.92 -24.24 7.27
N ILE B 215 -38.42 -23.33 6.43
CA ILE B 215 -38.28 -23.52 4.99
C ILE B 215 -36.82 -23.44 4.55
N HIS B 216 -36.27 -24.60 4.18
CA HIS B 216 -34.85 -24.69 3.82
C HIS B 216 -34.65 -24.84 2.32
N SER B 217 -35.57 -25.53 1.66
CA SER B 217 -35.46 -25.76 0.22
C SER B 217 -36.83 -25.72 -0.44
N LEU B 218 -36.87 -25.15 -1.64
CA LEU B 218 -38.11 -25.06 -2.41
C LEU B 218 -37.91 -25.35 -3.89
N GLY B 219 -38.89 -26.02 -4.49
CA GLY B 219 -38.85 -26.38 -5.90
C GLY B 219 -38.70 -25.21 -6.85
N LYS B 220 -38.34 -25.51 -8.10
CA LYS B 220 -38.13 -24.47 -9.11
C LYS B 220 -39.46 -23.98 -9.67
N LYS B 221 -40.50 -24.78 -9.50
CA LYS B 221 -41.84 -24.46 -9.98
C LYS B 221 -42.84 -24.53 -8.84
N CYS B 222 -42.41 -24.15 -7.64
CA CYS B 222 -43.21 -24.36 -6.44
C CYS B 222 -44.33 -23.35 -6.24
N PHE B 223 -44.28 -22.24 -6.98
CA PHE B 223 -45.33 -21.23 -6.88
C PHE B 223 -46.12 -21.07 -8.17
N ASP B 224 -46.00 -22.03 -9.08
CA ASP B 224 -46.47 -21.85 -10.45
C ASP B 224 -48.00 -21.78 -10.56
N GLY B 225 -48.69 -22.29 -9.56
CA GLY B 225 -50.13 -22.28 -9.54
C GLY B 225 -50.81 -20.92 -9.51
N LEU B 226 -50.54 -20.14 -8.46
CA LEU B 226 -51.35 -18.96 -8.14
C LEU B 226 -50.98 -17.75 -8.98
N HIS B 227 -51.75 -17.50 -10.02
CA HIS B 227 -51.50 -16.37 -10.91
C HIS B 227 -51.99 -15.08 -10.26
N SER B 228 -52.94 -15.19 -9.35
CA SER B 228 -53.54 -14.04 -8.71
C SER B 228 -52.79 -13.60 -7.45
N LEU B 229 -51.68 -14.27 -7.17
CA LEU B 229 -50.92 -13.97 -5.95
C LEU B 229 -50.29 -12.59 -6.05
N GLU B 230 -50.51 -11.78 -5.02
CA GLU B 230 -50.00 -10.42 -5.01
C GLU B 230 -49.00 -10.22 -3.87
N THR B 231 -49.20 -10.92 -2.76
CA THR B 231 -48.29 -10.81 -1.62
C THR B 231 -47.80 -12.14 -1.08
N LEU B 232 -46.49 -12.21 -0.86
CA LEU B 232 -45.84 -13.45 -0.43
C LEU B 232 -44.92 -13.17 0.76
N ASP B 233 -45.16 -13.87 1.86
CA ASP B 233 -44.37 -13.68 3.06
C ASP B 233 -43.55 -14.92 3.40
N LEU B 234 -42.25 -14.85 3.10
CA LEU B 234 -41.33 -15.95 3.38
C LEU B 234 -40.39 -15.62 4.55
N ASN B 235 -40.67 -14.51 5.21
CA ASN B 235 -39.82 -14.01 6.29
C ASN B 235 -39.57 -15.00 7.43
N TYR B 236 -38.55 -14.70 8.23
CA TYR B 236 -38.21 -15.49 9.42
C TYR B 236 -38.11 -16.98 9.09
N ASN B 237 -37.33 -17.30 8.07
CA ASN B 237 -37.20 -18.68 7.60
C ASN B 237 -35.74 -19.09 7.47
N ASN B 238 -35.51 -20.30 6.97
CA ASN B 238 -34.16 -20.86 6.85
C ASN B 238 -33.71 -21.07 5.41
N LEU B 239 -34.06 -20.14 4.52
CA LEU B 239 -33.66 -20.25 3.12
C LEU B 239 -32.15 -20.02 2.92
N ASP B 240 -31.56 -20.83 2.05
CA ASP B 240 -30.14 -20.68 1.72
C ASP B 240 -29.95 -19.98 0.37
N GLU B 241 -30.96 -20.06 -0.48
CA GLU B 241 -30.86 -19.48 -1.83
C GLU B 241 -32.07 -18.64 -2.21
N PHE B 242 -31.84 -17.69 -3.12
CA PHE B 242 -32.91 -16.93 -3.74
C PHE B 242 -33.98 -17.82 -4.38
N PRO B 243 -35.26 -17.52 -4.13
CA PRO B 243 -36.39 -18.23 -4.74
C PRO B 243 -36.74 -17.71 -6.14
N THR B 244 -36.22 -18.36 -7.18
CA THR B 244 -36.44 -17.89 -8.53
C THR B 244 -37.82 -18.26 -9.07
N ALA B 245 -38.53 -19.13 -8.35
CA ALA B 245 -39.90 -19.50 -8.70
C ALA B 245 -40.77 -18.25 -8.81
N ILE B 246 -40.41 -17.24 -8.01
CA ILE B 246 -40.97 -15.90 -8.06
C ILE B 246 -41.28 -15.45 -9.48
N ARG B 247 -40.45 -15.89 -10.43
CA ARG B 247 -40.58 -15.52 -11.84
C ARG B 247 -41.99 -15.66 -12.39
N THR B 248 -42.71 -16.69 -11.93
CA THR B 248 -44.00 -17.01 -12.54
C THR B 248 -45.14 -16.15 -12.00
N LEU B 249 -44.90 -15.46 -10.89
CA LEU B 249 -45.93 -14.65 -10.25
C LEU B 249 -45.98 -13.24 -10.84
N SER B 250 -46.59 -13.09 -12.01
CA SER B 250 -46.57 -11.82 -12.72
C SER B 250 -47.31 -10.72 -11.97
N ASN B 251 -48.39 -11.09 -11.27
CA ASN B 251 -49.21 -10.13 -10.54
C ASN B 251 -48.74 -9.88 -9.11
N LEU B 252 -47.57 -10.43 -8.75
CA LEU B 252 -47.00 -10.20 -7.42
C LEU B 252 -46.74 -8.72 -7.17
N LYS B 253 -47.08 -8.28 -5.95
CA LYS B 253 -46.97 -6.87 -5.60
C LYS B 253 -46.02 -6.65 -4.42
N GLU B 254 -46.22 -7.43 -3.36
CA GLU B 254 -45.42 -7.29 -2.16
C GLU B 254 -44.72 -8.61 -1.82
N LEU B 255 -43.41 -8.52 -1.56
CA LEU B 255 -42.58 -9.70 -1.39
C LEU B 255 -41.66 -9.55 -0.19
N GLY B 256 -41.69 -10.53 0.71
CA GLY B 256 -40.82 -10.51 1.86
C GLY B 256 -40.13 -11.84 2.11
N PHE B 257 -38.80 -11.82 2.15
CA PHE B 257 -38.04 -12.99 2.55
C PHE B 257 -36.87 -12.61 3.45
N HIS B 258 -37.11 -11.69 4.38
CA HIS B 258 -36.08 -11.24 5.29
C HIS B 258 -35.87 -12.25 6.43
N SER B 259 -34.81 -12.06 7.19
CA SER B 259 -34.46 -12.92 8.32
C SER B 259 -34.23 -14.37 7.90
N ASN B 260 -33.68 -14.56 6.70
CA ASN B 260 -33.22 -15.86 6.25
C ASN B 260 -31.71 -15.96 6.27
N ASN B 261 -31.17 -16.91 5.53
CA ASN B 261 -29.72 -17.07 5.43
C ASN B 261 -29.25 -17.03 3.98
N ILE B 262 -29.94 -16.24 3.18
CA ILE B 262 -29.62 -16.08 1.75
C ILE B 262 -28.35 -15.25 1.58
N ARG B 263 -27.58 -15.54 0.53
CA ARG B 263 -26.27 -14.92 0.35
C ARG B 263 -26.17 -13.99 -0.86
N SER B 264 -27.05 -14.15 -1.85
CA SER B 264 -26.96 -13.32 -3.06
C SER B 264 -28.27 -13.18 -3.83
N ILE B 265 -28.40 -12.05 -4.53
CA ILE B 265 -29.48 -11.84 -5.48
C ILE B 265 -28.93 -11.94 -6.90
N PRO B 266 -29.46 -12.90 -7.69
CA PRO B 266 -28.99 -13.14 -9.06
C PRO B 266 -29.44 -12.08 -10.06
N GLU B 267 -28.73 -11.99 -11.19
CA GLU B 267 -29.13 -11.14 -12.31
C GLU B 267 -30.56 -11.45 -12.75
N LYS B 268 -31.28 -10.41 -13.17
CA LYS B 268 -32.68 -10.54 -13.59
C LYS B 268 -33.53 -11.33 -12.60
N ALA B 269 -33.45 -10.95 -11.33
CA ALA B 269 -34.14 -11.68 -10.29
C ALA B 269 -35.63 -11.40 -10.29
N PHE B 270 -35.99 -10.14 -10.55
CA PHE B 270 -37.38 -9.71 -10.51
C PHE B 270 -37.92 -9.31 -11.88
N VAL B 271 -37.28 -9.83 -12.93
CA VAL B 271 -37.74 -9.62 -14.30
C VAL B 271 -39.17 -10.12 -14.51
N GLY B 272 -39.51 -11.21 -13.83
CA GLY B 272 -40.81 -11.83 -14.00
C GLY B 272 -41.94 -11.15 -13.26
N ASN B 273 -41.61 -10.14 -12.46
CA ASN B 273 -42.61 -9.51 -11.61
C ASN B 273 -42.57 -7.98 -11.60
N PRO B 274 -42.90 -7.35 -12.73
CA PRO B 274 -43.14 -5.90 -12.66
C PRO B 274 -44.39 -5.63 -11.81
N SER B 275 -44.67 -4.35 -11.57
CA SER B 275 -45.74 -3.95 -10.64
C SER B 275 -45.48 -4.48 -9.23
N LEU B 276 -44.21 -4.80 -8.94
CA LEU B 276 -43.78 -5.02 -7.57
C LEU B 276 -43.66 -3.65 -6.90
N ILE B 277 -44.05 -3.57 -5.64
CA ILE B 277 -44.04 -2.27 -4.96
C ILE B 277 -43.15 -2.28 -3.72
N THR B 278 -43.29 -3.29 -2.87
CA THR B 278 -42.45 -3.39 -1.69
C THR B 278 -41.72 -4.74 -1.61
N ILE B 279 -40.42 -4.66 -1.32
CA ILE B 279 -39.56 -5.84 -1.25
C ILE B 279 -38.73 -5.78 0.04
N HIS B 280 -38.81 -6.84 0.83
CA HIS B 280 -38.09 -6.92 2.10
C HIS B 280 -37.11 -8.08 2.14
N PHE B 281 -35.82 -7.80 2.24
CA PHE B 281 -34.82 -8.87 2.34
C PHE B 281 -33.70 -8.62 3.34
N TYR B 282 -33.92 -7.73 4.31
CA TYR B 282 -32.92 -7.49 5.35
C TYR B 282 -32.68 -8.70 6.24
N ASP B 283 -31.75 -8.58 7.19
CA ASP B 283 -31.31 -9.69 8.02
C ASP B 283 -30.92 -10.93 7.22
N ASN B 284 -30.57 -10.70 5.95
CA ASN B 284 -29.94 -11.71 5.12
C ASN B 284 -28.49 -11.35 4.84
N PRO B 285 -27.57 -12.31 5.03
CA PRO B 285 -26.16 -12.03 4.74
C PRO B 285 -25.90 -11.94 3.24
N ILE B 286 -26.50 -10.96 2.59
CA ILE B 286 -26.37 -10.77 1.15
C ILE B 286 -25.03 -10.13 0.82
N GLN B 287 -24.25 -10.81 -0.02
CA GLN B 287 -22.93 -10.33 -0.38
C GLN B 287 -22.89 -9.79 -1.80
N PHE B 288 -23.54 -10.47 -2.73
CA PHE B 288 -23.59 -9.99 -4.11
C PHE B 288 -25.00 -9.65 -4.59
N VAL B 289 -25.07 -8.69 -5.50
CA VAL B 289 -26.32 -8.30 -6.15
C VAL B 289 -26.08 -8.06 -7.63
N GLY B 290 -26.90 -8.69 -8.47
CA GLY B 290 -26.82 -8.51 -9.91
C GLY B 290 -27.07 -7.07 -10.33
N ARG B 291 -26.43 -6.65 -11.42
CA ARG B 291 -26.58 -5.30 -11.92
C ARG B 291 -28.00 -5.06 -12.47
N SER B 292 -28.47 -5.98 -13.29
CA SER B 292 -29.81 -5.89 -13.88
C SER B 292 -30.88 -6.43 -12.95
N ALA B 293 -30.48 -6.87 -11.76
CA ALA B 293 -31.37 -7.56 -10.83
C ALA B 293 -32.59 -6.73 -10.42
N PHE B 294 -32.44 -5.41 -10.41
CA PHE B 294 -33.55 -4.53 -10.03
C PHE B 294 -34.06 -3.71 -11.21
N GLN B 295 -34.02 -4.29 -12.40
CA GLN B 295 -34.55 -3.66 -13.59
C GLN B 295 -36.05 -3.87 -13.76
N HIS B 296 -36.69 -2.94 -14.46
CA HIS B 296 -38.11 -3.03 -14.82
C HIS B 296 -39.02 -3.28 -13.62
N LEU B 297 -38.98 -2.35 -12.67
CA LEU B 297 -39.96 -2.31 -11.59
C LEU B 297 -40.42 -0.87 -11.44
N PRO B 298 -41.25 -0.40 -12.39
CA PRO B 298 -41.65 1.00 -12.46
C PRO B 298 -42.44 1.43 -11.22
N GLU B 299 -42.98 0.46 -10.51
CA GLU B 299 -43.80 0.75 -9.33
C GLU B 299 -42.98 0.68 -8.05
N LEU B 300 -41.70 0.29 -8.17
CA LEU B 300 -40.80 0.21 -7.02
C LEU B 300 -40.37 1.60 -6.55
N ARG B 301 -40.48 1.84 -5.25
CA ARG B 301 -40.26 3.18 -4.71
C ARG B 301 -38.97 3.34 -3.90
N THR B 302 -38.50 2.26 -3.27
CA THR B 302 -37.35 2.35 -2.38
C THR B 302 -36.39 1.17 -2.53
N LEU B 303 -35.08 1.46 -2.49
CA LEU B 303 -34.07 0.41 -2.57
C LEU B 303 -32.95 0.63 -1.55
N THR B 304 -32.75 -0.36 -0.68
CA THR B 304 -31.72 -0.28 0.36
C THR B 304 -30.87 -1.54 0.38
N LEU B 305 -29.55 -1.36 0.36
CA LEU B 305 -28.60 -2.46 0.21
C LEU B 305 -27.40 -2.29 1.14
N ASN B 306 -27.46 -2.89 2.32
CA ASN B 306 -26.38 -2.74 3.29
C ASN B 306 -25.42 -3.94 3.34
N GLY B 307 -24.13 -3.64 3.22
CA GLY B 307 -23.08 -4.62 3.42
C GLY B 307 -22.96 -5.68 2.35
N ALA B 308 -23.35 -5.34 1.12
CA ALA B 308 -23.18 -6.25 0.00
C ALA B 308 -21.78 -6.05 -0.59
N SER B 309 -20.78 -6.57 0.12
CA SER B 309 -19.36 -6.33 -0.16
C SER B 309 -18.96 -6.60 -1.61
N GLN B 310 -19.62 -7.56 -2.24
CA GLN B 310 -19.20 -8.07 -3.54
C GLN B 310 -19.76 -7.24 -4.69
N ILE B 311 -20.53 -6.22 -4.37
CA ILE B 311 -20.97 -5.27 -5.39
C ILE B 311 -19.83 -4.35 -5.80
N THR B 312 -19.51 -4.36 -7.09
CA THR B 312 -18.40 -3.58 -7.61
C THR B 312 -18.89 -2.51 -8.57
N GLU B 313 -20.11 -2.69 -9.08
CA GLU B 313 -20.69 -1.75 -10.02
C GLU B 313 -22.06 -1.22 -9.57
N PHE B 314 -22.34 0.02 -9.93
CA PHE B 314 -23.66 0.60 -9.72
C PHE B 314 -24.69 -0.18 -10.53
N PRO B 315 -25.83 -0.52 -9.91
CA PRO B 315 -26.82 -1.36 -10.59
C PRO B 315 -27.57 -0.60 -11.68
N ASP B 316 -28.01 -1.32 -12.71
CA ASP B 316 -28.81 -0.71 -13.77
C ASP B 316 -30.24 -0.61 -13.28
N LEU B 317 -30.88 0.53 -13.55
CA LEU B 317 -32.24 0.77 -13.11
C LEU B 317 -33.10 1.24 -14.28
N THR B 318 -32.99 0.54 -15.40
CA THR B 318 -33.79 0.85 -16.59
C THR B 318 -35.23 0.40 -16.40
N GLY B 319 -36.17 1.28 -16.74
CA GLY B 319 -37.59 0.98 -16.64
C GLY B 319 -38.08 0.97 -15.19
N THR B 320 -37.23 1.46 -14.30
CA THR B 320 -37.59 1.64 -12.89
C THR B 320 -37.10 2.99 -12.42
N ALA B 321 -37.75 4.05 -12.91
CA ALA B 321 -37.29 5.41 -12.70
C ALA B 321 -37.93 6.06 -11.48
N ASN B 322 -38.95 5.41 -10.92
CA ASN B 322 -39.74 6.00 -9.85
C ASN B 322 -39.18 5.73 -8.45
N LEU B 323 -37.89 5.43 -8.37
CA LEU B 323 -37.22 5.32 -7.08
C LEU B 323 -37.18 6.67 -6.37
N GLU B 324 -37.50 6.68 -5.08
CA GLU B 324 -37.49 7.92 -4.31
C GLU B 324 -36.37 7.91 -3.29
N SER B 325 -35.95 6.72 -2.86
CA SER B 325 -34.86 6.59 -1.91
C SER B 325 -33.92 5.44 -2.29
N LEU B 326 -32.69 5.78 -2.63
CA LEU B 326 -31.68 4.79 -2.96
C LEU B 326 -30.50 4.85 -2.01
N THR B 327 -30.32 3.78 -1.24
CA THR B 327 -29.19 3.66 -0.34
C THR B 327 -28.47 2.34 -0.60
N LEU B 328 -27.16 2.41 -0.78
CA LEU B 328 -26.36 1.24 -1.10
C LEU B 328 -24.96 1.42 -0.51
N THR B 329 -24.66 0.67 0.55
CA THR B 329 -23.45 0.89 1.33
C THR B 329 -22.65 -0.39 1.55
N GLY B 330 -21.44 -0.21 2.07
CA GLY B 330 -20.59 -1.33 2.45
C GLY B 330 -20.12 -2.19 1.31
N ALA B 331 -19.97 -1.58 0.13
CA ALA B 331 -19.56 -2.32 -1.06
C ALA B 331 -18.24 -1.80 -1.62
N GLN B 332 -17.98 -2.10 -2.89
CA GLN B 332 -16.74 -1.73 -3.55
C GLN B 332 -16.99 -0.92 -4.82
N ILE B 333 -18.06 -0.12 -4.82
CA ILE B 333 -18.40 0.65 -6.01
C ILE B 333 -17.34 1.68 -6.32
N SER B 334 -16.77 1.59 -7.52
CA SER B 334 -15.62 2.40 -7.90
C SER B 334 -16.03 3.75 -8.48
N SER B 335 -17.10 3.77 -9.26
CA SER B 335 -17.52 4.99 -9.95
C SER B 335 -18.95 4.91 -10.47
N LEU B 336 -19.47 6.07 -10.90
CA LEU B 336 -20.82 6.17 -11.41
C LEU B 336 -20.80 6.59 -12.87
N PRO B 337 -21.70 6.01 -13.70
CA PRO B 337 -21.98 6.51 -15.04
C PRO B 337 -22.21 8.02 -15.03
N GLN B 338 -21.77 8.69 -16.09
CA GLN B 338 -21.74 10.15 -16.11
C GLN B 338 -23.15 10.75 -16.08
N THR B 339 -24.10 10.03 -16.66
CA THR B 339 -25.50 10.42 -16.62
C THR B 339 -26.37 9.48 -15.77
N VAL B 340 -25.94 9.18 -14.54
CA VAL B 340 -26.70 8.32 -13.64
C VAL B 340 -28.03 8.98 -13.27
N CYS B 341 -27.99 10.29 -13.13
CA CYS B 341 -29.15 11.05 -12.68
C CYS B 341 -30.31 11.01 -13.68
N ASN B 342 -30.00 10.87 -14.97
CA ASN B 342 -31.05 10.68 -15.97
C ASN B 342 -31.90 9.46 -15.68
N GLN B 343 -31.31 8.46 -15.04
CA GLN B 343 -32.07 7.28 -14.63
C GLN B 343 -32.79 7.53 -13.32
N LEU B 344 -32.52 8.67 -12.69
CA LEU B 344 -33.02 8.90 -11.33
C LEU B 344 -33.74 10.22 -11.09
N PRO B 345 -34.72 10.56 -11.94
CA PRO B 345 -35.58 11.63 -11.41
C PRO B 345 -36.52 11.02 -10.40
N ASN B 346 -37.30 11.86 -9.71
CA ASN B 346 -38.17 11.42 -8.61
C ASN B 346 -37.37 10.95 -7.38
N LEU B 347 -36.08 10.69 -7.57
CA LEU B 347 -35.20 10.31 -6.46
C LEU B 347 -35.07 11.49 -5.52
N GLN B 348 -35.14 11.21 -4.22
CA GLN B 348 -35.12 12.25 -3.22
C GLN B 348 -33.96 12.06 -2.26
N VAL B 349 -33.64 10.80 -1.97
CA VAL B 349 -32.56 10.48 -1.05
C VAL B 349 -31.52 9.55 -1.69
N LEU B 350 -30.25 9.93 -1.54
CA LEU B 350 -29.15 9.14 -2.08
C LEU B 350 -28.10 8.89 -1.01
N ASP B 351 -27.89 7.63 -0.66
CA ASP B 351 -26.91 7.29 0.36
C ASP B 351 -25.92 6.27 -0.18
N LEU B 352 -24.71 6.73 -0.52
CA LEU B 352 -23.69 5.84 -1.06
C LEU B 352 -22.47 5.78 -0.16
N SER B 353 -22.70 5.91 1.14
CA SER B 353 -21.61 5.88 2.12
C SER B 353 -20.88 4.55 2.12
N TYR B 354 -19.62 4.58 2.56
CA TYR B 354 -18.79 3.39 2.74
C TYR B 354 -18.62 2.59 1.45
N ASN B 355 -18.13 3.28 0.43
CA ASN B 355 -17.76 2.65 -0.83
C ASN B 355 -16.40 3.17 -1.26
N LEU B 356 -16.04 2.95 -2.53
CA LEU B 356 -14.77 3.46 -3.04
C LEU B 356 -14.97 4.41 -4.22
N LEU B 357 -15.52 5.59 -3.95
CA LEU B 357 -15.83 6.56 -5.00
C LEU B 357 -14.78 7.66 -5.05
N GLU B 358 -14.32 8.01 -6.26
CA GLU B 358 -13.29 9.03 -6.41
C GLU B 358 -13.78 10.26 -7.17
N ASP B 359 -14.24 10.06 -8.40
CA ASP B 359 -14.81 11.15 -9.19
C ASP B 359 -16.33 11.13 -9.10
N LEU B 360 -16.96 12.29 -9.33
CA LEU B 360 -18.41 12.41 -9.22
C LEU B 360 -19.04 13.03 -10.46
N PRO B 361 -20.19 12.49 -10.90
CA PRO B 361 -20.96 13.02 -12.03
C PRO B 361 -21.64 14.35 -11.71
N SER B 362 -22.46 14.83 -12.64
CA SER B 362 -23.04 16.17 -12.55
C SER B 362 -24.05 16.31 -11.42
N PHE B 363 -24.88 15.28 -11.23
CA PHE B 363 -25.95 15.28 -10.23
C PHE B 363 -27.00 16.37 -10.43
N SER B 364 -26.78 17.27 -11.38
CA SER B 364 -27.70 18.38 -11.63
C SER B 364 -29.04 17.89 -12.13
N VAL B 365 -29.03 16.81 -12.90
CA VAL B 365 -30.24 16.25 -13.48
C VAL B 365 -31.13 15.65 -12.39
N CYS B 366 -30.49 15.20 -11.31
CA CYS B 366 -31.23 14.60 -10.20
C CYS B 366 -31.86 15.63 -9.29
N GLN B 367 -32.74 16.46 -9.85
CA GLN B 367 -33.57 17.33 -9.03
C GLN B 367 -34.53 16.48 -8.21
N LYS B 368 -35.25 17.12 -7.29
CA LYS B 368 -36.10 16.46 -6.29
C LYS B 368 -35.24 15.79 -5.21
N LEU B 369 -33.93 15.74 -5.43
CA LEU B 369 -32.98 15.26 -4.43
C LEU B 369 -32.97 16.19 -3.21
N GLN B 370 -33.23 15.62 -2.04
CA GLN B 370 -33.22 16.39 -0.80
C GLN B 370 -32.05 15.99 0.10
N LYS B 371 -31.61 14.74 -0.03
CA LYS B 371 -30.54 14.22 0.81
C LYS B 371 -29.44 13.49 0.03
N ILE B 372 -28.19 13.75 0.42
CA ILE B 372 -27.04 13.05 -0.15
C ILE B 372 -26.03 12.71 0.96
N ASP B 373 -25.62 11.44 1.00
CA ASP B 373 -24.70 10.95 2.02
C ASP B 373 -23.57 10.18 1.36
N LEU B 374 -22.40 10.80 1.30
CA LEU B 374 -21.26 10.23 0.58
C LEU B 374 -20.04 10.03 1.47
N ARG B 375 -20.28 9.84 2.77
CA ARG B 375 -19.18 9.71 3.73
C ARG B 375 -18.40 8.41 3.53
N HIS B 376 -17.18 8.38 4.07
CA HIS B 376 -16.26 7.26 3.93
C HIS B 376 -16.14 6.74 2.52
N ASN B 377 -16.00 7.68 1.58
CA ASN B 377 -15.61 7.37 0.22
C ASN B 377 -14.22 7.95 0.02
N GLU B 378 -13.58 7.66 -1.11
CA GLU B 378 -12.26 8.22 -1.37
C GLU B 378 -12.31 9.33 -2.42
N ILE B 379 -13.05 10.39 -2.12
CA ILE B 379 -13.25 11.49 -3.05
C ILE B 379 -12.20 12.57 -2.84
N TYR B 380 -11.51 12.97 -3.90
CA TYR B 380 -10.44 13.95 -3.78
C TYR B 380 -10.83 15.33 -4.30
N GLU B 381 -11.95 15.44 -5.02
CA GLU B 381 -12.29 16.69 -5.68
C GLU B 381 -13.79 16.91 -5.87
N ILE B 382 -14.22 18.16 -5.74
CA ILE B 382 -15.60 18.57 -5.97
C ILE B 382 -15.65 19.65 -7.04
N LYS B 383 -16.14 19.29 -8.22
CA LYS B 383 -16.17 20.19 -9.37
C LYS B 383 -17.24 21.26 -9.24
N VAL B 384 -17.43 22.04 -10.30
CA VAL B 384 -18.40 23.13 -10.28
C VAL B 384 -19.81 22.60 -10.46
N ASP B 385 -20.01 21.90 -11.57
CA ASP B 385 -21.31 21.43 -11.99
C ASP B 385 -21.82 20.24 -11.17
N THR B 386 -20.95 19.64 -10.38
CA THR B 386 -21.25 18.39 -9.68
C THR B 386 -22.38 18.50 -8.65
N PHE B 387 -22.79 19.73 -8.33
CA PHE B 387 -23.95 19.93 -7.46
C PHE B 387 -24.79 21.15 -7.86
N GLN B 388 -24.76 21.49 -9.14
CA GLN B 388 -25.49 22.66 -9.63
C GLN B 388 -27.00 22.43 -9.76
N GLN B 389 -27.76 23.45 -9.37
CA GLN B 389 -29.21 23.48 -9.55
C GLN B 389 -29.93 22.34 -8.84
N LEU B 390 -29.52 22.06 -7.62
CA LEU B 390 -30.20 21.10 -6.78
C LEU B 390 -31.02 21.86 -5.75
N LEU B 391 -32.11 22.46 -6.24
CA LEU B 391 -32.89 23.43 -5.48
C LEU B 391 -33.58 22.81 -4.28
N SER B 392 -33.80 21.50 -4.31
CA SER B 392 -34.46 20.81 -3.21
C SER B 392 -33.48 20.21 -2.21
N LEU B 393 -32.19 20.25 -2.54
CA LEU B 393 -31.16 19.65 -1.68
C LEU B 393 -31.05 20.37 -0.34
N ARG B 394 -31.24 19.61 0.74
CA ARG B 394 -31.19 20.16 2.09
C ARG B 394 -29.99 19.65 2.89
N SER B 395 -29.65 18.37 2.69
CA SER B 395 -28.59 17.76 3.48
C SER B 395 -27.50 17.13 2.62
N LEU B 396 -26.25 17.53 2.89
CA LEU B 396 -25.11 16.98 2.17
C LEU B 396 -24.02 16.53 3.14
N ASN B 397 -23.70 15.24 3.13
CA ASN B 397 -22.65 14.71 3.97
C ASN B 397 -21.48 14.19 3.13
N LEU B 398 -20.32 14.82 3.29
CA LEU B 398 -19.12 14.42 2.58
C LEU B 398 -17.99 14.08 3.54
N ALA B 399 -18.35 13.72 4.78
CA ALA B 399 -17.37 13.45 5.82
C ALA B 399 -16.47 12.27 5.46
N TRP B 400 -15.30 12.23 6.10
CA TRP B 400 -14.34 11.15 5.93
C TRP B 400 -14.06 10.81 4.47
N ASN B 401 -13.86 11.85 3.68
CA ASN B 401 -13.37 11.71 2.32
C ASN B 401 -11.97 12.28 2.31
N LYS B 402 -11.29 12.26 1.17
CA LYS B 402 -9.99 12.88 1.07
C LYS B 402 -10.06 14.08 0.12
N ILE B 403 -11.06 14.92 0.36
CA ILE B 403 -11.37 16.07 -0.49
C ILE B 403 -10.34 17.17 -0.32
N ALA B 404 -9.47 17.30 -1.32
CA ALA B 404 -8.40 18.28 -1.28
C ALA B 404 -8.87 19.68 -1.66
N ILE B 405 -9.92 19.76 -2.49
CA ILE B 405 -10.31 21.04 -3.07
C ILE B 405 -11.80 21.10 -3.46
N ILE B 406 -12.41 22.27 -3.27
CA ILE B 406 -13.78 22.51 -3.69
C ILE B 406 -13.84 23.80 -4.49
N HIS B 407 -14.40 23.74 -5.69
CA HIS B 407 -14.64 24.95 -6.48
C HIS B 407 -15.61 25.87 -5.76
N PRO B 408 -15.26 27.16 -5.68
CA PRO B 408 -16.01 28.16 -4.91
C PRO B 408 -17.52 28.13 -5.15
N ASN B 409 -17.93 28.13 -6.42
CA ASN B 409 -19.35 28.20 -6.76
C ASN B 409 -20.07 26.87 -6.80
N ALA B 410 -19.40 25.80 -6.36
CA ALA B 410 -20.02 24.48 -6.27
C ALA B 410 -21.32 24.50 -5.48
N PHE B 411 -21.36 25.32 -4.43
CA PHE B 411 -22.53 25.39 -3.55
C PHE B 411 -23.33 26.67 -3.77
N SER B 412 -23.01 27.39 -4.84
CA SER B 412 -23.65 28.67 -5.13
C SER B 412 -25.15 28.58 -5.32
N THR B 413 -25.64 27.46 -5.85
CA THR B 413 -27.02 27.36 -6.31
C THR B 413 -27.83 26.35 -5.50
N LEU B 414 -27.68 26.38 -4.19
CA LEU B 414 -28.34 25.41 -3.32
C LEU B 414 -29.17 26.12 -2.25
N PRO B 415 -30.28 26.77 -2.67
CA PRO B 415 -31.10 27.62 -1.80
C PRO B 415 -31.65 26.90 -0.57
N SER B 416 -32.05 25.64 -0.74
CA SER B 416 -32.67 24.88 0.34
C SER B 416 -31.66 24.21 1.27
N LEU B 417 -30.37 24.34 0.94
CA LEU B 417 -29.32 23.67 1.71
C LEU B 417 -29.28 24.19 3.15
N ILE B 418 -29.35 23.28 4.11
CA ILE B 418 -29.28 23.64 5.51
C ILE B 418 -28.23 22.83 6.28
N LYS B 419 -28.02 21.57 5.89
CA LYS B 419 -27.07 20.71 6.58
C LYS B 419 -25.87 20.34 5.71
N LEU B 420 -24.66 20.61 6.22
CA LEU B 420 -23.44 20.30 5.49
C LEU B 420 -22.37 19.72 6.39
N ASP B 421 -21.82 18.57 5.99
CA ASP B 421 -20.81 17.89 6.78
C ASP B 421 -19.56 17.59 5.96
N LEU B 422 -18.45 18.23 6.34
CA LEU B 422 -17.18 18.02 5.66
C LEU B 422 -16.12 17.53 6.63
N SER B 423 -16.58 16.92 7.71
CA SER B 423 -15.70 16.39 8.75
C SER B 423 -14.65 15.42 8.22
N SER B 424 -13.46 15.45 8.83
CA SER B 424 -12.36 14.54 8.50
C SER B 424 -12.04 14.55 7.02
N ASN B 425 -11.73 15.74 6.50
CA ASN B 425 -11.36 15.90 5.11
C ASN B 425 -9.99 16.58 5.03
N LEU B 426 -9.51 16.82 3.81
CA LEU B 426 -8.19 17.41 3.63
C LEU B 426 -8.33 18.83 3.11
N LEU B 427 -9.25 19.59 3.69
CA LEU B 427 -9.45 21.00 3.33
C LEU B 427 -8.53 21.94 4.09
N SER B 428 -8.20 23.07 3.46
CA SER B 428 -7.43 24.13 4.10
C SER B 428 -8.23 25.43 4.12
N SER B 429 -9.03 25.62 3.07
CA SER B 429 -9.84 26.82 2.94
C SER B 429 -11.29 26.43 2.61
N PHE B 430 -12.17 27.43 2.49
CA PHE B 430 -13.60 27.15 2.39
C PHE B 430 -14.31 28.08 1.41
N PRO B 431 -15.31 27.55 0.69
CA PRO B 431 -16.15 28.38 -0.19
C PRO B 431 -17.41 28.85 0.52
N ILE B 432 -17.40 30.12 0.94
CA ILE B 432 -18.52 30.69 1.67
C ILE B 432 -19.64 31.16 0.72
N THR B 433 -19.28 31.49 -0.53
CA THR B 433 -20.22 32.06 -1.49
C THR B 433 -21.47 31.21 -1.64
N GLY B 434 -22.62 31.88 -1.70
CA GLY B 434 -23.89 31.17 -1.62
C GLY B 434 -23.99 30.64 -0.21
N LEU B 435 -24.73 29.55 -0.02
CA LEU B 435 -24.62 28.73 1.18
C LEU B 435 -24.94 29.45 2.50
N HIS B 436 -25.10 30.76 2.45
CA HIS B 436 -25.45 31.56 3.61
C HIS B 436 -26.71 31.08 4.31
N GLY B 437 -26.69 31.13 5.64
CA GLY B 437 -27.81 30.67 6.46
C GLY B 437 -28.22 29.23 6.26
N LEU B 438 -27.29 28.32 6.52
CA LEU B 438 -27.60 26.90 6.63
C LEU B 438 -27.79 26.57 8.11
N THR B 439 -28.31 25.39 8.43
CA THR B 439 -28.57 25.09 9.84
C THR B 439 -27.39 24.33 10.48
N HIS B 440 -26.81 23.37 9.77
CA HIS B 440 -25.74 22.53 10.33
C HIS B 440 -24.46 22.65 9.53
N LEU B 441 -23.33 22.78 10.21
CA LEU B 441 -22.04 22.86 9.53
C LEU B 441 -20.95 22.13 10.31
N LYS B 442 -20.31 21.16 9.67
CA LYS B 442 -19.36 20.29 10.37
C LYS B 442 -18.02 20.24 9.61
N LEU B 443 -16.96 20.74 10.24
CA LEU B 443 -15.66 20.91 9.57
C LEU B 443 -14.48 20.27 10.31
N THR B 444 -14.76 19.53 11.37
CA THR B 444 -13.71 18.84 12.14
C THR B 444 -12.82 17.94 11.28
N GLY B 445 -11.57 17.79 11.69
CA GLY B 445 -10.68 16.88 10.99
C GLY B 445 -10.03 17.52 9.78
N ASN B 446 -10.38 18.78 9.52
CA ASN B 446 -9.72 19.57 8.50
C ASN B 446 -8.61 20.39 9.13
N HIS B 447 -7.55 19.72 9.53
CA HIS B 447 -6.49 20.35 10.35
C HIS B 447 -5.82 21.54 9.66
N ALA B 448 -5.90 21.59 8.33
CA ALA B 448 -5.33 22.71 7.59
C ALA B 448 -6.28 23.90 7.56
N LEU B 449 -7.48 23.72 8.10
CA LEU B 449 -8.47 24.80 8.19
C LEU B 449 -8.25 25.55 9.49
N GLN B 450 -7.54 26.66 9.43
CA GLN B 450 -7.11 27.37 10.63
C GLN B 450 -7.67 28.79 10.72
N SER B 451 -8.07 29.34 9.58
CA SER B 451 -8.57 30.72 9.52
C SER B 451 -9.93 30.85 10.20
N LEU B 452 -10.34 32.09 10.45
CA LEU B 452 -11.57 32.35 11.22
C LEU B 452 -12.80 32.43 10.33
N ILE B 453 -13.98 32.38 10.97
CA ILE B 453 -15.25 32.44 10.27
C ILE B 453 -16.24 33.31 11.06
N SER B 454 -16.81 34.33 10.40
CA SER B 454 -17.69 35.27 11.07
C SER B 454 -19.07 34.69 11.38
N SER B 455 -19.66 35.14 12.49
CA SER B 455 -21.03 34.76 12.84
C SER B 455 -22.02 35.18 11.75
N GLU B 456 -21.90 36.43 11.30
CA GLU B 456 -22.61 36.83 10.10
C GLU B 456 -21.90 36.17 8.93
N ASN B 457 -22.65 35.98 7.83
CA ASN B 457 -22.34 35.05 6.73
C ASN B 457 -22.86 33.66 7.12
N PHE B 458 -23.44 33.59 8.32
CA PHE B 458 -23.89 32.34 8.91
C PHE B 458 -24.93 32.52 10.04
N PRO B 459 -26.00 33.31 9.82
CA PRO B 459 -27.06 33.21 10.83
C PRO B 459 -27.83 31.88 10.72
N GLU B 460 -28.55 31.49 11.76
CA GLU B 460 -29.39 30.28 11.79
C GLU B 460 -28.56 29.01 12.01
N LEU B 461 -27.26 29.16 12.23
CA LEU B 461 -26.43 28.01 12.57
C LEU B 461 -26.80 27.49 13.95
N LYS B 462 -27.43 26.32 13.98
CA LYS B 462 -27.83 25.70 15.25
C LYS B 462 -26.89 24.57 15.66
N VAL B 463 -26.15 24.01 14.71
CA VAL B 463 -25.11 23.03 15.03
C VAL B 463 -23.82 23.28 14.26
N ILE B 464 -22.71 23.38 14.99
CA ILE B 464 -21.40 23.61 14.38
C ILE B 464 -20.31 22.70 14.96
N GLU B 465 -19.47 22.17 14.08
CA GLU B 465 -18.25 21.47 14.48
C GLU B 465 -17.06 22.16 13.82
N MET B 466 -15.97 22.30 14.56
CA MET B 466 -14.82 23.06 14.06
C MET B 466 -13.50 22.46 14.51
N PRO B 467 -12.49 22.44 13.62
CA PRO B 467 -11.21 21.81 13.97
C PRO B 467 -10.48 22.47 15.14
N TYR B 468 -10.71 23.78 15.32
CA TYR B 468 -10.03 24.51 16.38
C TYR B 468 -11.01 25.33 17.21
N ALA B 469 -10.87 25.23 18.53
CA ALA B 469 -11.79 25.87 19.49
C ALA B 469 -12.01 27.35 19.26
N TYR B 470 -10.94 28.07 18.97
CA TYR B 470 -11.04 29.52 18.79
C TYR B 470 -11.97 29.92 17.65
N GLN B 471 -12.02 29.09 16.61
CA GLN B 471 -12.89 29.36 15.47
C GLN B 471 -14.35 29.26 15.89
N CYS B 472 -14.61 28.35 16.82
CA CYS B 472 -15.94 28.20 17.41
C CYS B 472 -16.23 29.41 18.27
N CYS B 473 -15.28 29.76 19.11
CA CYS B 473 -15.36 30.94 19.99
C CYS B 473 -15.77 32.17 19.17
N ALA B 474 -15.30 32.24 17.93
CA ALA B 474 -15.73 33.29 17.00
C ALA B 474 -17.24 33.24 16.72
N PHE B 475 -17.90 32.16 17.13
CA PHE B 475 -19.35 32.06 17.02
C PHE B 475 -20.02 32.14 18.38
N GLY B 476 -19.19 32.36 19.41
CA GLY B 476 -19.67 32.49 20.77
C GLY B 476 -19.56 31.21 21.57
N VAL B 477 -19.11 30.15 20.92
CA VAL B 477 -18.96 28.86 21.58
C VAL B 477 -17.48 28.49 21.80
N CYS B 478 -17.00 28.38 23.04
CA CYS B 478 -17.74 28.71 24.25
C CYS B 478 -16.76 29.16 25.32
N LEU B 519 -28.80 27.99 49.97
CA LEU B 519 -28.17 27.62 48.71
C LEU B 519 -29.14 26.81 47.84
N LEU B 520 -29.13 27.08 46.54
CA LEU B 520 -30.11 26.49 45.62
C LEU B 520 -29.91 25.01 45.28
N ASP B 521 -30.62 24.60 44.24
CA ASP B 521 -30.67 23.21 43.77
C ASP B 521 -29.36 22.51 43.42
N PHE B 522 -29.02 21.49 44.19
CA PHE B 522 -28.05 20.49 43.73
C PHE B 522 -28.79 19.63 42.71
N GLU B 523 -28.18 19.47 41.54
CA GLU B 523 -28.77 18.71 40.44
C GLU B 523 -27.73 18.70 39.34
N GLU B 524 -26.51 18.35 39.70
CA GLU B 524 -25.33 18.58 38.85
C GLU B 524 -25.48 18.16 37.39
N ASP B 525 -26.28 17.14 37.12
CA ASP B 525 -26.59 16.77 35.73
C ASP B 525 -27.19 17.96 34.97
N LEU B 526 -27.80 18.89 35.70
CA LEU B 526 -28.27 20.17 35.18
C LEU B 526 -27.23 20.79 34.23
N LYS B 527 -25.96 20.48 34.50
CA LYS B 527 -24.84 20.94 33.67
C LYS B 527 -24.94 20.61 32.19
N ALA B 528 -25.32 19.37 31.90
CA ALA B 528 -25.18 18.78 30.56
C ALA B 528 -25.87 19.55 29.43
N LEU B 529 -26.81 20.43 29.75
CA LEU B 529 -27.55 21.17 28.73
C LEU B 529 -26.63 22.10 27.93
N HIS B 530 -25.69 22.74 28.63
CA HIS B 530 -24.82 23.77 28.06
C HIS B 530 -23.72 23.32 27.10
N SER B 531 -23.50 22.01 27.00
CA SER B 531 -22.33 21.46 26.32
C SER B 531 -22.06 21.93 24.87
N VAL B 532 -20.88 21.57 24.41
CA VAL B 532 -20.27 22.10 23.19
C VAL B 532 -19.61 21.05 22.29
N GLN B 533 -19.67 21.28 20.98
CA GLN B 533 -19.01 20.40 20.02
C GLN B 533 -18.03 21.20 19.15
N CYS B 534 -16.83 20.65 19.04
CA CYS B 534 -15.74 21.24 18.28
C CYS B 534 -14.55 20.30 18.22
N SER B 535 -14.04 19.90 19.37
CA SER B 535 -12.71 19.32 19.43
C SER B 535 -12.49 18.58 20.76
N PRO B 536 -11.52 17.66 20.79
CA PRO B 536 -11.21 17.03 22.09
C PRO B 536 -10.32 17.86 23.01
N CYS C 12 -10.61 49.74 11.78
CA CYS C 12 -10.73 48.34 12.14
C CYS C 12 -9.84 48.01 13.33
N ALA C 13 -8.53 48.14 13.11
CA ALA C 13 -7.50 47.99 14.14
C ALA C 13 -6.13 48.20 13.52
N LYS C 14 -5.09 48.29 14.34
CA LYS C 14 -3.73 48.40 13.82
C LYS C 14 -3.34 47.18 12.99
N GLY C 15 -3.09 47.42 11.70
CA GLY C 15 -2.77 46.36 10.77
C GLY C 15 -3.74 45.20 10.79
N CYS C 16 -5.02 45.51 10.65
CA CYS C 16 -6.07 44.51 10.65
C CYS C 16 -6.98 44.71 9.44
N GLU C 17 -7.25 43.61 8.74
CA GLU C 17 -7.93 43.66 7.46
C GLU C 17 -9.43 43.49 7.60
N LEU C 18 -9.84 42.60 8.51
CA LEU C 18 -11.25 42.37 8.76
C LEU C 18 -11.54 42.28 10.25
N CYS C 19 -12.50 43.07 10.70
CA CYS C 19 -12.95 43.01 12.09
C CYS C 19 -14.46 42.85 12.17
N SER C 20 -14.94 42.35 13.30
CA SER C 20 -16.37 42.32 13.59
C SER C 20 -16.62 43.12 14.86
N GLU C 21 -17.81 43.71 14.98
CA GLU C 21 -18.15 44.53 16.14
C GLU C 21 -18.06 43.72 17.43
N VAL C 22 -18.48 42.46 17.36
CA VAL C 22 -18.46 41.60 18.52
C VAL C 22 -17.05 41.10 18.87
N ASN C 23 -16.38 40.46 17.92
CA ASN C 23 -15.14 39.74 18.23
C ASN C 23 -13.86 40.50 17.88
N GLY C 24 -13.99 41.72 17.41
CA GLY C 24 -12.82 42.50 17.03
C GLY C 24 -12.25 41.98 15.73
N CYS C 25 -10.92 41.99 15.61
CA CYS C 25 -10.28 41.61 14.36
C CYS C 25 -10.38 40.12 14.05
N LEU C 26 -10.72 39.83 12.80
CA LEU C 26 -10.81 38.45 12.34
C LEU C 26 -9.63 38.04 11.48
N LYS C 27 -9.06 38.98 10.72
CA LYS C 27 -7.96 38.63 9.84
C LYS C 27 -6.82 39.64 9.94
N CYS C 28 -5.58 39.15 10.07
CA CYS C 28 -4.41 40.01 10.23
C CYS C 28 -3.71 40.31 8.91
N SER C 29 -3.03 41.46 8.84
CA SER C 29 -2.22 41.83 7.68
C SER C 29 -1.11 40.78 7.47
N PRO C 30 -0.55 40.68 6.24
CA PRO C 30 0.22 39.51 5.78
C PRO C 30 1.02 38.69 6.81
N LYS C 31 2.06 39.26 7.40
CA LYS C 31 2.94 38.47 8.26
C LYS C 31 2.74 38.73 9.76
N LEU C 32 1.63 39.35 10.13
CA LEU C 32 1.35 39.58 11.54
C LEU C 32 0.77 38.35 12.24
N PHE C 33 0.78 38.39 13.56
CA PHE C 33 0.19 37.34 14.38
C PHE C 33 -1.12 37.78 15.01
N ILE C 34 -2.11 36.90 14.98
CA ILE C 34 -3.38 37.17 15.65
C ILE C 34 -3.31 36.75 17.12
N LEU C 35 -3.85 37.59 17.99
CA LEU C 35 -3.96 37.26 19.41
C LEU C 35 -5.42 37.28 19.85
N LEU C 36 -5.94 36.13 20.27
CA LEU C 36 -7.32 36.07 20.74
C LEU C 36 -7.40 36.17 22.28
N GLU C 37 -8.14 37.17 22.77
CA GLU C 37 -8.26 37.49 24.19
C GLU C 37 -9.65 37.23 24.79
N ARG C 38 -9.68 36.87 26.07
CA ARG C 38 -10.94 36.72 26.78
C ARG C 38 -11.35 38.05 27.42
N ASN C 39 -12.28 38.75 26.79
CA ASN C 39 -12.88 39.94 27.38
C ASN C 39 -14.36 39.71 27.62
N ASP C 40 -14.80 39.73 28.87
CA ASP C 40 -16.22 39.55 29.20
C ASP C 40 -16.75 38.27 28.56
N ILE C 41 -16.06 37.15 28.80
CA ILE C 41 -16.32 35.82 28.21
C ILE C 41 -16.32 35.82 26.66
N ARG C 42 -16.23 37.00 26.07
CA ARG C 42 -16.20 37.18 24.63
C ARG C 42 -14.78 37.17 24.07
N GLN C 43 -14.60 36.51 22.94
CA GLN C 43 -13.29 36.46 22.29
C GLN C 43 -13.06 37.74 21.50
N VAL C 44 -11.87 38.33 21.65
CA VAL C 44 -11.54 39.56 20.93
C VAL C 44 -10.15 39.48 20.29
N GLY C 45 -10.08 39.78 19.00
CA GLY C 45 -8.88 39.57 18.21
C GLY C 45 -8.04 40.80 17.98
N VAL C 46 -6.77 40.73 18.35
CA VAL C 46 -5.82 41.81 18.11
C VAL C 46 -4.77 41.37 17.07
N CYS C 47 -4.13 42.32 16.40
CA CYS C 47 -3.12 42.01 15.39
C CYS C 47 -1.77 42.62 15.74
N LEU C 48 -0.79 41.75 15.99
CA LEU C 48 0.50 42.20 16.50
C LEU C 48 1.64 41.86 15.54
N PRO C 49 2.77 42.55 15.67
CA PRO C 49 3.97 42.21 14.89
C PRO C 49 4.69 41.01 15.48
N SER C 50 4.49 40.79 16.77
CA SER C 50 4.98 39.60 17.45
C SER C 50 4.20 39.39 18.75
N CYS C 51 4.35 38.22 19.36
CA CYS C 51 3.52 37.84 20.49
C CYS C 51 4.11 38.27 21.83
N PRO C 52 3.25 38.77 22.73
CA PRO C 52 3.60 39.19 24.10
C PRO C 52 4.16 38.03 24.92
N PRO C 53 4.79 38.32 26.07
CA PRO C 53 5.28 37.27 26.95
C PRO C 53 4.17 36.33 27.42
N GLY C 54 4.50 35.06 27.62
CA GLY C 54 3.50 34.06 27.88
C GLY C 54 3.10 33.36 26.59
N TYR C 55 2.97 34.14 25.52
CA TYR C 55 2.70 33.60 24.20
C TYR C 55 4.00 33.36 23.44
N PHE C 56 3.93 32.55 22.40
CA PHE C 56 5.03 32.42 21.46
C PHE C 56 4.49 32.53 20.04
N ASP C 57 5.34 32.99 19.15
CA ASP C 57 4.99 33.19 17.75
C ASP C 57 4.91 31.85 17.03
N ALA C 58 3.77 31.60 16.39
CA ALA C 58 3.60 30.38 15.61
C ALA C 58 3.15 30.73 14.20
N ARG C 59 3.97 30.35 13.22
CA ARG C 59 3.70 30.70 11.83
C ARG C 59 3.09 29.52 11.06
N ASN C 60 2.03 29.81 10.34
CA ASN C 60 1.38 28.83 9.47
C ASN C 60 0.91 29.55 8.20
N PRO C 61 0.64 28.79 7.11
CA PRO C 61 0.40 29.44 5.82
C PRO C 61 -0.96 30.12 5.71
N ASP C 62 -1.89 29.74 6.56
CA ASP C 62 -3.23 30.32 6.50
C ASP C 62 -3.37 31.45 7.50
N MET C 63 -2.91 31.21 8.72
CA MET C 63 -3.02 32.18 9.80
C MET C 63 -1.87 32.05 10.78
N ASN C 64 -1.14 33.14 10.99
CA ASN C 64 -0.14 33.19 12.05
C ASN C 64 -0.79 33.53 13.39
N LYS C 65 -0.47 32.75 14.41
CA LYS C 65 -1.19 32.84 15.68
C LYS C 65 -0.27 32.89 16.90
N CYS C 66 -0.66 33.67 17.89
CA CYS C 66 0.06 33.74 19.16
C CYS C 66 -0.43 32.61 20.08
N ILE C 67 0.50 31.84 20.63
CA ILE C 67 0.07 30.69 21.42
C ILE C 67 0.65 30.63 22.83
N LYS C 68 -0.23 30.58 23.83
CA LYS C 68 0.21 30.45 25.22
C LYS C 68 1.02 29.17 25.38
N CYS C 69 2.13 29.26 26.11
CA CYS C 69 2.96 28.08 26.36
C CYS C 69 2.64 27.50 27.74
N LYS C 70 1.86 26.42 27.73
CA LYS C 70 1.47 25.75 28.97
C LYS C 70 2.64 24.87 29.42
N ILE C 71 3.66 25.52 29.97
CA ILE C 71 4.83 24.83 30.47
C ILE C 71 5.04 25.26 31.91
N GLU C 72 5.07 24.30 32.83
CA GLU C 72 5.21 24.59 34.25
C GLU C 72 6.39 25.52 34.54
N HIS C 73 6.06 26.69 35.07
CA HIS C 73 7.04 27.66 35.55
C HIS C 73 7.87 28.23 34.41
N CYS C 74 7.25 28.38 33.24
CA CYS C 74 7.90 29.00 32.09
C CYS C 74 7.39 30.42 31.90
N GLU C 75 8.29 31.34 31.55
CA GLU C 75 7.94 32.74 31.37
C GLU C 75 7.79 33.11 29.89
N ALA C 76 8.74 32.68 29.07
CA ALA C 76 8.65 32.83 27.63
C ALA C 76 9.18 31.58 26.94
N CYS C 77 8.74 31.34 25.71
CA CYS C 77 9.03 30.05 25.07
C CYS C 77 9.21 30.10 23.55
N PHE C 78 9.79 29.02 23.03
CA PHE C 78 10.14 28.88 21.62
C PHE C 78 8.96 28.29 20.87
N SER C 79 8.45 27.20 21.43
CA SER C 79 7.19 26.62 21.01
C SER C 79 6.50 26.17 22.28
N HIS C 80 5.49 25.31 22.17
CA HIS C 80 5.08 24.55 23.34
C HIS C 80 6.22 23.58 23.65
N ASN C 81 6.17 22.91 24.80
CA ASN C 81 7.14 21.86 25.11
C ASN C 81 8.59 22.34 25.26
N PHE C 82 8.88 23.58 24.87
CA PHE C 82 10.23 24.15 25.00
C PHE C 82 10.22 25.60 25.48
N CYS C 83 10.81 25.84 26.65
CA CYS C 83 10.88 27.17 27.25
C CYS C 83 12.14 27.95 26.89
N THR C 84 11.97 29.22 26.55
CA THR C 84 13.08 30.11 26.17
C THR C 84 13.66 30.85 27.38
N LYS C 85 12.78 31.51 28.15
CA LYS C 85 13.18 32.20 29.37
C LYS C 85 12.38 31.66 30.55
N CYS C 86 13.06 31.01 31.48
CA CYS C 86 12.37 30.35 32.58
C CYS C 86 12.17 31.29 33.75
N LYS C 87 11.24 30.94 34.63
CA LYS C 87 10.96 31.73 35.83
C LYS C 87 12.10 31.71 36.84
N GLU C 88 12.33 32.87 37.45
CA GLU C 88 13.34 33.03 38.50
C GLU C 88 13.07 32.07 39.66
N GLY C 89 14.15 31.52 40.21
CA GLY C 89 14.05 30.55 41.28
C GLY C 89 13.94 29.15 40.72
N LEU C 90 14.05 29.02 39.40
CA LEU C 90 13.97 27.73 38.74
C LEU C 90 14.97 27.62 37.60
N TYR C 91 15.73 26.53 37.59
CA TYR C 91 16.76 26.30 36.59
C TYR C 91 16.19 25.82 35.26
N LEU C 92 16.77 26.30 34.17
CA LEU C 92 16.34 25.95 32.83
C LEU C 92 17.24 24.89 32.21
N HIS C 93 16.66 23.74 31.88
CA HIS C 93 17.40 22.63 31.30
C HIS C 93 16.69 22.05 30.08
N LYS C 94 17.31 22.22 28.92
CA LYS C 94 16.78 21.73 27.64
C LYS C 94 15.32 22.13 27.43
N GLY C 95 15.06 23.43 27.51
CA GLY C 95 13.74 23.98 27.28
C GLY C 95 12.72 23.67 28.36
N ARG C 96 13.17 23.06 29.45
CA ARG C 96 12.28 22.72 30.55
C ARG C 96 12.81 23.25 31.87
N CYS C 97 11.94 23.36 32.87
CA CYS C 97 12.26 24.09 34.08
C CYS C 97 12.14 23.23 35.33
N TYR C 98 13.26 23.05 36.04
CA TYR C 98 13.26 22.23 37.26
C TYR C 98 13.90 22.97 38.42
N PRO C 99 13.60 22.52 39.66
CA PRO C 99 14.43 22.87 40.81
C PRO C 99 15.79 22.18 40.76
N ALA C 100 15.80 20.88 40.47
CA ALA C 100 17.03 20.09 40.39
C ALA C 100 17.84 20.49 39.16
N CYS C 101 17.89 19.57 38.18
CA CYS C 101 18.27 19.75 36.76
C CYS C 101 19.30 18.74 36.18
N PRO C 102 19.35 17.50 36.70
CA PRO C 102 20.35 16.46 36.45
C PRO C 102 21.82 16.89 36.14
N GLU C 103 22.82 16.07 35.77
CA GLU C 103 23.05 14.59 35.82
C GLU C 103 23.12 14.03 34.40
N GLY C 104 22.53 14.75 33.45
CA GLY C 104 22.80 14.46 32.04
C GLY C 104 24.15 15.09 31.78
N SER C 105 24.33 16.26 32.38
CA SER C 105 25.61 16.96 32.65
C SER C 105 25.33 18.46 32.61
N SER C 106 24.70 18.98 33.66
CA SER C 106 24.28 20.37 33.68
C SER C 106 25.11 21.26 34.62
N ALA C 107 24.59 21.43 35.84
CA ALA C 107 25.14 22.30 36.89
C ALA C 107 24.93 23.77 36.54
N ALA C 108 25.05 24.64 37.55
CA ALA C 108 24.70 26.05 37.38
C ALA C 108 25.79 27.00 37.86
N ASN C 109 26.25 27.87 36.97
CA ASN C 109 27.21 28.92 37.35
C ASN C 109 26.56 30.02 38.18
N GLY C 110 27.04 31.24 37.99
CA GLY C 110 26.39 32.42 38.56
C GLY C 110 25.09 32.77 37.86
N THR C 111 24.63 31.87 37.00
CA THR C 111 23.37 32.01 36.30
C THR C 111 22.42 30.89 36.69
N MET C 112 21.25 30.86 36.06
CA MET C 112 20.29 29.78 36.29
C MET C 112 19.95 29.05 34.99
N GLU C 113 20.97 28.52 34.33
CA GLU C 113 20.77 27.87 33.03
C GLU C 113 21.46 26.51 32.96
N CYS C 114 21.18 25.67 33.96
CA CYS C 114 21.76 24.33 34.12
C CYS C 114 22.28 23.67 32.84
N CYS D 12 -53.27 -9.09 38.42
CA CYS D 12 -52.73 -8.29 37.34
C CYS D 12 -53.81 -7.95 36.31
N ALA D 13 -54.37 -8.99 35.68
CA ALA D 13 -55.48 -8.86 34.74
C ALA D 13 -55.90 -10.22 34.21
N LYS D 14 -57.01 -10.25 33.48
CA LYS D 14 -57.50 -11.48 32.86
C LYS D 14 -56.47 -12.01 31.87
N GLY D 15 -55.91 -13.17 32.19
CA GLY D 15 -54.86 -13.78 31.40
C GLY D 15 -53.72 -12.85 31.05
N CYS D 16 -53.19 -12.16 32.05
CA CYS D 16 -52.09 -11.24 31.86
C CYS D 16 -51.01 -11.52 32.91
N GLU D 17 -49.76 -11.60 32.47
CA GLU D 17 -48.69 -12.10 33.33
C GLU D 17 -47.95 -11.00 34.08
N LEU D 18 -47.69 -9.88 33.42
CA LEU D 18 -47.02 -8.76 34.07
C LEU D 18 -47.65 -7.42 33.69
N CYS D 19 -47.99 -6.63 34.69
CA CYS D 19 -48.53 -5.30 34.46
C CYS D 19 -47.75 -4.23 35.21
N SER D 20 -47.86 -3.00 34.75
CA SER D 20 -47.32 -1.85 35.46
C SER D 20 -48.45 -0.89 35.83
N GLU D 21 -48.29 -0.17 36.93
CA GLU D 21 -49.32 0.74 37.41
C GLU D 21 -49.67 1.81 36.40
N VAL D 22 -48.65 2.33 35.72
CA VAL D 22 -48.85 3.38 34.72
C VAL D 22 -49.42 2.86 33.41
N ASN D 23 -48.78 1.84 32.82
CA ASN D 23 -49.10 1.42 31.47
C ASN D 23 -50.00 0.19 31.35
N GLY D 24 -50.43 -0.35 32.49
CA GLY D 24 -51.27 -1.52 32.49
C GLY D 24 -50.50 -2.77 32.13
N CYS D 25 -51.13 -3.68 31.37
CA CYS D 25 -50.54 -4.97 31.07
C CYS D 25 -49.33 -4.83 30.14
N LEU D 26 -48.24 -5.51 30.49
CA LEU D 26 -47.03 -5.49 29.68
C LEU D 26 -46.84 -6.78 28.87
N LYS D 27 -47.24 -7.90 29.45
CA LYS D 27 -47.06 -9.20 28.79
C LYS D 27 -48.32 -10.05 28.90
N CYS D 28 -48.73 -10.64 27.78
CA CYS D 28 -49.95 -11.45 27.73
C CYS D 28 -49.64 -12.94 27.90
N SER D 29 -50.61 -13.68 28.43
CA SER D 29 -50.50 -15.13 28.56
C SER D 29 -50.35 -15.76 27.18
N PRO D 30 -49.80 -17.00 27.10
CA PRO D 30 -49.26 -17.62 25.88
C PRO D 30 -49.93 -17.25 24.55
N LYS D 31 -51.19 -17.62 24.34
CA LYS D 31 -51.82 -17.43 23.03
C LYS D 31 -52.78 -16.25 22.96
N LEU D 32 -52.75 -15.36 23.95
CA LEU D 32 -53.58 -14.16 23.89
C LEU D 32 -52.93 -13.05 23.06
N PHE D 33 -53.73 -12.06 22.68
CA PHE D 33 -53.23 -10.91 21.94
C PHE D 33 -53.20 -9.66 22.81
N ILE D 34 -52.11 -8.89 22.73
CA ILE D 34 -52.02 -7.63 23.43
C ILE D 34 -52.65 -6.50 22.62
N LEU D 35 -53.43 -5.65 23.29
CA LEU D 35 -53.97 -4.46 22.67
C LEU D 35 -53.52 -3.21 23.43
N LEU D 36 -52.73 -2.37 22.79
CA LEU D 36 -52.24 -1.14 23.41
C LEU D 36 -53.06 0.09 22.99
N GLU D 37 -53.59 0.80 23.99
CA GLU D 37 -54.44 1.96 23.76
C GLU D 37 -53.72 3.25 24.18
N ARG D 38 -53.78 4.27 23.32
CA ARG D 38 -53.19 5.55 23.67
C ARG D 38 -54.22 6.51 24.30
N ASN D 39 -54.14 6.64 25.61
CA ASN D 39 -54.98 7.55 26.40
C ASN D 39 -54.18 8.72 26.97
N ASP D 40 -54.30 9.90 26.36
CA ASP D 40 -53.58 11.10 26.83
C ASP D 40 -52.08 10.83 26.86
N ILE D 41 -51.56 10.42 25.70
CA ILE D 41 -50.16 10.07 25.47
C ILE D 41 -49.63 8.95 26.38
N ARG D 42 -50.48 8.46 27.28
CA ARG D 42 -50.10 7.33 28.11
C ARG D 42 -50.56 6.06 27.43
N GLN D 43 -49.68 5.06 27.36
CA GLN D 43 -50.05 3.77 26.79
C GLN D 43 -50.69 2.91 27.87
N VAL D 44 -51.78 2.23 27.53
CA VAL D 44 -52.48 1.36 28.47
C VAL D 44 -52.73 0.00 27.83
N GLY D 45 -52.30 -1.05 28.52
CA GLY D 45 -52.27 -2.38 27.94
C GLY D 45 -53.41 -3.29 28.35
N VAL D 46 -54.15 -3.79 27.36
CA VAL D 46 -55.22 -4.75 27.60
C VAL D 46 -54.79 -6.10 27.03
N CYS D 47 -55.32 -7.19 27.58
CA CYS D 47 -54.99 -8.53 27.13
C CYS D 47 -56.26 -9.26 26.71
N LEU D 48 -56.36 -9.59 25.42
CA LEU D 48 -57.60 -10.13 24.88
C LEU D 48 -57.44 -11.54 24.29
N PRO D 49 -58.55 -12.27 24.14
CA PRO D 49 -58.53 -13.57 23.47
C PRO D 49 -58.49 -13.43 21.95
N SER D 50 -58.98 -12.29 21.45
CA SER D 50 -58.84 -11.94 20.04
C SER D 50 -59.08 -10.45 19.86
N CYS D 51 -58.77 -9.93 18.67
CA CYS D 51 -58.79 -8.49 18.44
C CYS D 51 -60.15 -8.00 17.96
N PRO D 52 -60.59 -6.85 18.49
CA PRO D 52 -61.85 -6.21 18.10
C PRO D 52 -61.90 -5.84 16.62
N PRO D 53 -63.09 -5.54 16.09
CA PRO D 53 -63.19 -5.09 14.69
C PRO D 53 -62.38 -3.82 14.46
N GLY D 54 -61.85 -3.65 13.26
CA GLY D 54 -60.90 -2.59 13.00
C GLY D 54 -59.48 -3.11 13.14
N TYR D 55 -59.26 -3.94 14.16
CA TYR D 55 -57.98 -4.61 14.34
C TYR D 55 -57.99 -5.98 13.67
N PHE D 56 -56.80 -6.53 13.45
CA PHE D 56 -56.67 -7.93 13.04
C PHE D 56 -55.62 -8.62 13.90
N ASP D 57 -55.81 -9.92 14.09
CA ASP D 57 -54.95 -10.76 14.91
C ASP D 57 -53.66 -11.11 14.19
N ALA D 58 -52.53 -10.83 14.85
CA ALA D 58 -51.23 -11.19 14.31
C ALA D 58 -50.44 -11.99 15.34
N ARG D 59 -50.08 -13.22 14.98
CA ARG D 59 -49.38 -14.10 15.92
C ARG D 59 -47.88 -14.09 15.66
N ASN D 60 -47.10 -13.94 16.74
CA ASN D 60 -45.65 -13.96 16.66
C ASN D 60 -45.07 -14.70 17.87
N PRO D 61 -43.81 -15.17 17.76
CA PRO D 61 -43.29 -16.02 18.84
C PRO D 61 -42.90 -15.21 20.08
N ASP D 62 -42.73 -13.91 19.92
CA ASP D 62 -42.36 -13.04 21.03
C ASP D 62 -43.59 -12.37 21.62
N MET D 63 -44.43 -11.84 20.73
CA MET D 63 -45.63 -11.11 21.13
C MET D 63 -46.74 -11.26 20.10
N ASN D 64 -47.89 -11.75 20.54
CA ASN D 64 -49.08 -11.71 19.70
C ASN D 64 -49.74 -10.35 19.87
N LYS D 65 -50.03 -9.67 18.76
CA LYS D 65 -50.46 -8.29 18.84
C LYS D 65 -51.67 -7.98 17.97
N CYS D 66 -52.54 -7.11 18.47
CA CYS D 66 -53.69 -6.63 17.72
C CYS D 66 -53.24 -5.46 16.86
N ILE D 67 -53.56 -5.49 15.56
CA ILE D 67 -53.05 -4.45 14.68
C ILE D 67 -54.18 -3.75 13.92
N LYS D 68 -54.29 -2.44 14.08
CA LYS D 68 -55.35 -1.67 13.43
C LYS D 68 -55.24 -1.81 11.91
N CYS D 69 -56.39 -1.89 11.26
CA CYS D 69 -56.42 -2.10 9.82
C CYS D 69 -56.59 -0.79 9.05
N LYS D 70 -55.49 -0.24 8.55
CA LYS D 70 -55.57 0.95 7.71
C LYS D 70 -55.85 0.59 6.26
N ILE D 71 -57.09 0.18 6.00
CA ILE D 71 -57.55 -0.13 4.64
C ILE D 71 -58.83 0.62 4.35
N GLU D 72 -58.83 1.38 3.27
CA GLU D 72 -59.99 2.17 2.87
C GLU D 72 -61.28 1.34 2.85
N HIS D 73 -62.22 1.74 3.71
CA HIS D 73 -63.57 1.16 3.75
C HIS D 73 -63.58 -0.30 4.14
N CYS D 74 -62.68 -0.69 5.05
CA CYS D 74 -62.65 -2.07 5.54
C CYS D 74 -63.24 -2.17 6.94
N GLU D 75 -64.00 -3.24 7.20
CA GLU D 75 -64.63 -3.42 8.50
C GLU D 75 -63.85 -4.42 9.35
N ALA D 76 -63.46 -5.54 8.74
CA ALA D 76 -62.57 -6.50 9.36
C ALA D 76 -61.62 -7.04 8.31
N CYS D 77 -60.45 -7.50 8.73
CA CYS D 77 -59.41 -7.84 7.75
C CYS D 77 -58.54 -9.03 8.15
N PHE D 78 -57.82 -9.55 7.15
CA PHE D 78 -57.01 -10.75 7.30
C PHE D 78 -55.62 -10.34 7.76
N SER D 79 -55.08 -9.35 7.07
CA SER D 79 -53.88 -8.64 7.50
C SER D 79 -54.10 -7.19 7.11
N HIS D 80 -53.04 -6.39 7.08
CA HIS D 80 -53.12 -5.16 6.31
C HIS D 80 -53.18 -5.60 4.86
N ASN D 81 -53.45 -4.67 3.95
CA ASN D 81 -53.40 -4.96 2.52
C ASN D 81 -54.48 -5.98 2.05
N PHE D 82 -55.15 -6.64 2.99
CA PHE D 82 -56.23 -7.57 2.64
C PHE D 82 -57.41 -7.48 3.61
N CYS D 83 -58.57 -7.08 3.09
CA CYS D 83 -59.80 -6.94 3.87
C CYS D 83 -60.66 -8.21 3.82
N THR D 84 -61.23 -8.60 4.97
CA THR D 84 -62.01 -9.83 5.04
C THR D 84 -63.49 -9.58 4.70
N LYS D 85 -64.13 -8.62 5.37
CA LYS D 85 -65.48 -8.23 5.00
C LYS D 85 -65.51 -6.71 4.83
N CYS D 86 -65.87 -6.27 3.63
CA CYS D 86 -65.77 -4.87 3.28
C CYS D 86 -67.01 -4.09 3.73
N LYS D 87 -66.89 -2.77 3.73
CA LYS D 87 -68.00 -1.91 4.16
C LYS D 87 -69.19 -2.03 3.22
N GLU D 88 -70.38 -2.06 3.81
CA GLU D 88 -71.62 -2.14 3.07
C GLU D 88 -71.74 -0.97 2.09
N GLY D 89 -72.24 -1.25 0.89
CA GLY D 89 -72.33 -0.24 -0.14
C GLY D 89 -71.06 -0.14 -0.97
N LEU D 90 -70.13 -1.04 -0.71
CA LEU D 90 -68.87 -1.07 -1.45
C LEU D 90 -68.46 -2.51 -1.74
N TYR D 91 -68.09 -2.77 -2.99
CA TYR D 91 -67.77 -4.12 -3.43
C TYR D 91 -66.38 -4.56 -2.97
N LEU D 92 -66.28 -5.82 -2.59
CA LEU D 92 -65.02 -6.41 -2.15
C LEU D 92 -64.39 -7.22 -3.28
N HIS D 93 -63.20 -6.82 -3.70
CA HIS D 93 -62.51 -7.49 -4.79
C HIS D 93 -61.08 -7.80 -4.41
N LYS D 94 -60.79 -9.10 -4.26
CA LYS D 94 -59.47 -9.60 -3.92
C LYS D 94 -58.89 -8.90 -2.69
N GLY D 95 -59.66 -8.91 -1.59
CA GLY D 95 -59.21 -8.33 -0.34
C GLY D 95 -59.15 -6.82 -0.34
N ARG D 96 -59.63 -6.19 -1.42
CA ARG D 96 -59.57 -4.75 -1.55
C ARG D 96 -60.98 -4.23 -1.85
N CYS D 97 -61.22 -2.93 -1.63
CA CYS D 97 -62.59 -2.42 -1.65
C CYS D 97 -62.79 -1.30 -2.68
N TYR D 98 -63.66 -1.55 -3.65
CA TYR D 98 -63.93 -0.57 -4.71
C TYR D 98 -65.41 -0.28 -4.89
N PRO D 99 -65.73 0.87 -5.50
CA PRO D 99 -67.04 1.08 -6.13
C PRO D 99 -67.19 0.28 -7.42
N ALA D 100 -66.18 0.36 -8.29
CA ALA D 100 -66.20 -0.31 -9.60
C ALA D 100 -66.08 -1.83 -9.45
N CYS D 101 -64.90 -2.35 -9.83
CA CYS D 101 -64.32 -3.69 -9.54
C CYS D 101 -64.01 -4.57 -10.77
N PRO D 102 -63.61 -3.96 -11.91
CA PRO D 102 -63.44 -4.52 -13.27
C PRO D 102 -64.34 -5.71 -13.71
N GLU D 103 -64.31 -6.29 -14.93
CA GLU D 103 -63.77 -5.93 -16.28
C GLU D 103 -62.77 -6.97 -16.75
N GLY D 104 -62.10 -7.65 -15.83
CA GLY D 104 -61.37 -8.85 -16.18
C GLY D 104 -62.41 -9.92 -16.30
N SER D 105 -63.37 -9.87 -15.36
CA SER D 105 -64.72 -10.47 -15.41
C SER D 105 -65.19 -10.70 -13.98
N SER D 106 -65.66 -9.64 -13.33
CA SER D 106 -66.10 -9.75 -11.94
C SER D 106 -67.61 -9.69 -11.85
N ALA D 107 -68.14 -8.49 -11.66
CA ALA D 107 -69.59 -8.27 -11.50
C ALA D 107 -70.05 -8.82 -10.16
N ALA D 108 -71.29 -8.51 -9.78
CA ALA D 108 -71.76 -8.80 -8.44
C ALA D 108 -73.03 -9.64 -8.45
N ASN D 109 -72.96 -10.81 -7.81
CA ASN D 109 -74.12 -11.68 -7.63
C ASN D 109 -75.16 -11.07 -6.71
N GLY D 110 -75.90 -11.92 -5.99
CA GLY D 110 -76.79 -11.45 -4.95
C GLY D 110 -76.08 -10.96 -3.70
N THR D 111 -74.76 -10.87 -3.80
CA THR D 111 -73.93 -10.35 -2.72
C THR D 111 -73.15 -9.12 -3.21
N MET D 112 -72.26 -8.61 -2.36
CA MET D 112 -71.38 -7.51 -2.75
C MET D 112 -69.92 -7.94 -2.65
N GLU D 113 -69.59 -9.01 -3.38
CA GLU D 113 -68.28 -9.63 -3.32
C GLU D 113 -67.75 -9.89 -4.72
N CYS D 114 -67.74 -8.85 -5.55
CA CYS D 114 -67.37 -8.90 -6.98
C CYS D 114 -66.57 -10.11 -7.43
N SER D 115 -67.24 -11.00 -8.17
CA SER D 115 -66.69 -12.29 -8.55
C SER D 115 -65.56 -12.15 -9.58
N LEU E 24 88.94 10.81 -21.27
CA LEU E 24 88.34 11.36 -20.06
C LEU E 24 89.30 12.31 -19.36
N ARG E 25 88.90 13.57 -19.25
CA ARG E 25 89.70 14.59 -18.60
C ARG E 25 88.81 15.46 -17.74
N GLY E 26 88.86 15.27 -16.42
CA GLY E 26 88.00 16.05 -15.55
C GLY E 26 86.74 15.29 -15.20
N CYS E 27 86.58 14.12 -15.81
CA CYS E 27 85.45 13.22 -15.59
C CYS E 27 85.70 12.31 -14.39
N PRO E 28 85.21 12.73 -13.21
CA PRO E 28 85.51 12.19 -11.88
C PRO E 28 85.72 10.69 -11.90
N THR E 29 86.92 10.24 -11.52
CA THR E 29 87.27 8.83 -11.57
C THR E 29 86.18 7.95 -10.97
N HIS E 30 85.86 6.87 -11.70
CA HIS E 30 84.74 5.94 -11.47
C HIS E 30 83.45 6.40 -12.17
N CYS E 31 83.32 7.69 -12.44
CA CYS E 31 82.09 8.20 -13.06
C CYS E 31 82.14 8.08 -14.59
N HIS E 32 80.96 8.11 -15.22
CA HIS E 32 80.85 8.01 -16.67
C HIS E 32 80.37 9.33 -17.29
N CYS E 33 81.19 9.94 -18.13
CA CYS E 33 80.84 11.24 -18.73
C CYS E 33 80.47 11.18 -20.21
N GLU E 34 80.13 12.35 -20.76
CA GLU E 34 79.61 12.46 -22.12
C GLU E 34 79.54 13.91 -22.59
N PRO E 35 79.56 14.15 -23.90
CA PRO E 35 79.38 15.54 -24.36
C PRO E 35 77.91 15.93 -24.53
N ASP E 36 77.54 17.11 -24.05
CA ASP E 36 76.16 17.57 -24.09
C ASP E 36 75.95 18.25 -25.44
N GLY E 37 76.14 19.56 -25.48
CA GLY E 37 76.32 20.24 -26.74
C GLY E 37 77.81 20.07 -26.87
N ARG E 38 78.39 20.37 -28.02
CA ARG E 38 79.83 20.12 -28.16
C ARG E 38 80.62 20.95 -27.15
N MET E 39 81.52 20.26 -26.47
CA MET E 39 82.37 20.78 -25.38
C MET E 39 81.65 21.11 -24.07
N LEU E 40 80.38 20.76 -23.97
CA LEU E 40 79.73 20.79 -22.67
C LEU E 40 79.82 19.39 -22.10
N LEU E 41 79.83 19.27 -20.78
CA LEU E 41 80.09 17.97 -20.16
C LEU E 41 78.94 17.49 -19.30
N ARG E 42 78.55 16.24 -19.51
CA ARG E 42 77.50 15.60 -18.71
C ARG E 42 78.16 14.50 -17.90
N VAL E 43 77.95 14.53 -16.58
CA VAL E 43 78.65 13.62 -15.69
C VAL E 43 77.67 12.74 -14.93
N ASP E 44 77.83 11.43 -15.10
CA ASP E 44 76.99 10.47 -14.39
C ASP E 44 77.82 9.77 -13.32
N CYS E 45 77.61 10.15 -12.07
CA CYS E 45 78.25 9.46 -10.95
C CYS E 45 77.17 8.82 -10.09
N SER E 46 76.13 8.31 -10.74
CA SER E 46 75.00 7.74 -10.04
C SER E 46 75.24 6.28 -9.68
N ASP E 47 74.73 5.87 -8.53
CA ASP E 47 74.92 4.52 -8.00
C ASP E 47 76.38 4.11 -7.87
N LEU E 48 77.21 5.01 -7.36
CA LEU E 48 78.60 4.68 -7.06
C LEU E 48 78.81 4.52 -5.56
N GLY E 49 77.76 4.79 -4.77
CA GLY E 49 77.81 4.69 -3.33
C GLY E 49 78.87 5.58 -2.68
N LEU E 50 79.09 6.75 -3.27
CA LEU E 50 80.09 7.71 -2.80
C LEU E 50 79.78 8.22 -1.40
N SER E 51 80.78 8.38 -0.54
CA SER E 51 80.50 8.95 0.77
C SER E 51 80.18 10.43 0.63
N GLU E 52 80.96 11.11 -0.21
CA GLU E 52 80.75 12.50 -0.57
C GLU E 52 81.08 12.62 -2.06
N LEU E 53 81.01 13.82 -2.63
CA LEU E 53 81.26 13.94 -4.06
C LEU E 53 82.74 14.20 -4.31
N PRO E 54 83.20 13.88 -5.53
CA PRO E 54 84.62 14.06 -5.88
C PRO E 54 85.07 15.51 -5.83
N SER E 55 86.33 15.73 -5.47
CA SER E 55 86.86 17.09 -5.35
C SER E 55 87.23 17.60 -6.74
N ASN E 56 87.76 16.70 -7.56
CA ASN E 56 88.19 17.06 -8.90
C ASN E 56 87.03 16.93 -9.89
N LEU E 57 86.44 18.08 -10.23
CA LEU E 57 85.24 18.11 -11.07
C LEU E 57 85.37 19.24 -12.08
N SER E 58 85.38 18.89 -13.36
CA SER E 58 85.64 19.90 -14.38
C SER E 58 84.49 20.89 -14.53
N VAL E 59 84.83 22.17 -14.56
CA VAL E 59 83.91 23.20 -14.99
C VAL E 59 83.67 22.90 -16.47
N PHE E 60 82.54 23.37 -17.02
CA PHE E 60 81.99 23.04 -18.35
C PHE E 60 80.97 21.92 -18.19
N THR E 61 80.83 21.42 -16.96
CA THR E 61 79.81 20.43 -16.66
C THR E 61 78.42 21.04 -16.78
N SER E 62 77.60 20.46 -17.65
CA SER E 62 76.26 20.96 -17.87
C SER E 62 75.19 19.97 -17.37
N TYR E 63 75.64 18.86 -16.81
CA TYR E 63 74.72 17.86 -16.28
C TYR E 63 75.47 17.02 -15.24
N LEU E 64 74.94 17.00 -14.02
CA LEU E 64 75.58 16.25 -12.94
C LEU E 64 74.55 15.38 -12.25
N ASP E 65 74.72 14.06 -12.36
CA ASP E 65 73.83 13.12 -11.71
C ASP E 65 74.52 12.42 -10.56
N LEU E 66 74.11 12.76 -9.34
CA LEU E 66 74.53 12.02 -8.15
C LEU E 66 73.28 11.45 -7.48
N SER E 67 73.01 10.18 -7.75
CA SER E 67 71.81 9.55 -7.22
C SER E 67 72.09 8.18 -6.62
N MET E 68 71.41 7.88 -5.52
CA MET E 68 71.57 6.63 -4.77
C MET E 68 73.01 6.51 -4.28
N ASN E 69 73.47 7.51 -3.53
CA ASN E 69 74.88 7.59 -3.17
C ASN E 69 75.17 7.87 -1.70
N ASN E 70 74.27 7.55 -0.79
CA ASN E 70 74.56 7.62 0.66
C ASN E 70 75.32 8.90 1.09
N ILE E 71 74.96 10.03 0.49
CA ILE E 71 75.69 11.28 0.74
C ILE E 71 75.10 12.04 1.93
N SER E 72 75.82 12.02 3.05
CA SER E 72 75.35 12.65 4.28
C SER E 72 75.37 14.16 4.23
N GLN E 73 76.51 14.72 3.81
CA GLN E 73 76.71 16.17 3.89
C GLN E 73 77.39 16.78 2.69
N LEU E 74 77.08 18.04 2.46
CA LEU E 74 77.69 18.83 1.39
C LEU E 74 78.20 20.18 1.92
N LEU E 75 79.52 20.34 2.01
CA LEU E 75 80.54 19.31 1.76
C LEU E 75 81.80 19.56 2.59
N PRO E 76 82.73 18.60 2.59
CA PRO E 76 84.10 19.01 2.90
C PRO E 76 84.55 20.08 1.90
N ASN E 77 84.47 19.75 0.61
CA ASN E 77 84.66 20.73 -0.45
C ASN E 77 83.51 20.70 -1.46
N PRO E 78 82.53 21.61 -1.29
CA PRO E 78 81.45 21.72 -2.27
C PRO E 78 81.95 22.41 -3.53
N LEU E 79 81.27 22.20 -4.64
CA LEU E 79 81.73 22.79 -5.89
C LEU E 79 80.71 23.71 -6.54
N PRO E 80 80.67 24.98 -6.09
CA PRO E 80 80.05 26.05 -6.89
C PRO E 80 80.97 26.41 -8.06
N SER E 81 80.72 27.55 -8.69
CA SER E 81 81.54 28.04 -9.81
C SER E 81 81.39 27.18 -11.07
N LEU E 82 80.52 26.18 -11.02
CA LEU E 82 80.16 25.43 -12.23
C LEU E 82 79.00 26.14 -12.90
N ARG E 83 79.28 27.36 -13.36
CA ARG E 83 78.30 28.26 -13.95
C ARG E 83 77.60 27.68 -15.19
N PHE E 84 78.08 26.55 -15.69
CA PHE E 84 77.49 25.92 -16.85
C PHE E 84 76.48 24.82 -16.50
N LEU E 85 76.34 24.53 -15.21
CA LEU E 85 75.47 23.44 -14.77
C LEU E 85 74.02 23.68 -15.12
N GLU E 86 73.48 22.84 -15.98
CA GLU E 86 72.09 22.96 -16.41
C GLU E 86 71.15 22.20 -15.48
N GLU E 87 71.61 21.04 -15.00
CA GLU E 87 70.76 20.11 -14.29
C GLU E 87 71.49 19.38 -13.18
N LEU E 88 71.01 19.51 -11.95
CA LEU E 88 71.64 18.82 -10.83
C LEU E 88 70.70 17.79 -10.24
N ARG E 89 71.15 16.54 -10.19
CA ARG E 89 70.36 15.48 -9.60
C ARG E 89 71.01 15.02 -8.30
N LEU E 90 70.22 15.02 -7.22
CA LEU E 90 70.74 14.75 -5.89
C LEU E 90 69.77 13.85 -5.13
N ALA E 91 69.20 12.90 -5.86
CA ALA E 91 68.15 12.03 -5.33
C ALA E 91 68.73 10.78 -4.67
N GLY E 92 67.96 10.19 -3.77
CA GLY E 92 68.35 8.96 -3.10
C GLY E 92 69.58 9.12 -2.22
N ASN E 93 69.91 10.37 -1.89
CA ASN E 93 71.02 10.66 -1.02
C ASN E 93 70.50 10.96 0.39
N ALA E 94 71.32 10.72 1.40
CA ALA E 94 70.91 10.92 2.79
C ALA E 94 71.24 12.33 3.28
N LEU E 95 70.63 13.34 2.67
CA LEU E 95 70.84 14.72 3.07
C LEU E 95 69.81 15.12 4.13
N THR E 96 70.25 15.86 5.14
CA THR E 96 69.35 16.25 6.23
C THR E 96 69.08 17.75 6.21
N TYR E 97 69.92 18.49 5.51
CA TYR E 97 69.79 19.94 5.42
C TYR E 97 70.61 20.48 4.25
N ILE E 98 70.36 21.74 3.88
CA ILE E 98 71.14 22.40 2.84
C ILE E 98 71.67 23.75 3.29
N PRO E 99 73.00 23.91 3.31
CA PRO E 99 73.64 25.19 3.64
C PRO E 99 73.24 26.30 2.68
N LYS E 100 73.29 27.54 3.15
CA LYS E 100 72.65 28.66 2.46
C LYS E 100 73.36 29.13 1.19
N GLY E 101 74.68 28.98 1.14
CA GLY E 101 75.46 29.42 0.00
C GLY E 101 75.75 28.32 -1.00
N ALA E 102 75.09 27.18 -0.81
CA ALA E 102 75.39 25.95 -1.56
C ALA E 102 75.30 26.09 -3.08
N PHE E 103 74.33 26.85 -3.58
CA PHE E 103 74.08 26.90 -5.02
C PHE E 103 74.38 28.26 -5.65
N THR E 104 75.28 29.02 -5.04
CA THR E 104 75.49 30.42 -5.44
C THR E 104 76.10 30.56 -6.83
N GLY E 105 77.03 29.66 -7.17
CA GLY E 105 77.73 29.70 -8.44
C GLY E 105 76.89 29.47 -9.68
N LEU E 106 75.80 28.70 -9.53
CA LEU E 106 75.11 28.12 -10.67
C LEU E 106 74.13 29.09 -11.34
N TYR E 107 74.61 29.80 -12.36
CA TYR E 107 73.76 30.75 -13.08
C TYR E 107 72.94 30.09 -14.18
N SER E 108 73.28 28.84 -14.53
CA SER E 108 72.64 28.15 -15.64
C SER E 108 71.68 27.05 -15.19
N LEU E 109 71.52 26.89 -13.88
CA LEU E 109 70.71 25.81 -13.32
C LEU E 109 69.26 25.91 -13.76
N LYS E 110 68.80 24.90 -14.50
CA LYS E 110 67.41 24.86 -14.95
C LYS E 110 66.56 23.90 -14.14
N VAL E 111 67.13 22.74 -13.78
CA VAL E 111 66.38 21.71 -13.07
C VAL E 111 67.17 21.15 -11.90
N LEU E 112 66.52 21.13 -10.74
CA LEU E 112 67.15 20.66 -9.51
C LEU E 112 66.32 19.54 -8.87
N MET E 113 66.99 18.45 -8.57
CA MET E 113 66.32 17.25 -8.06
C MET E 113 66.82 16.90 -6.66
N LEU E 114 65.92 16.97 -5.69
CA LEU E 114 66.26 16.71 -4.31
C LEU E 114 65.24 15.81 -3.65
N GLN E 115 64.80 14.79 -4.39
CA GLN E 115 63.79 13.87 -3.88
C GLN E 115 64.43 12.67 -3.20
N ASN E 116 63.65 11.99 -2.37
CA ASN E 116 64.08 10.77 -1.69
C ASN E 116 65.28 11.05 -0.77
N ASN E 117 65.23 12.20 -0.12
CA ASN E 117 66.21 12.57 0.90
C ASN E 117 65.48 12.77 2.23
N GLN E 118 66.23 12.91 3.33
CA GLN E 118 65.59 13.11 4.63
C GLN E 118 65.51 14.59 5.00
N LEU E 119 65.35 15.45 4.01
CA LEU E 119 65.06 16.85 4.26
C LEU E 119 63.77 16.98 5.07
N ARG E 120 63.79 17.80 6.10
CA ARG E 120 62.65 17.95 6.99
C ARG E 120 62.02 19.33 6.85
N HIS E 121 62.61 20.14 6.00
CA HIS E 121 62.06 21.44 5.65
C HIS E 121 62.70 21.95 4.38
N VAL E 122 62.00 22.83 3.66
CA VAL E 122 62.57 23.46 2.48
C VAL E 122 63.77 24.29 2.91
N PRO E 123 64.90 24.17 2.19
CA PRO E 123 66.09 24.97 2.44
C PRO E 123 65.75 26.45 2.62
N THR E 124 66.05 26.98 3.80
CA THR E 124 65.54 28.28 4.23
C THR E 124 65.96 29.44 3.32
N GLU E 125 67.20 29.41 2.86
CA GLU E 125 67.71 30.45 1.98
C GLU E 125 68.44 29.87 0.77
N ALA E 126 68.89 28.62 0.92
CA ALA E 126 69.77 27.96 -0.04
C ALA E 126 69.26 27.97 -1.48
N LEU E 127 67.95 28.05 -1.66
CA LEU E 127 67.36 27.95 -2.99
C LEU E 127 67.12 29.32 -3.64
N GLN E 128 67.46 30.39 -2.94
CA GLN E 128 67.09 31.73 -3.37
C GLN E 128 67.93 32.24 -4.55
N ASN E 129 67.27 33.02 -5.41
CA ASN E 129 67.89 33.70 -6.55
C ASN E 129 68.60 32.77 -7.52
N LEU E 130 68.10 31.54 -7.66
CA LEU E 130 68.48 30.70 -8.80
C LEU E 130 67.63 31.14 -9.99
N ARG E 131 68.00 32.28 -10.59
CA ARG E 131 67.19 32.96 -11.57
C ARG E 131 66.74 32.09 -12.75
N SER E 132 67.55 31.10 -13.10
CA SER E 132 67.27 30.25 -14.24
C SER E 132 66.53 28.96 -13.88
N LEU E 133 66.37 28.69 -12.59
CA LEU E 133 65.75 27.44 -12.13
C LEU E 133 64.31 27.29 -12.64
N GLN E 134 64.03 26.18 -13.33
CA GLN E 134 62.75 26.00 -14.01
C GLN E 134 61.89 24.92 -13.38
N SER E 135 62.53 23.83 -12.92
CA SER E 135 61.79 22.72 -12.32
C SER E 135 62.52 22.20 -11.09
N LEU E 136 61.80 22.13 -9.98
CA LEU E 136 62.39 21.74 -8.72
C LEU E 136 61.60 20.60 -8.06
N ARG E 137 62.33 19.54 -7.71
CA ARG E 137 61.70 18.36 -7.14
C ARG E 137 62.11 18.19 -5.67
N LEU E 138 61.14 18.38 -4.77
CA LEU E 138 61.38 18.19 -3.35
C LEU E 138 60.38 17.19 -2.76
N ASP E 139 60.06 16.17 -3.55
CA ASP E 139 59.14 15.13 -3.10
C ASP E 139 59.88 14.02 -2.36
N ALA E 140 59.12 13.13 -1.72
CA ALA E 140 59.65 11.94 -1.06
C ALA E 140 60.66 12.26 0.04
N ASN E 141 60.49 13.40 0.70
CA ASN E 141 61.29 13.71 1.88
C ASN E 141 60.46 13.60 3.15
N HIS E 142 60.94 14.24 4.22
CA HIS E 142 60.16 14.33 5.45
C HIS E 142 59.85 15.78 5.79
N ILE E 143 59.75 16.63 4.77
CA ILE E 143 59.56 18.04 5.02
C ILE E 143 58.17 18.28 5.60
N SER E 144 58.10 19.16 6.59
CA SER E 144 56.86 19.48 7.27
C SER E 144 56.71 20.99 7.39
N TYR E 145 57.82 21.69 7.31
CA TYR E 145 57.81 23.15 7.38
C TYR E 145 58.34 23.77 6.09
N VAL E 146 57.63 24.79 5.61
CA VAL E 146 58.09 25.58 4.47
C VAL E 146 58.27 27.03 4.87
N PRO E 147 59.52 27.44 5.15
CA PRO E 147 59.82 28.81 5.53
C PRO E 147 59.49 29.79 4.40
N PRO E 148 58.79 30.89 4.71
CA PRO E 148 58.41 31.88 3.70
C PRO E 148 59.63 32.51 3.02
N SER E 149 59.47 32.84 1.74
CA SER E 149 60.54 33.42 0.93
C SER E 149 61.79 32.54 0.88
N CYS E 150 61.58 31.23 0.91
CA CYS E 150 62.63 30.28 0.59
C CYS E 150 62.72 30.12 -0.91
N PHE E 151 61.64 30.54 -1.58
CA PHE E 151 61.55 30.49 -3.03
C PHE E 151 61.73 31.88 -3.64
N SER E 152 62.20 32.82 -2.84
CA SER E 152 62.36 34.20 -3.30
C SER E 152 63.37 34.32 -4.43
N GLY E 153 62.97 35.02 -5.49
CA GLY E 153 63.84 35.29 -6.62
C GLY E 153 63.97 34.13 -7.60
N LEU E 154 63.05 33.18 -7.53
CA LEU E 154 62.99 32.10 -8.52
C LEU E 154 62.05 32.46 -9.66
N HIS E 155 62.51 33.37 -10.52
CA HIS E 155 61.66 33.94 -11.57
C HIS E 155 61.33 32.96 -12.69
N SER E 156 62.11 31.88 -12.81
CA SER E 156 61.94 30.95 -13.92
C SER E 156 61.22 29.65 -13.54
N LEU E 157 60.87 29.50 -12.28
CA LEU E 157 60.32 28.24 -11.78
C LEU E 157 58.94 27.94 -12.37
N ARG E 158 58.85 26.84 -13.11
CA ARG E 158 57.59 26.44 -13.74
C ARG E 158 56.97 25.22 -13.08
N HIS E 159 57.80 24.30 -12.60
CA HIS E 159 57.34 23.01 -12.12
C HIS E 159 57.81 22.74 -10.69
N LEU E 160 56.88 22.40 -9.81
CA LEU E 160 57.24 22.16 -8.41
C LEU E 160 56.65 20.88 -7.80
N TRP E 161 57.53 20.05 -7.27
CA TRP E 161 57.13 18.81 -6.62
C TRP E 161 57.25 18.90 -5.11
N LEU E 162 56.18 18.59 -4.39
CA LEU E 162 56.21 18.53 -2.94
C LEU E 162 55.31 17.42 -2.42
N ASP E 163 55.28 16.30 -3.13
CA ASP E 163 54.47 15.16 -2.74
C ASP E 163 55.26 14.21 -1.85
N ASP E 164 54.56 13.29 -1.19
CA ASP E 164 55.17 12.27 -0.33
C ASP E 164 55.94 12.96 0.79
N ASN E 165 55.40 14.07 1.28
CA ASN E 165 55.99 14.80 2.39
C ASN E 165 55.02 14.87 3.56
N ALA E 166 55.42 15.55 4.64
CA ALA E 166 54.59 15.63 5.83
C ALA E 166 54.04 17.05 6.07
N LEU E 167 53.64 17.72 5.00
CA LEU E 167 53.02 19.04 5.14
C LEU E 167 51.70 18.96 5.90
N THR E 168 51.30 20.08 6.49
CA THR E 168 50.11 20.13 7.32
C THR E 168 49.18 21.24 6.83
N GLU E 169 49.77 22.29 6.26
CA GLU E 169 48.99 23.41 5.74
C GLU E 169 49.59 23.90 4.43
N ILE E 170 48.80 24.66 3.69
CA ILE E 170 49.31 25.32 2.49
C ILE E 170 50.26 26.44 2.88
N PRO E 171 51.52 26.36 2.44
CA PRO E 171 52.39 27.51 2.69
C PRO E 171 52.04 28.64 1.73
N VAL E 172 50.91 29.30 1.99
CA VAL E 172 50.37 30.33 1.12
C VAL E 172 51.34 31.50 0.98
N GLN E 173 51.97 31.87 2.10
CA GLN E 173 52.94 32.96 2.10
C GLN E 173 54.11 32.68 1.15
N ALA E 174 54.73 31.51 1.28
CA ALA E 174 55.87 31.12 0.45
C ALA E 174 55.49 31.00 -1.03
N PHE E 175 54.28 30.53 -1.29
CA PHE E 175 53.82 30.31 -2.65
C PHE E 175 53.50 31.60 -3.40
N ARG E 176 53.43 32.72 -2.70
CA ARG E 176 52.95 33.94 -3.33
C ARG E 176 53.94 34.48 -4.36
N SER E 177 55.22 34.22 -4.16
CA SER E 177 56.24 34.77 -5.05
C SER E 177 56.28 34.03 -6.39
N LEU E 178 55.87 32.78 -6.37
CA LEU E 178 55.96 31.91 -7.55
C LEU E 178 54.85 32.19 -8.56
N SER E 179 54.87 33.36 -9.20
CA SER E 179 53.84 33.71 -10.17
C SER E 179 54.11 33.10 -11.53
N ALA E 180 55.21 32.35 -11.65
CA ALA E 180 55.58 31.73 -12.92
C ALA E 180 55.27 30.24 -12.93
N LEU E 181 54.87 29.72 -11.77
CA LEU E 181 54.54 28.30 -11.62
C LEU E 181 53.46 27.89 -12.61
N GLN E 182 53.63 26.72 -13.22
CA GLN E 182 52.64 26.19 -14.16
C GLN E 182 52.08 24.85 -13.68
N ALA E 183 52.83 24.16 -12.83
CA ALA E 183 52.41 22.87 -12.31
C ALA E 183 52.94 22.63 -10.90
N MET E 184 52.08 22.12 -10.03
CA MET E 184 52.50 21.89 -8.65
C MET E 184 51.82 20.66 -8.03
N THR E 185 52.58 19.91 -7.25
CA THR E 185 52.03 18.75 -6.56
C THR E 185 52.21 18.82 -5.05
N LEU E 186 51.09 18.90 -4.34
CA LEU E 186 51.11 18.87 -2.89
C LEU E 186 50.41 17.60 -2.42
N ALA E 187 50.48 16.57 -3.25
CA ALA E 187 49.83 15.30 -2.98
C ALA E 187 50.57 14.51 -1.90
N LEU E 188 49.94 13.43 -1.45
CA LEU E 188 50.51 12.55 -0.42
C LEU E 188 51.11 13.31 0.76
N ASN E 189 50.39 14.32 1.24
CA ASN E 189 50.76 15.03 2.46
C ASN E 189 49.67 14.86 3.51
N LYS E 190 49.66 15.74 4.50
CA LYS E 190 48.66 15.68 5.55
C LYS E 190 47.86 16.99 5.64
N ILE E 191 47.76 17.70 4.52
CA ILE E 191 47.01 18.95 4.46
C ILE E 191 45.52 18.70 4.73
N HIS E 192 44.97 19.41 5.70
CA HIS E 192 43.59 19.17 6.13
C HIS E 192 42.62 20.29 5.74
N HIS E 193 43.17 21.45 5.40
CA HIS E 193 42.31 22.61 5.12
C HIS E 193 42.95 23.55 4.10
N ILE E 194 42.12 24.16 3.26
CA ILE E 194 42.60 25.14 2.28
C ILE E 194 41.96 26.51 2.55
N PRO E 195 42.75 27.45 3.06
CA PRO E 195 42.29 28.81 3.33
C PRO E 195 41.89 29.54 2.06
N ASP E 196 41.11 30.61 2.19
CA ASP E 196 40.78 31.45 1.04
C ASP E 196 42.02 32.09 0.44
N TYR E 197 42.05 32.20 -0.88
CA TYR E 197 43.17 32.79 -1.61
C TYR E 197 44.50 32.12 -1.26
N ALA E 198 44.46 30.83 -0.96
CA ALA E 198 45.66 30.10 -0.55
C ALA E 198 46.73 30.04 -1.65
N PHE E 199 46.31 30.25 -2.89
CA PHE E 199 47.23 30.26 -4.02
C PHE E 199 47.07 31.53 -4.84
N GLY E 200 46.94 32.67 -4.15
CA GLY E 200 46.66 33.96 -4.76
C GLY E 200 47.42 34.36 -6.02
N ASN E 201 48.73 34.57 -5.89
CA ASN E 201 49.53 35.19 -6.95
C ASN E 201 49.81 34.25 -8.12
N LEU E 202 49.45 32.97 -7.97
CA LEU E 202 49.76 31.95 -8.97
C LEU E 202 48.86 32.04 -10.20
N SER E 203 48.91 33.17 -10.90
CA SER E 203 48.06 33.39 -12.07
C SER E 203 48.39 32.47 -13.25
N SER E 204 49.65 32.04 -13.34
CA SER E 204 50.12 31.24 -14.47
C SER E 204 49.92 29.74 -14.29
N LEU E 205 49.58 29.33 -13.07
CA LEU E 205 49.42 27.92 -12.73
C LEU E 205 48.37 27.22 -13.58
N VAL E 206 48.69 26.03 -14.07
CA VAL E 206 47.82 25.30 -14.98
C VAL E 206 47.37 23.96 -14.39
N VAL E 207 48.23 23.35 -13.59
CA VAL E 207 47.98 22.00 -13.10
C VAL E 207 48.22 21.89 -11.60
N LEU E 208 47.17 21.59 -10.84
CA LEU E 208 47.30 21.53 -9.39
C LEU E 208 46.86 20.17 -8.84
N HIS E 209 47.76 19.54 -8.08
CA HIS E 209 47.50 18.20 -7.57
C HIS E 209 47.50 18.15 -6.04
N LEU E 210 46.33 17.95 -5.46
CA LEU E 210 46.14 17.95 -4.02
C LEU E 210 45.67 16.61 -3.49
N HIS E 211 45.69 15.59 -4.35
CA HIS E 211 45.13 14.29 -4.00
C HIS E 211 45.88 13.59 -2.86
N ASN E 212 45.30 12.52 -2.35
CA ASN E 212 45.84 11.75 -1.23
C ASN E 212 46.29 12.61 -0.05
N ASN E 213 45.43 13.54 0.34
CA ASN E 213 45.65 14.36 1.53
C ASN E 213 44.57 14.06 2.56
N ARG E 214 44.56 14.83 3.65
CA ARG E 214 43.46 14.74 4.60
C ARG E 214 42.59 15.98 4.58
N ILE E 215 42.37 16.53 3.38
CA ILE E 215 41.60 17.75 3.21
C ILE E 215 40.17 17.52 3.64
N HIS E 216 39.77 18.16 4.73
CA HIS E 216 38.45 17.95 5.30
C HIS E 216 37.52 19.09 4.94
N SER E 217 38.08 20.30 4.89
CA SER E 217 37.30 21.49 4.55
C SER E 217 38.11 22.51 3.77
N LEU E 218 37.50 23.18 2.80
CA LEU E 218 38.17 24.20 2.03
C LEU E 218 37.28 25.44 1.83
N GLY E 219 37.90 26.62 1.88
CA GLY E 219 37.19 27.88 1.76
C GLY E 219 36.36 28.07 0.50
N LYS E 220 35.49 29.07 0.52
CA LYS E 220 34.62 29.34 -0.62
C LYS E 220 35.36 30.09 -1.72
N LYS E 221 36.48 30.71 -1.34
CA LYS E 221 37.30 31.46 -2.27
C LYS E 221 38.74 30.97 -2.26
N CYS E 222 38.92 29.67 -2.04
CA CYS E 222 40.24 29.11 -1.81
C CYS E 222 41.06 28.89 -3.09
N PHE E 223 40.40 28.91 -4.24
CA PHE E 223 41.10 28.75 -5.52
C PHE E 223 41.01 29.99 -6.40
N ASP E 224 40.66 31.12 -5.81
CA ASP E 224 40.27 32.30 -6.58
C ASP E 224 41.43 32.94 -7.35
N GLY E 225 42.65 32.63 -6.93
CA GLY E 225 43.84 33.16 -7.59
C GLY E 225 44.04 32.74 -9.03
N LEU E 226 44.17 31.43 -9.26
CA LEU E 226 44.69 30.91 -10.52
C LEU E 226 43.65 30.83 -11.65
N HIS E 227 43.67 31.82 -12.53
CA HIS E 227 42.73 31.87 -13.65
C HIS E 227 43.16 30.94 -14.79
N SER E 228 44.44 30.62 -14.86
CA SER E 228 44.98 29.80 -15.94
C SER E 228 44.90 28.30 -15.65
N LEU E 229 44.29 27.95 -14.52
CA LEU E 229 44.21 26.56 -14.09
C LEU E 229 43.30 25.74 -15.01
N GLU E 230 43.79 24.60 -15.45
CA GLU E 230 43.03 23.74 -16.35
C GLU E 230 42.68 22.40 -15.69
N THR E 231 43.56 21.91 -14.82
CA THR E 231 43.30 20.63 -14.15
C THR E 231 43.50 20.68 -12.63
N LEU E 232 42.52 20.13 -11.92
CA LEU E 232 42.49 20.16 -10.46
C LEU E 232 42.23 18.76 -9.92
N ASP E 233 43.15 18.27 -9.11
CA ASP E 233 43.02 16.93 -8.56
C ASP E 233 42.80 16.95 -7.05
N LEU E 234 41.55 16.74 -6.63
CA LEU E 234 41.19 16.69 -5.22
C LEU E 234 40.87 15.26 -4.76
N ASN E 235 41.14 14.29 -5.63
CA ASN E 235 40.82 12.89 -5.38
C ASN E 235 41.42 12.31 -4.10
N TYR E 236 40.88 11.17 -3.66
CA TYR E 236 41.37 10.44 -2.50
C TYR E 236 41.54 11.33 -1.27
N ASN E 237 40.49 12.06 -0.93
CA ASN E 237 40.52 12.97 0.22
C ASN E 237 39.32 12.77 1.14
N ASN E 238 39.21 13.60 2.16
CA ASN E 238 38.16 13.48 3.15
C ASN E 238 37.16 14.65 3.13
N LEU E 239 36.82 15.12 1.94
CA LEU E 239 35.86 16.22 1.80
C LEU E 239 34.45 15.78 2.20
N ASP E 240 33.72 16.67 2.88
CA ASP E 240 32.37 16.36 3.29
C ASP E 240 31.32 16.97 2.35
N GLU E 241 31.66 18.07 1.69
CA GLU E 241 30.73 18.69 0.75
C GLU E 241 31.43 19.12 -0.54
N PHE E 242 30.62 19.31 -1.58
CA PHE E 242 31.07 19.84 -2.87
C PHE E 242 31.93 21.10 -2.73
N PRO E 243 33.04 21.16 -3.48
CA PRO E 243 33.95 22.31 -3.52
C PRO E 243 33.47 23.42 -4.45
N THR E 244 32.79 24.42 -3.90
CA THR E 244 32.22 25.48 -4.71
C THR E 244 33.25 26.52 -5.16
N ALA E 245 34.46 26.48 -4.60
CA ALA E 245 35.52 27.38 -5.06
C ALA E 245 35.74 27.22 -6.56
N ILE E 246 35.50 26.00 -7.03
CA ILE E 246 35.47 25.64 -8.44
C ILE E 246 34.85 26.73 -9.33
N ARG E 247 33.87 27.47 -8.79
CA ARG E 247 33.16 28.50 -9.55
C ARG E 247 34.11 29.45 -10.28
N THR E 248 35.25 29.75 -9.66
CA THR E 248 36.10 30.83 -10.18
C THR E 248 37.05 30.37 -11.30
N LEU E 249 37.19 29.05 -11.46
CA LEU E 249 38.14 28.49 -12.43
C LEU E 249 37.55 28.35 -13.83
N SER E 250 37.47 29.45 -14.57
CA SER E 250 36.79 29.46 -15.87
C SER E 250 37.49 28.59 -16.92
N ASN E 251 38.83 28.55 -16.88
CA ASN E 251 39.60 27.78 -17.84
C ASN E 251 39.82 26.32 -17.43
N LEU E 252 39.15 25.89 -16.37
CA LEU E 252 39.24 24.51 -15.92
C LEU E 252 38.78 23.53 -16.99
N LYS E 253 39.54 22.44 -17.13
CA LYS E 253 39.28 21.44 -18.16
C LYS E 253 39.02 20.07 -17.53
N GLU E 254 39.90 19.66 -16.62
CA GLU E 254 39.77 18.37 -15.98
C GLU E 254 39.66 18.52 -14.47
N LEU E 255 38.67 17.85 -13.90
CA LEU E 255 38.35 18.02 -12.49
C LEU E 255 38.14 16.67 -11.83
N GLY E 256 38.86 16.43 -10.73
CA GLY E 256 38.69 15.19 -10.00
C GLY E 256 38.57 15.42 -8.51
N PHE E 257 37.46 14.95 -7.94
CA PHE E 257 37.30 14.93 -6.50
C PHE E 257 36.64 13.63 -6.05
N HIS E 258 37.04 12.53 -6.67
CA HIS E 258 36.48 11.22 -6.35
C HIS E 258 37.12 10.65 -5.08
N SER E 259 36.51 9.57 -4.57
CA SER E 259 36.99 8.89 -3.37
C SER E 259 37.01 9.81 -2.14
N ASN E 260 36.04 10.71 -2.09
CA ASN E 260 35.82 11.52 -0.89
C ASN E 260 34.60 11.04 -0.14
N ASN E 261 34.04 11.90 0.70
CA ASN E 261 32.82 11.57 1.44
C ASN E 261 31.73 12.61 1.20
N ILE E 262 31.70 13.15 -0.01
CA ILE E 262 30.70 14.14 -0.40
C ILE E 262 29.34 13.46 -0.56
N ARG E 263 28.26 14.18 -0.25
CA ARG E 263 26.94 13.59 -0.19
C ARG E 263 26.00 14.09 -1.27
N SER E 264 26.28 15.28 -1.81
CA SER E 264 25.40 15.87 -2.81
C SER E 264 26.10 16.88 -3.73
N ILE E 265 25.58 17.01 -4.95
CA ILE E 265 26.01 18.05 -5.88
C ILE E 265 24.93 19.12 -5.97
N PRO E 266 25.31 20.37 -5.68
CA PRO E 266 24.35 21.48 -5.67
C PRO E 266 23.89 21.90 -7.07
N GLU E 267 22.73 22.56 -7.14
CA GLU E 267 22.25 23.15 -8.38
C GLU E 267 23.28 24.10 -8.96
N LYS E 268 23.40 24.11 -10.29
CA LYS E 268 24.36 24.96 -10.99
C LYS E 268 25.77 24.85 -10.39
N ALA E 269 26.24 23.62 -10.24
CA ALA E 269 27.52 23.38 -9.58
C ALA E 269 28.71 23.74 -10.48
N PHE E 270 28.57 23.46 -11.77
CA PHE E 270 29.66 23.67 -12.70
C PHE E 270 29.35 24.79 -13.70
N VAL E 271 28.44 25.68 -13.30
CA VAL E 271 28.10 26.86 -14.10
C VAL E 271 29.33 27.72 -14.37
N GLY E 272 30.24 27.78 -13.41
CA GLY E 272 31.42 28.62 -13.53
C GLY E 272 32.52 28.06 -14.40
N ASN E 273 32.35 26.84 -14.89
CA ASN E 273 33.42 26.17 -15.62
C ASN E 273 32.98 25.48 -16.90
N PRO E 274 32.58 26.25 -17.91
CA PRO E 274 32.41 25.63 -19.24
C PRO E 274 33.75 25.18 -19.78
N SER E 275 33.74 24.51 -20.93
CA SER E 275 34.94 23.89 -21.50
C SER E 275 35.55 22.87 -20.55
N LEU E 276 34.74 22.36 -19.62
CA LEU E 276 35.10 21.18 -18.85
C LEU E 276 34.99 19.96 -19.76
N ILE E 277 35.90 19.02 -19.61
CA ILE E 277 35.91 17.86 -20.48
C ILE E 277 35.74 16.56 -19.69
N THR E 278 36.53 16.40 -18.63
CA THR E 278 36.42 15.21 -17.78
C THR E 278 36.20 15.56 -16.32
N ILE E 279 35.23 14.87 -15.72
CA ILE E 279 34.83 15.09 -14.33
C ILE E 279 34.76 13.76 -13.61
N HIS E 280 35.46 13.65 -12.49
CA HIS E 280 35.45 12.41 -11.72
C HIS E 280 34.95 12.65 -10.30
N PHE E 281 33.82 12.06 -9.97
CA PHE E 281 33.27 12.17 -8.62
C PHE E 281 32.72 10.86 -8.10
N TYR E 282 33.17 9.75 -8.69
CA TYR E 282 32.79 8.43 -8.22
C TYR E 282 33.38 8.14 -6.84
N ASP E 283 33.04 6.98 -6.28
CA ASP E 283 33.41 6.63 -4.90
C ASP E 283 33.09 7.73 -3.89
N ASN E 284 32.13 8.57 -4.27
CA ASN E 284 31.50 9.51 -3.36
C ASN E 284 30.08 9.04 -3.12
N PRO E 285 29.66 8.94 -1.85
CA PRO E 285 28.29 8.51 -1.57
C PRO E 285 27.29 9.60 -1.95
N ILE E 286 27.19 9.87 -3.24
CA ILE E 286 26.31 10.92 -3.75
C ILE E 286 24.86 10.46 -3.74
N GLN E 287 24.02 11.20 -3.04
CA GLN E 287 22.61 10.84 -2.93
C GLN E 287 21.74 11.80 -3.73
N PHE E 288 22.05 13.09 -3.66
CA PHE E 288 21.33 14.07 -4.47
C PHE E 288 22.22 14.79 -5.48
N VAL E 289 21.61 15.15 -6.61
CA VAL E 289 22.24 15.94 -7.65
C VAL E 289 21.21 16.93 -8.19
N GLY E 290 21.57 18.22 -8.23
CA GLY E 290 20.68 19.22 -8.77
C GLY E 290 20.37 18.92 -10.22
N ARG E 291 19.16 19.27 -10.67
CA ARG E 291 18.79 19.01 -12.06
C ARG E 291 19.60 19.88 -13.02
N SER E 292 19.78 21.16 -12.67
CA SER E 292 20.54 22.09 -13.50
C SER E 292 22.05 21.99 -13.26
N ALA E 293 22.46 21.09 -12.38
CA ALA E 293 23.85 20.98 -11.96
C ALA E 293 24.85 20.73 -13.10
N PHE E 294 24.40 20.07 -14.16
CA PHE E 294 25.26 19.76 -15.30
C PHE E 294 24.88 20.54 -16.55
N GLN E 295 24.47 21.79 -16.37
CA GLN E 295 24.12 22.64 -17.50
C GLN E 295 25.34 23.33 -18.11
N HIS E 296 25.26 23.62 -19.41
CA HIS E 296 26.27 24.37 -20.15
C HIS E 296 27.69 23.82 -20.01
N LEU E 297 27.88 22.59 -20.47
CA LEU E 297 29.21 22.01 -20.62
C LEU E 297 29.31 21.35 -21.98
N PRO E 298 29.46 22.17 -23.04
CA PRO E 298 29.39 21.70 -24.43
C PRO E 298 30.47 20.68 -24.80
N GLU E 299 31.56 20.66 -24.04
CA GLU E 299 32.65 19.74 -24.34
C GLU E 299 32.57 18.47 -23.51
N LEU E 300 31.58 18.39 -22.62
CA LEU E 300 31.37 17.19 -21.81
C LEU E 300 30.76 16.08 -22.66
N ARG E 301 31.36 14.90 -22.61
CA ARG E 301 30.97 13.80 -23.49
C ARG E 301 30.24 12.65 -22.80
N THR E 302 30.51 12.45 -21.51
CA THR E 302 29.95 11.31 -20.80
C THR E 302 29.46 11.69 -19.40
N LEU E 303 28.30 11.16 -19.01
CA LEU E 303 27.76 11.44 -17.68
C LEU E 303 27.24 10.15 -17.02
N THR E 304 27.76 9.87 -15.83
CA THR E 304 27.41 8.67 -15.10
C THR E 304 27.01 9.01 -13.66
N LEU E 305 25.84 8.54 -13.26
CA LEU E 305 25.22 8.89 -11.99
C LEU E 305 24.59 7.65 -11.35
N ASN E 306 25.36 6.97 -10.50
CA ASN E 306 24.90 5.72 -9.90
C ASN E 306 24.43 5.87 -8.45
N GLY E 307 23.22 5.41 -8.18
CA GLY E 307 22.71 5.30 -6.83
C GLY E 307 22.39 6.61 -6.14
N ALA E 308 22.01 7.61 -6.91
CA ALA E 308 21.58 8.89 -6.35
C ALA E 308 20.10 8.81 -6.01
N SER E 309 19.80 8.10 -4.92
CA SER E 309 18.43 7.79 -4.51
C SER E 309 17.50 8.98 -4.45
N GLN E 310 18.06 10.14 -4.12
CA GLN E 310 17.26 11.32 -3.80
C GLN E 310 16.90 12.13 -5.05
N ILE E 311 17.37 11.69 -6.21
CA ILE E 311 16.98 12.27 -7.49
C ILE E 311 15.58 11.80 -7.89
N THR E 312 14.68 12.75 -8.11
CA THR E 312 13.30 12.42 -8.44
C THR E 312 12.94 12.87 -9.85
N GLU E 313 13.73 13.78 -10.40
CA GLU E 313 13.51 14.29 -11.75
C GLU E 313 14.73 14.14 -12.65
N PHE E 314 14.48 13.93 -13.93
CA PHE E 314 15.53 13.90 -14.95
C PHE E 314 16.23 15.25 -14.99
N PRO E 315 17.57 15.24 -15.06
CA PRO E 315 18.32 16.51 -14.99
C PRO E 315 18.23 17.32 -16.29
N ASP E 316 18.31 18.64 -16.16
CA ASP E 316 18.32 19.51 -17.33
C ASP E 316 19.73 19.56 -17.91
N LEU E 317 19.82 19.50 -19.24
CA LEU E 317 21.10 19.50 -19.92
C LEU E 317 21.14 20.54 -21.03
N THR E 318 20.74 21.77 -20.71
CA THR E 318 20.76 22.87 -21.67
C THR E 318 22.19 23.32 -21.94
N GLY E 319 22.51 23.48 -23.23
CA GLY E 319 23.82 23.93 -23.65
C GLY E 319 24.89 22.87 -23.47
N THR E 320 24.46 21.65 -23.21
CA THR E 320 25.38 20.51 -23.14
C THR E 320 24.78 19.33 -23.88
N ALA E 321 24.73 19.46 -25.21
CA ALA E 321 24.03 18.50 -26.06
C ALA E 321 24.96 17.43 -26.60
N ASN E 322 26.26 17.59 -26.38
CA ASN E 322 27.25 16.70 -26.97
C ASN E 322 27.55 15.49 -26.11
N LEU E 323 26.62 15.14 -25.23
CA LEU E 323 26.73 13.90 -24.46
C LEU E 323 26.59 12.70 -25.39
N GLU E 324 27.47 11.72 -25.22
CA GLU E 324 27.45 10.52 -26.05
C GLU E 324 27.05 9.28 -25.23
N SER E 325 27.30 9.34 -23.93
CA SER E 325 26.95 8.23 -23.05
C SER E 325 26.31 8.76 -21.76
N LEU E 326 25.03 8.47 -21.58
CA LEU E 326 24.34 8.89 -20.37
C LEU E 326 23.80 7.70 -19.60
N THR E 327 24.31 7.50 -18.39
CA THR E 327 23.81 6.45 -17.52
C THR E 327 23.47 7.05 -16.16
N LEU E 328 22.26 6.79 -15.69
CA LEU E 328 21.76 7.34 -14.43
C LEU E 328 20.83 6.32 -13.79
N THR E 329 21.29 5.70 -12.72
CA THR E 329 20.59 4.56 -12.12
C THR E 329 20.41 4.72 -10.61
N GLY E 330 19.60 3.83 -10.04
CA GLY E 330 19.42 3.76 -8.60
C GLY E 330 18.72 4.96 -7.98
N ALA E 331 17.84 5.60 -8.74
CA ALA E 331 17.14 6.78 -8.23
C ALA E 331 15.63 6.56 -8.21
N GLN E 332 14.88 7.65 -8.16
CA GLN E 332 13.43 7.58 -8.06
C GLN E 332 12.75 8.36 -9.19
N ILE E 333 13.39 8.38 -10.35
CA ILE E 333 12.88 9.13 -11.49
C ILE E 333 11.56 8.50 -11.97
N SER E 334 10.50 9.32 -11.97
CA SER E 334 9.16 8.82 -12.24
C SER E 334 8.85 8.78 -13.72
N SER E 335 9.32 9.78 -14.45
CA SER E 335 9.02 9.91 -15.87
C SER E 335 9.97 10.88 -16.55
N LEU E 336 9.93 10.92 -17.87
CA LEU E 336 10.81 11.76 -18.66
C LEU E 336 10.03 12.84 -19.40
N PRO E 337 10.59 14.05 -19.49
CA PRO E 337 10.05 15.07 -20.39
C PRO E 337 9.84 14.46 -21.77
N GLN E 338 8.73 14.76 -22.43
CA GLN E 338 8.42 14.09 -23.69
C GLN E 338 9.37 14.55 -24.80
N THR E 339 9.91 15.75 -24.67
CA THR E 339 10.94 16.21 -25.59
C THR E 339 12.31 16.13 -24.92
N VAL E 340 12.56 15.03 -24.22
CA VAL E 340 13.85 14.80 -23.56
C VAL E 340 14.98 14.56 -24.57
N CYS E 341 14.65 13.90 -25.67
CA CYS E 341 15.62 13.55 -26.69
C CYS E 341 16.15 14.77 -27.44
N ASN E 342 15.33 15.82 -27.51
CA ASN E 342 15.74 17.08 -28.12
C ASN E 342 17.03 17.63 -27.52
N GLN E 343 17.24 17.35 -26.25
CA GLN E 343 18.46 17.76 -25.56
C GLN E 343 19.59 16.77 -25.76
N LEU E 344 19.30 15.62 -26.37
CA LEU E 344 20.27 14.52 -26.44
C LEU E 344 20.53 13.96 -27.85
N PRO E 345 20.83 14.82 -28.83
CA PRO E 345 21.43 14.17 -30.00
C PRO E 345 22.88 13.83 -29.67
N ASN E 346 23.57 13.13 -30.56
CA ASN E 346 24.93 12.63 -30.32
C ASN E 346 25.00 11.54 -29.23
N LEU E 347 23.94 11.40 -28.46
CA LEU E 347 23.85 10.36 -27.44
C LEU E 347 23.84 8.99 -28.10
N GLN E 348 24.61 8.06 -27.55
CA GLN E 348 24.75 6.74 -28.16
C GLN E 348 24.29 5.62 -27.23
N VAL E 349 24.58 5.74 -25.95
CA VAL E 349 24.14 4.74 -24.98
C VAL E 349 23.36 5.43 -23.86
N LEU E 350 22.20 4.86 -23.53
CA LEU E 350 21.33 5.42 -22.51
C LEU E 350 20.93 4.33 -21.53
N ASP E 351 21.33 4.50 -20.27
CA ASP E 351 21.04 3.50 -19.25
C ASP E 351 20.31 4.13 -18.07
N LEU E 352 19.01 3.87 -17.98
CA LEU E 352 18.21 4.41 -16.90
C LEU E 352 17.60 3.30 -16.05
N SER E 353 18.34 2.20 -15.93
CA SER E 353 17.89 1.05 -15.15
C SER E 353 17.69 1.40 -13.67
N TYR E 354 16.85 0.62 -13.01
CA TYR E 354 16.64 0.74 -11.57
C TYR E 354 16.14 2.11 -11.15
N ASN E 355 15.04 2.51 -11.76
CA ASN E 355 14.32 3.72 -11.40
C ASN E 355 12.84 3.37 -11.31
N LEU E 356 11.98 4.38 -11.31
CA LEU E 356 10.54 4.13 -11.29
C LEU E 356 9.87 4.72 -12.52
N LEU E 357 10.11 4.13 -13.68
CA LEU E 357 9.57 4.65 -14.93
C LEU E 357 8.36 3.85 -15.39
N GLU E 358 7.29 4.55 -15.77
CA GLU E 358 6.06 3.89 -16.18
C GLU E 358 5.76 4.15 -17.65
N ASP E 359 5.62 5.42 -18.00
CA ASP E 359 5.43 5.80 -19.39
C ASP E 359 6.76 6.23 -20.00
N LEU E 360 6.86 6.13 -21.33
CA LEU E 360 8.09 6.47 -22.02
C LEU E 360 7.84 7.43 -23.17
N PRO E 361 8.72 8.43 -23.33
CA PRO E 361 8.65 9.38 -24.45
C PRO E 361 8.99 8.74 -25.78
N SER E 362 9.09 9.55 -26.84
CA SER E 362 9.22 9.04 -28.20
C SER E 362 10.54 8.33 -28.47
N PHE E 363 11.63 8.89 -27.94
CA PHE E 363 12.99 8.38 -28.17
C PHE E 363 13.41 8.41 -29.66
N SER E 364 12.48 8.77 -30.54
CA SER E 364 12.75 8.80 -31.97
C SER E 364 13.76 9.89 -32.32
N VAL E 365 13.70 10.99 -31.59
CA VAL E 365 14.60 12.11 -31.84
C VAL E 365 16.03 11.74 -31.47
N CYS E 366 16.16 10.83 -30.51
CA CYS E 366 17.47 10.38 -30.05
C CYS E 366 18.10 9.33 -30.98
N GLN E 367 18.27 9.68 -32.25
CA GLN E 367 19.07 8.83 -33.14
C GLN E 367 20.52 8.84 -32.69
N LYS E 368 21.34 8.00 -33.33
CA LYS E 368 22.73 7.73 -32.92
C LYS E 368 22.74 6.85 -31.66
N LEU E 369 21.56 6.64 -31.07
CA LEU E 369 21.41 5.73 -29.96
C LEU E 369 21.72 4.31 -30.41
N GLN E 370 22.68 3.68 -29.75
CA GLN E 370 23.06 2.32 -30.10
C GLN E 370 22.69 1.32 -29.00
N LYS E 371 22.67 1.78 -27.77
CA LYS E 371 22.38 0.88 -26.66
C LYS E 371 21.40 1.52 -25.66
N ILE E 372 20.44 0.72 -25.19
CA ILE E 372 19.44 1.18 -24.22
C ILE E 372 19.20 0.15 -23.13
N ASP E 373 19.24 0.60 -21.88
CA ASP E 373 19.06 -0.29 -20.75
C ASP E 373 18.02 0.29 -19.79
N LEU E 374 16.82 -0.29 -19.80
CA LEU E 374 15.71 0.24 -19.03
C LEU E 374 15.15 -0.81 -18.07
N ARG E 375 16.00 -1.76 -17.68
CA ARG E 375 15.57 -2.84 -16.81
C ARG E 375 15.24 -2.36 -15.39
N HIS E 376 14.50 -3.19 -14.67
CA HIS E 376 14.04 -2.91 -13.31
C HIS E 376 13.42 -1.52 -13.16
N ASN E 377 12.57 -1.18 -14.11
CA ASN E 377 11.69 -0.03 -14.02
C ASN E 377 10.27 -0.59 -13.90
N GLU E 378 9.28 0.25 -13.65
CA GLU E 378 7.91 -0.24 -13.59
C GLU E 378 7.12 0.17 -14.84
N ILE E 379 7.58 -0.30 -15.99
CA ILE E 379 6.98 0.03 -17.28
C ILE E 379 5.91 -0.99 -17.62
N TYR E 380 4.71 -0.52 -17.95
CA TYR E 380 3.58 -1.42 -18.17
C TYR E 380 3.24 -1.60 -19.65
N GLU E 381 3.74 -0.72 -20.51
CA GLU E 381 3.34 -0.73 -21.91
C GLU E 381 4.43 -0.14 -22.82
N ILE E 382 4.52 -0.70 -24.03
CA ILE E 382 5.45 -0.20 -25.04
C ILE E 382 4.64 0.25 -26.24
N LYS E 383 4.54 1.57 -26.41
CA LYS E 383 3.71 2.15 -27.46
C LYS E 383 4.38 2.02 -28.82
N VAL E 384 3.78 2.63 -29.84
CA VAL E 384 4.30 2.48 -31.19
C VAL E 384 5.50 3.37 -31.43
N ASP E 385 5.33 4.67 -31.22
CA ASP E 385 6.35 5.66 -31.54
C ASP E 385 7.54 5.64 -30.58
N THR E 386 7.40 4.92 -29.47
CA THR E 386 8.40 4.95 -28.40
C THR E 386 9.76 4.38 -28.80
N PHE E 387 9.83 3.72 -29.96
CA PHE E 387 11.11 3.26 -30.49
C PHE E 387 11.18 3.36 -32.01
N GLN E 388 10.44 4.31 -32.58
CA GLN E 388 10.42 4.47 -34.03
C GLN E 388 11.68 5.18 -34.53
N GLN E 389 12.19 4.73 -35.66
CA GLN E 389 13.30 5.35 -36.36
C GLN E 389 14.59 5.39 -35.52
N LEU E 390 14.87 4.27 -34.85
CA LEU E 390 16.13 4.13 -34.13
C LEU E 390 17.06 3.21 -34.93
N LEU E 391 17.56 3.75 -36.03
CA LEU E 391 18.27 2.97 -37.04
C LEU E 391 19.62 2.45 -36.56
N SER E 392 20.21 3.12 -35.58
CA SER E 392 21.52 2.72 -35.06
C SER E 392 21.42 1.82 -33.83
N LEU E 393 20.21 1.68 -33.29
CA LEU E 393 20.00 0.91 -32.07
C LEU E 393 20.32 -0.57 -32.28
N ARG E 394 21.24 -1.09 -31.47
CA ARG E 394 21.64 -2.48 -31.57
C ARG E 394 21.20 -3.32 -30.37
N SER E 395 21.23 -2.73 -29.18
CA SER E 395 20.91 -3.48 -27.96
C SER E 395 19.81 -2.79 -27.15
N LEU E 396 18.76 -3.56 -26.84
CA LEU E 396 17.64 -3.04 -26.05
C LEU E 396 17.28 -3.97 -24.89
N ASN E 397 17.42 -3.47 -23.67
CA ASN E 397 17.06 -4.25 -22.49
C ASN E 397 15.85 -3.65 -21.77
N LEU E 398 14.75 -4.39 -21.75
CA LEU E 398 13.56 -3.96 -21.02
C LEU E 398 13.16 -5.00 -19.98
N ALA E 399 14.12 -5.81 -19.55
CA ALA E 399 13.85 -6.89 -18.61
C ALA E 399 13.35 -6.36 -17.27
N TRP E 400 12.67 -7.22 -16.53
CA TRP E 400 12.16 -6.90 -15.20
C TRP E 400 11.37 -5.59 -15.16
N ASN E 401 10.50 -5.42 -16.14
CA ASN E 401 9.51 -4.36 -16.13
C ASN E 401 8.19 -5.07 -15.91
N LYS E 402 7.08 -4.33 -15.87
CA LYS E 402 5.78 -4.98 -15.78
C LYS E 402 4.99 -4.74 -17.07
N ILE E 403 5.66 -4.97 -18.20
CA ILE E 403 5.11 -4.66 -19.52
C ILE E 403 3.99 -5.61 -19.90
N ALA E 404 2.75 -5.15 -19.80
CA ALA E 404 1.60 -6.01 -20.05
C ALA E 404 1.35 -6.23 -21.53
N ILE E 405 1.77 -5.28 -22.35
CA ILE E 405 1.45 -5.33 -23.77
C ILE E 405 2.47 -4.54 -24.60
N ILE E 406 2.75 -5.02 -25.81
CA ILE E 406 3.62 -4.32 -26.74
C ILE E 406 2.87 -4.19 -28.05
N HIS E 407 2.75 -2.95 -28.54
CA HIS E 407 2.15 -2.72 -29.85
C HIS E 407 3.02 -3.41 -30.90
N PRO E 408 2.37 -4.16 -31.80
CA PRO E 408 3.06 -5.00 -32.80
C PRO E 408 4.17 -4.29 -33.57
N ASN E 409 3.89 -3.09 -34.06
CA ASN E 409 4.84 -2.37 -34.90
C ASN E 409 5.87 -1.52 -34.13
N ALA E 410 5.88 -1.67 -32.81
CA ALA E 410 6.88 -0.98 -31.97
C ALA E 410 8.31 -1.24 -32.45
N PHE E 411 8.57 -2.47 -32.91
CA PHE E 411 9.90 -2.89 -33.31
C PHE E 411 10.04 -2.97 -34.83
N SER E 412 9.05 -2.44 -35.54
CA SER E 412 9.03 -2.50 -37.00
C SER E 412 10.22 -1.82 -37.67
N THR E 413 10.72 -0.75 -37.07
CA THR E 413 11.69 0.13 -37.74
C THR E 413 13.04 0.18 -37.06
N LEU E 414 13.55 -0.98 -36.63
CA LEU E 414 14.82 -1.04 -35.95
C LEU E 414 15.77 -2.03 -36.64
N PRO E 415 16.24 -1.68 -37.83
CA PRO E 415 17.04 -2.58 -38.69
C PRO E 415 18.31 -3.09 -38.04
N SER E 416 18.99 -2.25 -37.26
CA SER E 416 20.28 -2.62 -36.67
C SER E 416 20.14 -3.39 -35.37
N LEU E 417 18.91 -3.55 -34.88
CA LEU E 417 18.67 -4.21 -33.60
C LEU E 417 19.11 -5.68 -33.67
N ILE E 418 19.96 -6.09 -32.72
CA ILE E 418 20.42 -7.48 -32.68
C ILE E 418 20.23 -8.11 -31.31
N LYS E 419 20.31 -7.32 -30.25
CA LYS E 419 20.13 -7.85 -28.89
C LYS E 419 18.85 -7.32 -28.25
N LEU E 420 18.00 -8.23 -27.79
CA LEU E 420 16.75 -7.81 -27.17
C LEU E 420 16.43 -8.65 -25.93
N ASP E 421 16.14 -7.96 -24.84
CA ASP E 421 15.85 -8.63 -23.57
C ASP E 421 14.52 -8.16 -23.00
N LEU E 422 13.54 -9.06 -22.96
CA LEU E 422 12.23 -8.75 -22.42
C LEU E 422 11.87 -9.69 -21.28
N SER E 423 12.91 -10.26 -20.66
CA SER E 423 12.73 -11.21 -19.57
C SER E 423 11.89 -10.65 -18.41
N SER E 424 11.08 -11.52 -17.80
CA SER E 424 10.28 -11.17 -16.62
C SER E 424 9.40 -9.94 -16.86
N ASN E 425 8.53 -9.99 -17.85
CA ASN E 425 7.71 -8.82 -18.19
C ASN E 425 6.19 -9.02 -18.20
N LEU E 426 5.72 -10.20 -17.80
CA LEU E 426 4.30 -10.54 -17.87
C LEU E 426 3.71 -10.33 -19.27
N LEU E 427 4.45 -10.76 -20.29
CA LEU E 427 3.96 -10.76 -21.66
C LEU E 427 3.16 -12.04 -21.93
N SER E 428 2.24 -11.99 -22.87
CA SER E 428 1.48 -13.18 -23.26
C SER E 428 1.76 -13.51 -24.73
N SER E 429 1.99 -12.47 -25.52
CA SER E 429 2.28 -12.62 -26.94
C SER E 429 3.52 -11.83 -27.33
N PHE E 430 3.89 -11.90 -28.60
CA PHE E 430 5.15 -11.31 -29.07
C PHE E 430 4.99 -10.68 -30.43
N PRO E 431 5.67 -9.54 -30.65
CA PRO E 431 5.71 -8.89 -31.97
C PRO E 431 6.92 -9.35 -32.79
N ILE E 432 6.68 -10.25 -33.74
CA ILE E 432 7.73 -10.79 -34.59
C ILE E 432 8.07 -9.82 -35.73
N THR E 433 7.11 -8.95 -36.07
CA THR E 433 7.26 -8.06 -37.21
C THR E 433 8.54 -7.23 -37.14
N GLY E 434 9.24 -7.14 -38.28
CA GLY E 434 10.56 -6.55 -38.33
C GLY E 434 11.55 -7.44 -37.61
N LEU E 435 12.66 -6.86 -37.14
CA LEU E 435 13.55 -7.48 -36.15
C LEU E 435 14.11 -8.85 -36.57
N HIS E 436 13.71 -9.32 -37.75
CA HIS E 436 14.17 -10.60 -38.28
C HIS E 436 15.69 -10.72 -38.21
N GLY E 437 16.16 -11.91 -37.84
CA GLY E 437 17.57 -12.17 -37.71
C GLY E 437 18.30 -11.23 -36.76
N LEU E 438 17.87 -11.21 -35.51
CA LEU E 438 18.64 -10.54 -34.47
C LEU E 438 19.50 -11.59 -33.78
N THR E 439 20.48 -11.16 -32.99
CA THR E 439 21.43 -12.11 -32.43
C THR E 439 21.04 -12.65 -31.05
N HIS E 440 20.53 -11.78 -30.18
CA HIS E 440 20.19 -12.19 -28.81
C HIS E 440 18.71 -11.96 -28.55
N LEU E 441 18.05 -12.93 -27.94
CA LEU E 441 16.64 -12.78 -27.60
C LEU E 441 16.32 -13.45 -26.27
N LYS E 442 15.78 -12.68 -25.33
CA LYS E 442 15.56 -13.17 -23.98
C LYS E 442 14.12 -12.95 -23.52
N LEU E 443 13.39 -14.04 -23.31
CA LEU E 443 11.95 -13.96 -23.00
C LEU E 443 11.52 -14.70 -21.73
N THR E 444 12.47 -15.25 -20.98
CA THR E 444 12.17 -15.96 -19.73
C THR E 444 11.34 -15.10 -18.77
N GLY E 445 10.50 -15.75 -17.96
CA GLY E 445 9.72 -15.04 -16.96
C GLY E 445 8.41 -14.46 -17.48
N ASN E 446 8.17 -14.63 -18.77
CA ASN E 446 6.87 -14.28 -19.35
C ASN E 446 5.99 -15.52 -19.41
N HIS E 447 5.53 -15.95 -18.23
CA HIS E 447 4.86 -17.24 -18.08
C HIS E 447 3.62 -17.40 -18.95
N ALA E 448 3.02 -16.27 -19.34
CA ALA E 448 1.85 -16.29 -20.20
C ALA E 448 2.23 -16.46 -21.67
N LEU E 449 3.53 -16.46 -21.95
CA LEU E 449 4.03 -16.65 -23.31
C LEU E 449 4.22 -18.15 -23.53
N GLN E 450 3.25 -18.79 -24.17
CA GLN E 450 3.26 -20.24 -24.28
C GLN E 450 3.32 -20.77 -25.71
N SER E 451 2.92 -19.94 -26.68
CA SER E 451 2.90 -20.37 -28.07
C SER E 451 4.31 -20.56 -28.60
N LEU E 452 4.43 -21.23 -29.74
CA LEU E 452 5.75 -21.57 -30.27
C LEU E 452 6.31 -20.48 -31.16
N ILE E 453 7.60 -20.58 -31.43
CA ILE E 453 8.31 -19.63 -32.28
C ILE E 453 9.28 -20.42 -33.16
N SER E 454 9.16 -20.22 -34.47
CA SER E 454 9.94 -21.00 -35.43
C SER E 454 11.41 -20.59 -35.50
N SER E 455 12.26 -21.56 -35.82
CA SER E 455 13.66 -21.28 -36.10
C SER E 455 13.76 -20.31 -37.25
N GLU E 456 12.93 -20.53 -38.27
CA GLU E 456 12.76 -19.55 -39.34
C GLU E 456 11.98 -18.39 -38.74
N ASN E 457 12.12 -17.21 -39.35
CA ASN E 457 11.74 -15.90 -38.78
C ASN E 457 12.84 -15.43 -37.83
N PHE E 458 13.87 -16.24 -37.67
CA PHE E 458 14.91 -15.99 -36.67
C PHE E 458 16.25 -16.69 -36.91
N PRO E 459 16.79 -16.62 -38.13
CA PRO E 459 18.16 -17.14 -38.23
C PRO E 459 19.15 -16.22 -37.50
N GLU E 460 20.33 -16.74 -37.18
CA GLU E 460 21.43 -15.97 -36.60
C GLU E 460 21.28 -15.73 -35.10
N LEU E 461 20.25 -16.32 -34.49
CA LEU E 461 20.12 -16.28 -33.03
C LEU E 461 21.22 -17.09 -32.38
N LYS E 462 22.12 -16.40 -31.69
CA LYS E 462 23.21 -17.08 -31.04
C LYS E 462 22.96 -17.25 -29.54
N VAL E 463 22.05 -16.43 -29.00
CA VAL E 463 21.60 -16.61 -27.62
C VAL E 463 20.08 -16.49 -27.51
N ILE E 464 19.46 -17.50 -26.92
CA ILE E 464 18.02 -17.50 -26.71
C ILE E 464 17.67 -17.89 -25.28
N GLU E 465 16.73 -17.13 -24.69
CA GLU E 465 16.11 -17.50 -23.43
C GLU E 465 14.61 -17.52 -23.66
N MET E 466 13.93 -18.49 -23.09
CA MET E 466 12.51 -18.71 -23.36
C MET E 466 11.80 -19.21 -22.10
N PRO E 467 10.53 -18.86 -21.93
CA PRO E 467 9.83 -19.33 -20.72
C PRO E 467 9.64 -20.86 -20.66
N TYR E 468 9.52 -21.54 -21.80
CA TYR E 468 9.24 -22.98 -21.79
C TYR E 468 10.21 -23.81 -22.65
N ALA E 469 10.65 -24.94 -22.09
CA ALA E 469 11.62 -25.83 -22.75
C ALA E 469 11.27 -26.23 -24.18
N TYR E 470 10.01 -26.57 -24.44
CA TYR E 470 9.60 -26.96 -25.78
C TYR E 470 9.77 -25.83 -26.80
N GLN E 471 9.64 -24.59 -26.32
CA GLN E 471 9.84 -23.44 -27.17
C GLN E 471 11.31 -23.33 -27.54
N CYS E 472 12.17 -23.76 -26.62
CA CYS E 472 13.58 -23.85 -26.90
C CYS E 472 13.85 -24.94 -27.93
N CYS E 473 13.29 -26.13 -27.70
CA CYS E 473 13.40 -27.24 -28.64
C CYS E 473 13.05 -26.83 -30.05
N ALA E 474 12.07 -25.93 -30.17
CA ALA E 474 11.71 -25.37 -31.47
C ALA E 474 12.87 -24.60 -32.14
N PHE E 475 13.95 -24.36 -31.41
CA PHE E 475 15.12 -23.70 -31.96
C PHE E 475 16.34 -24.62 -32.08
N GLY E 476 16.15 -25.91 -31.78
CA GLY E 476 17.21 -26.88 -31.93
C GLY E 476 17.95 -27.25 -30.65
N VAL E 477 17.58 -26.64 -29.54
CA VAL E 477 18.23 -26.96 -28.27
C VAL E 477 17.35 -27.95 -27.51
N CYS E 478 17.16 -27.73 -26.21
CA CYS E 478 16.42 -28.65 -25.34
C CYS E 478 17.06 -30.02 -25.26
N GLU E 479 17.67 -30.31 -24.12
CA GLU E 479 18.30 -31.60 -23.89
C GLU E 479 17.26 -32.68 -23.62
N ASN E 480 17.53 -33.53 -22.64
CA ASN E 480 16.62 -34.60 -22.26
C ASN E 480 17.01 -35.20 -20.91
N GLN E 533 23.50 -22.76 -23.20
CA GLN E 533 22.39 -23.53 -23.76
C GLN E 533 21.06 -23.07 -23.24
N CYS E 534 20.53 -21.95 -23.74
CA CYS E 534 19.24 -21.47 -23.29
C CYS E 534 19.42 -21.20 -21.75
N SER E 535 18.65 -21.68 -20.76
CA SER E 535 17.34 -22.37 -20.78
C SER E 535 16.39 -21.87 -19.70
N PRO E 536 15.08 -22.03 -19.94
CA PRO E 536 13.95 -21.86 -19.02
C PRO E 536 14.09 -22.66 -17.73
N ALA E 537 14.21 -22.71 -16.40
CA ALA E 537 14.25 -23.99 -15.69
C ALA E 537 15.08 -23.92 -14.41
N LEU F 23 -15.20 -62.40 -40.47
CA LEU F 23 -16.51 -61.81 -40.19
C LEU F 23 -16.36 -60.37 -39.70
N LEU F 24 -17.28 -59.51 -40.14
CA LEU F 24 -17.25 -58.10 -39.76
C LEU F 24 -17.61 -57.92 -38.28
N ARG F 25 -18.41 -58.85 -37.77
CA ARG F 25 -18.93 -58.84 -36.40
C ARG F 25 -20.07 -57.86 -36.25
N GLY F 26 -20.35 -57.10 -37.29
CA GLY F 26 -21.37 -56.08 -37.21
C GLY F 26 -20.68 -54.87 -36.63
N CYS F 27 -19.42 -54.69 -37.02
CA CYS F 27 -18.62 -53.53 -36.63
C CYS F 27 -18.91 -52.43 -37.62
N PRO F 28 -19.87 -51.54 -37.27
CA PRO F 28 -20.55 -50.58 -38.15
C PRO F 28 -19.74 -50.24 -39.38
N THR F 29 -20.16 -50.70 -40.55
CA THR F 29 -19.38 -50.53 -41.76
C THR F 29 -18.85 -49.10 -41.84
N HIS F 30 -17.56 -49.02 -42.17
CA HIS F 30 -16.68 -47.82 -42.10
C HIS F 30 -15.93 -47.71 -40.76
N CYS F 31 -16.45 -48.31 -39.70
CA CYS F 31 -15.82 -48.23 -38.38
C CYS F 31 -14.78 -49.33 -38.10
N HIS F 32 -13.92 -49.07 -37.12
CA HIS F 32 -12.87 -50.03 -36.71
C HIS F 32 -13.13 -50.59 -35.32
N CYS F 33 -13.40 -51.89 -35.19
CA CYS F 33 -13.65 -52.50 -33.88
C CYS F 33 -12.53 -53.41 -33.41
N GLU F 34 -12.62 -53.89 -32.17
CA GLU F 34 -11.55 -54.71 -31.58
C GLU F 34 -12.01 -55.24 -30.20
N PRO F 35 -11.45 -56.38 -29.72
CA PRO F 35 -11.91 -56.93 -28.44
C PRO F 35 -11.26 -56.31 -27.20
N ASP F 36 -12.08 -55.97 -26.20
CA ASP F 36 -11.64 -55.28 -24.99
C ASP F 36 -11.31 -56.25 -23.84
N GLY F 37 -12.27 -56.44 -22.93
CA GLY F 37 -12.13 -57.48 -21.93
C GLY F 37 -12.70 -58.72 -22.56
N ARG F 38 -12.46 -59.87 -21.93
CA ARG F 38 -12.88 -61.20 -22.39
C ARG F 38 -13.38 -61.18 -23.84
N MET F 39 -14.52 -60.53 -24.03
CA MET F 39 -15.16 -60.39 -25.33
C MET F 39 -15.81 -59.01 -25.48
N LEU F 40 -15.53 -58.09 -24.56
CA LEU F 40 -16.09 -56.76 -24.71
C LEU F 40 -15.56 -56.12 -25.98
N LEU F 41 -16.34 -55.21 -26.56
CA LEU F 41 -16.06 -54.70 -27.90
C LEU F 41 -15.79 -53.20 -27.86
N ARG F 42 -14.72 -52.78 -28.51
CA ARG F 42 -14.39 -51.37 -28.61
C ARG F 42 -14.55 -50.94 -30.05
N VAL F 43 -15.36 -49.92 -30.26
CA VAL F 43 -15.74 -49.47 -31.58
C VAL F 43 -15.30 -48.02 -31.81
N ASP F 44 -14.45 -47.84 -32.81
CA ASP F 44 -13.99 -46.50 -33.15
C ASP F 44 -14.60 -46.09 -34.49
N CYS F 45 -15.56 -45.18 -34.41
CA CYS F 45 -16.19 -44.55 -35.54
C CYS F 45 -15.93 -43.05 -35.51
N SER F 46 -14.68 -42.66 -35.28
CA SER F 46 -14.35 -41.26 -35.03
C SER F 46 -14.38 -40.43 -36.30
N ASP F 47 -13.22 -39.88 -36.70
CA ASP F 47 -13.15 -38.95 -37.84
C ASP F 47 -13.74 -39.50 -39.15
N LEU F 48 -14.98 -40.00 -39.09
CA LEU F 48 -15.67 -40.51 -40.27
C LEU F 48 -16.67 -39.52 -40.86
N GLY F 49 -16.84 -38.38 -40.21
CA GLY F 49 -17.75 -37.35 -40.70
C GLY F 49 -19.20 -37.79 -40.87
N LEU F 50 -19.66 -38.65 -39.98
CA LEU F 50 -21.01 -39.21 -40.03
C LEU F 50 -22.11 -38.16 -39.90
N SER F 51 -23.22 -38.31 -40.60
CA SER F 51 -24.31 -37.35 -40.44
C SER F 51 -24.94 -37.54 -39.07
N GLU F 52 -25.17 -38.80 -38.71
CA GLU F 52 -25.64 -39.21 -37.39
C GLU F 52 -24.93 -40.52 -37.04
N LEU F 53 -25.25 -41.12 -35.89
CA LEU F 53 -24.50 -42.30 -35.48
C LEU F 53 -25.11 -43.55 -36.08
N PRO F 54 -24.33 -44.66 -36.16
CA PRO F 54 -24.75 -45.87 -36.85
C PRO F 54 -26.02 -46.58 -36.40
N SER F 55 -26.13 -47.79 -36.94
CA SER F 55 -27.23 -48.71 -36.73
C SER F 55 -26.57 -50.08 -36.83
N ASN F 56 -27.30 -51.14 -36.49
CA ASN F 56 -26.66 -52.39 -36.10
C ASN F 56 -25.83 -51.99 -34.89
N LEU F 57 -24.50 -51.95 -35.06
CA LEU F 57 -23.59 -51.63 -33.96
C LEU F 57 -24.07 -52.42 -32.76
N SER F 58 -23.76 -53.71 -32.77
CA SER F 58 -24.35 -54.62 -31.80
C SER F 58 -23.84 -54.32 -30.40
N VAL F 59 -24.74 -54.52 -29.43
CA VAL F 59 -24.44 -54.44 -28.01
C VAL F 59 -23.27 -55.37 -27.71
N PHE F 60 -22.66 -55.17 -26.53
CA PHE F 60 -21.40 -55.77 -26.05
C PHE F 60 -20.29 -54.76 -26.27
N THR F 61 -20.65 -53.62 -26.85
CA THR F 61 -19.73 -52.50 -27.01
C THR F 61 -19.37 -51.89 -25.66
N SER F 62 -18.08 -51.84 -25.34
CA SER F 62 -17.62 -51.27 -24.09
C SER F 62 -16.85 -49.96 -24.30
N TYR F 63 -16.75 -49.54 -25.56
CA TYR F 63 -16.06 -48.30 -25.89
C TYR F 63 -16.59 -47.80 -27.23
N LEU F 64 -17.11 -46.57 -27.24
CA LEU F 64 -17.66 -46.01 -28.45
C LEU F 64 -17.09 -44.62 -28.68
N ASP F 65 -16.31 -44.47 -29.74
CA ASP F 65 -15.72 -43.18 -30.07
C ASP F 65 -16.35 -42.58 -31.31
N LEU F 66 -17.14 -41.52 -31.11
CA LEU F 66 -17.63 -40.71 -32.19
C LEU F 66 -17.11 -39.29 -32.00
N SER F 67 -16.03 -38.96 -32.71
CA SER F 67 -15.41 -37.65 -32.55
C SER F 67 -15.09 -37.03 -33.91
N MET F 68 -15.29 -35.71 -34.00
CA MET F 68 -15.09 -34.95 -35.23
C MET F 68 -16.03 -35.48 -36.32
N ASN F 69 -17.34 -35.47 -36.04
CA ASN F 69 -18.30 -36.15 -36.90
C ASN F 69 -19.55 -35.41 -37.30
N ASN F 70 -19.56 -34.07 -37.35
CA ASN F 70 -20.69 -33.32 -37.92
C ASN F 70 -22.07 -33.83 -37.45
N ILE F 71 -22.17 -34.24 -36.18
CA ILE F 71 -23.40 -34.85 -35.69
C ILE F 71 -24.36 -33.81 -35.11
N SER F 72 -25.40 -33.47 -35.88
CA SER F 72 -26.31 -32.40 -35.50
C SER F 72 -27.19 -32.79 -34.32
N GLN F 73 -27.83 -33.95 -34.39
CA GLN F 73 -28.84 -34.32 -33.40
C GLN F 73 -28.78 -35.79 -33.02
N LEU F 74 -29.18 -36.09 -31.79
CA LEU F 74 -29.28 -37.47 -31.33
C LEU F 74 -30.63 -37.77 -30.68
N LEU F 75 -31.47 -38.56 -31.34
CA LEU F 75 -31.25 -39.07 -32.69
C LEU F 75 -32.57 -39.25 -33.44
N PRO F 76 -32.49 -39.48 -34.76
CA PRO F 76 -33.58 -40.18 -35.44
C PRO F 76 -33.77 -41.56 -34.83
N ASN F 77 -32.68 -42.33 -34.82
CA ASN F 77 -32.66 -43.62 -34.14
C ASN F 77 -31.48 -43.76 -33.16
N PRO F 78 -31.73 -43.45 -31.88
CA PRO F 78 -30.70 -43.65 -30.86
C PRO F 78 -30.58 -45.12 -30.48
N LEU F 79 -29.42 -45.50 -29.93
CA LEU F 79 -29.22 -46.90 -29.55
C LEU F 79 -28.91 -47.05 -28.07
N PRO F 80 -29.96 -47.08 -27.24
CA PRO F 80 -29.83 -47.58 -25.87
C PRO F 80 -29.63 -49.09 -25.85
N SER F 81 -29.86 -49.71 -24.70
CA SER F 81 -29.72 -51.16 -24.53
C SER F 81 -28.25 -51.55 -24.63
N LEU F 82 -27.37 -50.55 -24.71
CA LEU F 82 -25.94 -50.77 -24.67
C LEU F 82 -25.47 -50.76 -23.23
N ARG F 83 -25.99 -51.70 -22.44
CA ARG F 83 -25.73 -51.76 -21.00
C ARG F 83 -24.26 -51.99 -20.67
N PHE F 84 -23.47 -52.30 -21.69
CA PHE F 84 -22.05 -52.59 -21.50
C PHE F 84 -21.14 -51.40 -21.77
N LEU F 85 -21.73 -50.30 -22.21
CA LEU F 85 -20.93 -49.13 -22.59
C LEU F 85 -20.18 -48.56 -21.40
N GLU F 86 -18.85 -48.65 -21.45
CA GLU F 86 -18.00 -48.11 -20.39
C GLU F 86 -17.66 -46.65 -20.66
N GLU F 87 -17.50 -46.32 -21.93
CA GLU F 87 -16.97 -45.02 -22.33
C GLU F 87 -17.57 -44.51 -23.63
N LEU F 88 -18.19 -43.34 -23.57
CA LEU F 88 -18.80 -42.72 -24.75
C LEU F 88 -18.09 -41.40 -25.08
N ARG F 89 -17.60 -41.31 -26.31
CA ARG F 89 -16.94 -40.10 -26.78
C ARG F 89 -17.79 -39.42 -27.85
N LEU F 90 -18.07 -38.14 -27.63
CA LEU F 90 -18.99 -37.40 -28.50
C LEU F 90 -18.47 -35.98 -28.75
N ALA F 91 -17.15 -35.87 -28.91
CA ALA F 91 -16.52 -34.56 -29.04
C ALA F 91 -16.45 -34.07 -30.48
N GLY F 92 -16.43 -32.74 -30.65
CA GLY F 92 -16.30 -32.14 -31.96
C GLY F 92 -17.45 -32.46 -32.88
N ASN F 93 -18.59 -32.83 -32.31
CA ASN F 93 -19.73 -33.27 -33.12
C ASN F 93 -20.76 -32.19 -33.42
N ALA F 94 -20.54 -31.01 -32.85
CA ALA F 94 -21.44 -29.88 -33.04
C ALA F 94 -22.86 -30.20 -32.57
N LEU F 95 -23.00 -30.50 -31.28
CA LEU F 95 -24.31 -30.71 -30.68
C LEU F 95 -24.75 -29.39 -30.04
N THR F 96 -26.02 -29.06 -30.13
CA THR F 96 -26.50 -27.80 -29.61
C THR F 96 -27.34 -28.02 -28.35
N TYR F 97 -27.78 -29.26 -28.14
CA TYR F 97 -28.59 -29.60 -26.98
C TYR F 97 -28.59 -31.11 -26.77
N ILE F 98 -29.03 -31.56 -25.61
CA ILE F 98 -29.18 -32.99 -25.36
C ILE F 98 -30.56 -33.30 -24.80
N PRO F 99 -31.35 -34.11 -25.53
CA PRO F 99 -32.67 -34.59 -25.09
C PRO F 99 -32.57 -35.41 -23.81
N LYS F 100 -33.67 -35.46 -23.06
CA LYS F 100 -33.62 -35.95 -21.68
C LYS F 100 -33.39 -37.46 -21.54
N GLY F 101 -33.84 -38.22 -22.53
CA GLY F 101 -33.72 -39.68 -22.48
C GLY F 101 -32.50 -40.24 -23.19
N ALA F 102 -31.58 -39.36 -23.57
CA ALA F 102 -30.44 -39.72 -24.43
C ALA F 102 -29.57 -40.89 -23.93
N PHE F 103 -29.30 -40.93 -22.64
CA PHE F 103 -28.35 -41.90 -22.09
C PHE F 103 -28.96 -42.93 -21.15
N THR F 104 -30.26 -43.18 -21.29
CA THR F 104 -31.02 -43.96 -20.31
C THR F 104 -30.57 -45.42 -20.20
N GLY F 105 -30.21 -46.02 -21.33
CA GLY F 105 -29.79 -47.41 -21.35
C GLY F 105 -28.51 -47.73 -20.61
N LEU F 106 -27.62 -46.75 -20.53
CA LEU F 106 -26.22 -46.99 -20.15
C LEU F 106 -26.00 -47.09 -18.65
N TYR F 107 -26.07 -48.30 -18.11
CA TYR F 107 -25.86 -48.52 -16.68
C TYR F 107 -24.39 -48.69 -16.32
N SER F 108 -23.54 -48.91 -17.32
CA SER F 108 -22.12 -49.18 -17.07
C SER F 108 -21.23 -48.00 -17.44
N LEU F 109 -21.84 -46.91 -17.88
CA LEU F 109 -21.11 -45.74 -18.34
C LEU F 109 -20.24 -45.14 -17.24
N LYS F 110 -18.93 -45.15 -17.45
CA LYS F 110 -18.01 -44.54 -16.49
C LYS F 110 -17.54 -43.17 -16.95
N VAL F 111 -17.29 -43.01 -18.24
CA VAL F 111 -16.75 -41.77 -18.76
C VAL F 111 -17.49 -41.26 -20.01
N LEU F 112 -17.90 -40.00 -19.95
CA LEU F 112 -18.64 -39.38 -21.03
C LEU F 112 -17.94 -38.11 -21.50
N MET F 113 -17.77 -38.00 -22.81
CA MET F 113 -17.00 -36.91 -23.41
C MET F 113 -17.86 -36.07 -24.33
N LEU F 114 -18.03 -34.80 -23.97
CA LEU F 114 -18.90 -33.90 -24.73
C LEU F 114 -18.23 -32.55 -24.97
N GLN F 115 -16.94 -32.56 -25.30
CA GLN F 115 -16.21 -31.32 -25.50
C GLN F 115 -16.23 -30.86 -26.95
N ASN F 116 -15.96 -29.58 -27.16
CA ASN F 116 -15.88 -28.97 -28.48
C ASN F 116 -17.20 -29.09 -29.23
N ASN F 117 -18.29 -28.91 -28.48
CA ASN F 117 -19.63 -28.85 -29.07
C ASN F 117 -20.23 -27.49 -28.76
N GLN F 118 -21.36 -27.16 -29.39
CA GLN F 118 -21.99 -25.86 -29.18
C GLN F 118 -23.12 -25.89 -28.15
N LEU F 119 -22.98 -26.74 -27.14
CA LEU F 119 -23.86 -26.71 -25.98
C LEU F 119 -23.85 -25.33 -25.33
N ARG F 120 -25.02 -24.80 -24.99
CA ARG F 120 -25.07 -23.47 -24.39
C ARG F 120 -25.47 -23.55 -22.92
N HIS F 121 -25.76 -24.77 -22.46
CA HIS F 121 -26.03 -25.02 -21.06
C HIS F 121 -25.92 -26.51 -20.78
N VAL F 122 -25.65 -26.87 -19.54
CA VAL F 122 -25.62 -28.27 -19.15
C VAL F 122 -26.99 -28.88 -19.39
N PRO F 123 -27.04 -30.07 -20.02
CA PRO F 123 -28.28 -30.80 -20.25
C PRO F 123 -29.15 -30.85 -19.00
N THR F 124 -30.36 -30.30 -19.09
CA THR F 124 -31.20 -30.01 -17.93
C THR F 124 -31.51 -31.27 -17.10
N GLU F 125 -31.79 -32.37 -17.79
CA GLU F 125 -32.05 -33.64 -17.11
C GLU F 125 -31.26 -34.79 -17.74
N ALA F 126 -30.83 -34.60 -18.97
CA ALA F 126 -30.23 -35.67 -19.78
C ALA F 126 -29.08 -36.41 -19.10
N LEU F 127 -28.38 -35.76 -18.18
CA LEU F 127 -27.23 -36.37 -17.54
C LEU F 127 -27.57 -37.04 -16.22
N GLN F 128 -28.83 -36.99 -15.81
CA GLN F 128 -29.23 -37.43 -14.47
C GLN F 128 -29.22 -38.95 -14.32
N ASN F 129 -28.86 -39.38 -13.11
CA ASN F 129 -28.89 -40.78 -12.70
C ASN F 129 -28.06 -41.72 -13.57
N LEU F 130 -26.96 -41.21 -14.11
CA LEU F 130 -25.92 -42.07 -14.66
C LEU F 130 -25.05 -42.55 -13.50
N ARG F 131 -25.58 -43.54 -12.78
CA ARG F 131 -25.04 -43.99 -11.49
C ARG F 131 -23.56 -44.36 -11.52
N SER F 132 -23.09 -44.89 -12.64
CA SER F 132 -21.70 -45.34 -12.74
C SER F 132 -20.76 -44.30 -13.32
N LEU F 133 -21.32 -43.18 -13.81
CA LEU F 133 -20.52 -42.14 -14.46
C LEU F 133 -19.47 -41.57 -13.51
N GLN F 134 -18.21 -41.64 -13.94
CA GLN F 134 -17.08 -41.32 -13.08
C GLN F 134 -16.38 -40.03 -13.54
N SER F 135 -16.32 -39.84 -14.84
CA SER F 135 -15.66 -38.66 -15.41
C SER F 135 -16.45 -38.07 -16.58
N LEU F 136 -16.74 -36.77 -16.47
CA LEU F 136 -17.55 -36.10 -17.47
C LEU F 136 -16.85 -34.85 -18.00
N ARG F 137 -16.75 -34.77 -19.32
CA ARG F 137 -16.03 -33.68 -19.96
C ARG F 137 -16.97 -32.76 -20.71
N LEU F 138 -17.14 -31.55 -20.21
CA LEU F 138 -17.98 -30.55 -20.86
C LEU F 138 -17.22 -29.26 -21.15
N ASP F 139 -15.94 -29.38 -21.52
CA ASP F 139 -15.14 -28.22 -21.84
C ASP F 139 -15.27 -27.81 -23.31
N ALA F 140 -14.77 -26.62 -23.63
CA ALA F 140 -14.71 -26.11 -25.00
C ALA F 140 -16.10 -25.99 -25.66
N ASN F 141 -17.11 -25.69 -24.85
CA ASN F 141 -18.43 -25.40 -25.39
C ASN F 141 -18.77 -23.92 -25.26
N HIS F 142 -20.05 -23.59 -25.35
CA HIS F 142 -20.52 -22.23 -25.13
C HIS F 142 -21.50 -22.15 -23.97
N ILE F 143 -21.37 -23.06 -23.00
CA ILE F 143 -22.34 -23.11 -21.91
C ILE F 143 -22.18 -21.90 -20.99
N SER F 144 -23.30 -21.36 -20.54
CA SER F 144 -23.32 -20.19 -19.68
C SER F 144 -24.23 -20.42 -18.48
N TYR F 145 -25.17 -21.35 -18.63
CA TYR F 145 -26.10 -21.69 -17.56
C TYR F 145 -25.93 -23.14 -17.11
N VAL F 146 -25.91 -23.35 -15.80
CA VAL F 146 -25.90 -24.68 -15.23
C VAL F 146 -27.14 -24.86 -14.37
N PRO F 147 -28.18 -25.52 -14.92
CA PRO F 147 -29.43 -25.75 -14.20
C PRO F 147 -29.24 -26.60 -12.96
N PRO F 148 -29.81 -26.19 -11.82
CA PRO F 148 -29.65 -26.96 -10.59
C PRO F 148 -30.25 -28.37 -10.75
N SER F 149 -29.64 -29.34 -10.08
CA SER F 149 -30.04 -30.74 -10.17
C SER F 149 -29.98 -31.28 -11.60
N CYS F 150 -29.03 -30.77 -12.39
CA CYS F 150 -28.70 -31.39 -13.67
C CYS F 150 -27.72 -32.53 -13.44
N PHE F 151 -27.06 -32.48 -12.28
CA PHE F 151 -26.10 -33.50 -11.88
C PHE F 151 -26.67 -34.44 -10.84
N SER F 152 -27.99 -34.37 -10.64
CA SER F 152 -28.66 -35.17 -9.62
C SER F 152 -28.51 -36.66 -9.90
N GLY F 153 -28.11 -37.41 -8.87
CA GLY F 153 -27.99 -38.86 -8.95
C GLY F 153 -26.73 -39.38 -9.63
N LEU F 154 -25.73 -38.53 -9.77
CA LEU F 154 -24.42 -38.94 -10.27
C LEU F 154 -23.49 -39.33 -9.13
N HIS F 155 -23.76 -40.48 -8.52
CA HIS F 155 -23.05 -40.90 -7.31
C HIS F 155 -21.59 -41.31 -7.50
N SER F 156 -21.20 -41.62 -8.73
CA SER F 156 -19.85 -42.11 -8.98
C SER F 156 -18.93 -41.05 -9.57
N LEU F 157 -19.47 -39.85 -9.78
CA LEU F 157 -18.75 -38.79 -10.48
C LEU F 157 -17.54 -38.30 -9.69
N ARG F 158 -16.35 -38.50 -10.26
CA ARG F 158 -15.11 -38.07 -9.63
C ARG F 158 -14.47 -36.87 -10.35
N HIS F 159 -14.65 -36.80 -11.67
CA HIS F 159 -13.93 -35.84 -12.48
C HIS F 159 -14.85 -34.98 -13.33
N LEU F 160 -14.72 -33.65 -13.26
CA LEU F 160 -15.59 -32.76 -14.02
C LEU F 160 -14.83 -31.64 -14.75
N TRP F 161 -15.02 -31.60 -16.07
CA TRP F 161 -14.41 -30.57 -16.90
C TRP F 161 -15.45 -29.55 -17.35
N LEU F 162 -15.17 -28.27 -17.12
CA LEU F 162 -16.04 -27.19 -17.59
C LEU F 162 -15.25 -25.96 -17.99
N ASP F 163 -14.10 -26.17 -18.63
CA ASP F 163 -13.25 -25.07 -19.06
C ASP F 163 -13.59 -24.60 -20.47
N ASP F 164 -13.12 -23.41 -20.83
CA ASP F 164 -13.33 -22.84 -22.16
C ASP F 164 -14.84 -22.68 -22.41
N ASN F 165 -15.56 -22.29 -21.37
CA ASN F 165 -16.99 -22.03 -21.48
C ASN F 165 -17.31 -20.59 -21.14
N ALA F 166 -18.59 -20.24 -21.16
CA ALA F 166 -19.01 -18.86 -20.90
C ALA F 166 -19.73 -18.71 -19.57
N LEU F 167 -19.26 -19.42 -18.54
CA LEU F 167 -19.81 -19.27 -17.20
C LEU F 167 -19.58 -17.86 -16.68
N THR F 168 -20.42 -17.43 -15.73
CA THR F 168 -20.34 -16.06 -15.23
C THR F 168 -20.20 -16.08 -13.71
N GLU F 169 -20.82 -17.09 -13.10
CA GLU F 169 -20.79 -17.26 -11.65
C GLU F 169 -20.76 -18.74 -11.31
N ILE F 170 -20.38 -19.06 -10.07
CA ILE F 170 -20.37 -20.44 -9.61
C ILE F 170 -21.79 -20.99 -9.43
N PRO F 171 -22.12 -22.08 -10.15
CA PRO F 171 -23.40 -22.73 -9.94
C PRO F 171 -23.41 -23.54 -8.65
N VAL F 172 -23.52 -22.84 -7.52
CA VAL F 172 -23.41 -23.44 -6.20
C VAL F 172 -24.48 -24.50 -5.95
N GLN F 173 -25.70 -24.21 -6.38
CA GLN F 173 -26.83 -25.12 -6.23
C GLN F 173 -26.57 -26.46 -6.90
N ALA F 174 -26.22 -26.42 -8.18
CA ALA F 174 -25.96 -27.64 -8.96
C ALA F 174 -24.79 -28.44 -8.40
N PHE F 175 -23.77 -27.75 -7.90
CA PHE F 175 -22.58 -28.43 -7.39
C PHE F 175 -22.79 -29.05 -6.02
N ARG F 176 -23.88 -28.70 -5.36
CA ARG F 176 -24.06 -29.10 -3.98
C ARG F 176 -24.28 -30.61 -3.86
N SER F 177 -24.75 -31.23 -4.93
CA SER F 177 -25.03 -32.66 -4.89
C SER F 177 -23.77 -33.51 -5.04
N LEU F 178 -22.77 -32.95 -5.72
CA LEU F 178 -21.56 -33.71 -6.06
C LEU F 178 -20.57 -33.87 -4.91
N SER F 179 -20.93 -34.68 -3.93
CA SER F 179 -20.06 -34.92 -2.78
C SER F 179 -19.01 -35.99 -3.09
N ALA F 180 -19.03 -36.50 -4.32
CA ALA F 180 -18.11 -37.55 -4.73
C ALA F 180 -16.99 -37.02 -5.63
N LEU F 181 -17.11 -35.76 -6.05
CA LEU F 181 -16.13 -35.10 -6.90
C LEU F 181 -14.73 -35.14 -6.28
N GLN F 182 -13.72 -35.42 -7.12
CA GLN F 182 -12.34 -35.40 -6.66
C GLN F 182 -11.53 -34.36 -7.44
N ALA F 183 -11.99 -34.00 -8.62
CA ALA F 183 -11.30 -33.03 -9.45
C ALA F 183 -12.27 -32.23 -10.31
N MET F 184 -12.08 -30.91 -10.35
CA MET F 184 -12.95 -30.05 -11.13
C MET F 184 -12.19 -28.86 -11.72
N THR F 185 -12.48 -28.55 -12.98
CA THR F 185 -11.86 -27.37 -13.59
C THR F 185 -12.89 -26.43 -14.23
N LEU F 186 -12.95 -25.21 -13.69
CA LEU F 186 -13.84 -24.18 -14.23
C LEU F 186 -13.03 -23.06 -14.87
N ALA F 187 -11.89 -23.43 -15.43
CA ALA F 187 -10.96 -22.44 -16.01
C ALA F 187 -11.48 -21.85 -17.31
N LEU F 188 -10.79 -20.81 -17.79
CA LEU F 188 -11.13 -20.11 -19.03
C LEU F 188 -12.62 -19.78 -19.18
N ASN F 189 -13.20 -19.29 -18.10
CA ASN F 189 -14.56 -18.75 -18.11
C ASN F 189 -14.48 -17.26 -17.81
N LYS F 190 -15.61 -16.69 -17.41
CA LYS F 190 -15.65 -15.27 -17.06
C LYS F 190 -16.20 -15.08 -15.66
N ILE F 191 -15.95 -16.07 -14.80
CA ILE F 191 -16.39 -15.98 -13.41
C ILE F 191 -15.68 -14.81 -12.73
N HIS F 192 -16.45 -13.91 -12.13
CA HIS F 192 -15.87 -12.71 -11.55
C HIS F 192 -15.91 -12.72 -10.03
N HIS F 193 -16.72 -13.60 -9.45
CA HIS F 193 -16.89 -13.63 -8.00
C HIS F 193 -17.24 -15.01 -7.44
N ILE F 194 -16.72 -15.30 -6.26
CA ILE F 194 -17.05 -16.53 -5.55
C ILE F 194 -17.66 -16.24 -4.18
N PRO F 195 -18.98 -16.51 -4.04
CA PRO F 195 -19.68 -16.33 -2.76
C PRO F 195 -19.14 -17.26 -1.68
N ASP F 196 -19.43 -16.95 -0.42
CA ASP F 196 -19.05 -17.84 0.68
C ASP F 196 -19.75 -19.19 0.56
N TYR F 197 -19.02 -20.25 0.94
CA TYR F 197 -19.52 -21.62 0.87
C TYR F 197 -20.03 -22.01 -0.52
N ALA F 198 -19.41 -21.45 -1.55
CA ALA F 198 -19.82 -21.70 -2.92
C ALA F 198 -19.61 -23.15 -3.34
N PHE F 199 -18.77 -23.86 -2.61
CA PHE F 199 -18.51 -25.27 -2.88
C PHE F 199 -18.71 -26.13 -1.63
N GLY F 200 -19.79 -25.85 -0.89
CA GLY F 200 -20.10 -26.50 0.37
C GLY F 200 -19.92 -28.00 0.53
N ASN F 201 -20.77 -28.79 -0.15
CA ASN F 201 -20.83 -30.24 0.10
C ASN F 201 -19.66 -31.02 -0.48
N LEU F 202 -18.81 -30.36 -1.25
CA LEU F 202 -17.74 -31.06 -1.97
C LEU F 202 -16.59 -31.49 -1.05
N SER F 203 -16.89 -32.35 -0.09
CA SER F 203 -15.91 -32.82 0.89
C SER F 203 -14.79 -33.68 0.29
N SER F 204 -15.08 -34.40 -0.78
CA SER F 204 -14.12 -35.33 -1.38
C SER F 204 -13.20 -34.67 -2.39
N LEU F 205 -13.51 -33.44 -2.78
CA LEU F 205 -12.76 -32.72 -3.81
C LEU F 205 -11.29 -32.52 -3.43
N VAL F 206 -10.41 -32.76 -4.39
CA VAL F 206 -8.97 -32.71 -4.16
C VAL F 206 -8.29 -31.64 -5.00
N VAL F 207 -8.83 -31.40 -6.19
CA VAL F 207 -8.15 -30.55 -7.17
C VAL F 207 -9.11 -29.54 -7.79
N LEU F 208 -8.86 -28.25 -7.57
CA LEU F 208 -9.77 -27.22 -8.07
C LEU F 208 -9.05 -26.19 -8.95
N HIS F 209 -9.57 -26.02 -10.17
CA HIS F 209 -8.92 -25.16 -11.16
C HIS F 209 -9.82 -24.01 -11.63
N LEU F 210 -9.47 -22.80 -11.21
CA LEU F 210 -10.28 -21.62 -11.51
C LEU F 210 -9.53 -20.59 -12.34
N HIS F 211 -8.37 -20.97 -12.86
CA HIS F 211 -7.48 -20.03 -13.54
C HIS F 211 -8.09 -19.44 -14.81
N ASN F 212 -7.44 -18.40 -15.34
CA ASN F 212 -7.90 -17.66 -16.52
C ASN F 212 -9.38 -17.28 -16.45
N ASN F 213 -9.77 -16.71 -15.32
CA ASN F 213 -11.10 -16.17 -15.13
C ASN F 213 -10.97 -14.67 -14.91
N ARG F 214 -12.08 -14.01 -14.59
CA ARG F 214 -12.02 -12.60 -14.24
C ARG F 214 -12.34 -12.39 -12.76
N ILE F 215 -11.83 -13.28 -11.91
CA ILE F 215 -12.12 -13.22 -10.48
C ILE F 215 -11.52 -11.97 -9.85
N HIS F 216 -12.38 -11.06 -9.42
CA HIS F 216 -11.93 -9.79 -8.86
C HIS F 216 -12.00 -9.81 -7.34
N SER F 217 -13.03 -10.47 -6.81
CA SER F 217 -13.20 -10.58 -5.38
C SER F 217 -13.81 -11.92 -5.01
N LEU F 218 -13.36 -12.49 -3.90
CA LEU F 218 -13.87 -13.76 -3.42
C LEU F 218 -14.10 -13.69 -1.93
N GLY F 219 -15.17 -14.35 -1.45
CA GLY F 219 -15.52 -14.32 -0.05
C GLY F 219 -14.40 -14.79 0.86
N LYS F 220 -14.51 -14.45 2.15
CA LYS F 220 -13.48 -14.81 3.12
C LYS F 220 -13.64 -16.26 3.55
N LYS F 221 -14.83 -16.81 3.30
CA LYS F 221 -15.11 -18.21 3.61
C LYS F 221 -15.63 -18.95 2.38
N CYS F 222 -15.13 -18.56 1.22
CA CYS F 222 -15.67 -19.05 -0.05
C CYS F 222 -15.18 -20.47 -0.38
N PHE F 223 -14.15 -20.92 0.32
CA PHE F 223 -13.61 -22.27 0.12
C PHE F 223 -13.80 -23.18 1.33
N ASP F 224 -14.68 -22.81 2.24
CA ASP F 224 -14.76 -23.46 3.55
C ASP F 224 -15.26 -24.90 3.46
N GLY F 225 -15.90 -25.22 2.34
CA GLY F 225 -16.43 -26.55 2.12
C GLY F 225 -15.40 -27.67 2.02
N LEU F 226 -14.50 -27.59 1.04
CA LEU F 226 -13.69 -28.74 0.63
C LEU F 226 -12.49 -28.98 1.54
N HIS F 227 -12.62 -29.94 2.44
CA HIS F 227 -11.56 -30.25 3.39
C HIS F 227 -10.47 -31.12 2.76
N SER F 228 -10.82 -31.86 1.71
CA SER F 228 -9.87 -32.78 1.07
C SER F 228 -9.08 -32.11 -0.03
N LEU F 229 -9.27 -30.81 -0.22
CA LEU F 229 -8.61 -30.10 -1.31
C LEU F 229 -7.11 -30.03 -1.08
N GLU F 230 -6.35 -30.39 -2.10
CA GLU F 230 -4.90 -30.42 -1.98
C GLU F 230 -4.25 -29.40 -2.92
N THR F 231 -4.86 -29.16 -4.07
CA THR F 231 -4.32 -28.19 -5.03
C THR F 231 -5.36 -27.20 -5.53
N LEU F 232 -4.97 -25.93 -5.52
CA LEU F 232 -5.86 -24.83 -5.88
C LEU F 232 -5.18 -23.91 -6.88
N ASP F 233 -5.81 -23.74 -8.04
CA ASP F 233 -5.22 -22.88 -9.07
C ASP F 233 -6.08 -21.65 -9.32
N LEU F 234 -5.63 -20.52 -8.79
CA LEU F 234 -6.32 -19.24 -8.94
C LEU F 234 -5.59 -18.31 -9.89
N ASN F 235 -4.56 -18.84 -10.57
CA ASN F 235 -3.70 -18.06 -11.45
C ASN F 235 -4.44 -17.32 -12.58
N TYR F 236 -3.74 -16.36 -13.17
CA TYR F 236 -4.25 -15.60 -14.32
C TYR F 236 -5.64 -15.03 -14.06
N ASN F 237 -5.77 -14.32 -12.94
CA ASN F 237 -7.05 -13.75 -12.53
C ASN F 237 -6.88 -12.27 -12.22
N ASN F 238 -7.95 -11.62 -11.77
CA ASN F 238 -7.93 -10.19 -11.50
C ASN F 238 -8.12 -9.87 -10.02
N LEU F 239 -7.49 -10.66 -9.16
CA LEU F 239 -7.58 -10.43 -7.72
C LEU F 239 -6.85 -9.17 -7.30
N ASP F 240 -7.45 -8.42 -6.37
CA ASP F 240 -6.83 -7.23 -5.83
C ASP F 240 -6.21 -7.50 -4.47
N GLU F 241 -6.72 -8.53 -3.79
CA GLU F 241 -6.21 -8.87 -2.46
C GLU F 241 -5.92 -10.36 -2.32
N PHE F 242 -5.07 -10.67 -1.34
CA PHE F 242 -4.77 -12.03 -0.93
C PHE F 242 -6.04 -12.82 -0.63
N PRO F 243 -6.11 -14.07 -1.11
CA PRO F 243 -7.25 -14.94 -0.81
C PRO F 243 -7.11 -15.59 0.56
N THR F 244 -7.71 -14.98 1.57
CA THR F 244 -7.57 -15.45 2.94
C THR F 244 -8.43 -16.68 3.25
N ALA F 245 -9.36 -16.99 2.35
CA ALA F 245 -10.18 -18.20 2.48
C ALA F 245 -9.30 -19.44 2.59
N ILE F 246 -8.14 -19.34 1.94
CA ILE F 246 -7.05 -20.32 2.05
C ILE F 246 -6.90 -20.89 3.46
N ARG F 247 -7.20 -20.06 4.46
CA ARG F 247 -7.06 -20.46 5.86
C ARG F 247 -7.71 -21.80 6.18
N THR F 248 -8.83 -22.10 5.53
CA THR F 248 -9.60 -23.28 5.89
C THR F 248 -9.10 -24.56 5.22
N LEU F 249 -8.24 -24.43 4.22
CA LEU F 249 -7.76 -25.57 3.44
C LEU F 249 -6.55 -26.24 4.08
N SER F 250 -6.79 -27.02 5.14
CA SER F 250 -5.69 -27.60 5.92
C SER F 250 -4.86 -28.64 5.15
N ASN F 251 -5.53 -29.42 4.30
CA ASN F 251 -4.85 -30.47 3.55
C ASN F 251 -4.29 -30.00 2.21
N LEU F 252 -4.34 -28.69 1.99
CA LEU F 252 -3.80 -28.09 0.77
C LEU F 252 -2.30 -28.36 0.63
N LYS F 253 -1.88 -28.67 -0.60
CA LYS F 253 -0.50 -29.04 -0.88
C LYS F 253 0.12 -28.05 -1.86
N GLU F 254 -0.60 -27.77 -2.94
CA GLU F 254 -0.13 -26.86 -3.98
C GLU F 254 -1.08 -25.69 -4.17
N LEU F 255 -0.53 -24.47 -4.19
CA LEU F 255 -1.35 -23.27 -4.23
C LEU F 255 -0.79 -22.30 -5.25
N GLY F 256 -1.63 -21.86 -6.17
CA GLY F 256 -1.21 -20.89 -7.17
C GLY F 256 -2.19 -19.76 -7.33
N PHE F 257 -1.71 -18.52 -7.15
CA PHE F 257 -2.50 -17.34 -7.44
C PHE F 257 -1.66 -16.26 -8.11
N HIS F 258 -0.79 -16.68 -9.02
CA HIS F 258 0.10 -15.75 -9.71
C HIS F 258 -0.64 -15.04 -10.85
N SER F 259 0.00 -14.02 -11.41
CA SER F 259 -0.55 -13.22 -12.52
C SER F 259 -1.86 -12.52 -12.15
N ASN F 260 -1.96 -12.09 -10.90
CA ASN F 260 -3.07 -11.25 -10.45
C ASN F 260 -2.60 -9.81 -10.22
N ASN F 261 -3.36 -9.06 -9.44
CA ASN F 261 -2.99 -7.69 -9.09
C ASN F 261 -2.93 -7.52 -7.59
N ILE F 262 -2.52 -8.59 -6.90
CA ILE F 262 -2.40 -8.59 -5.45
C ILE F 262 -1.20 -7.74 -5.02
N ARG F 263 -1.33 -7.10 -3.86
CA ARG F 263 -0.35 -6.12 -3.40
C ARG F 263 0.40 -6.56 -2.14
N SER F 264 -0.17 -7.49 -1.38
CA SER F 264 0.46 -7.89 -0.12
C SER F 264 0.10 -9.29 0.36
N ILE F 265 1.02 -9.87 1.13
CA ILE F 265 0.75 -11.10 1.88
C ILE F 265 0.61 -10.72 3.34
N PRO F 266 -0.55 -10.99 3.93
CA PRO F 266 -0.84 -10.60 5.32
C PRO F 266 -0.08 -11.47 6.33
N GLU F 267 0.08 -10.97 7.56
CA GLU F 267 0.65 -11.76 8.64
C GLU F 267 -0.12 -13.07 8.81
N LYS F 268 0.62 -14.15 9.10
CA LYS F 268 0.05 -15.49 9.23
C LYS F 268 -0.88 -15.83 8.07
N ALA F 269 -0.39 -15.67 6.84
CA ALA F 269 -1.21 -15.89 5.66
C ALA F 269 -1.39 -17.38 5.40
N PHE F 270 -0.33 -18.15 5.65
CA PHE F 270 -0.33 -19.59 5.38
C PHE F 270 -0.32 -20.41 6.66
N VAL F 271 -0.75 -19.79 7.76
CA VAL F 271 -0.89 -20.49 9.03
C VAL F 271 -1.85 -21.68 8.92
N GLY F 272 -2.88 -21.53 8.10
CA GLY F 272 -3.91 -22.54 7.98
C GLY F 272 -3.53 -23.72 7.10
N ASN F 273 -2.37 -23.64 6.45
CA ASN F 273 -2.00 -24.67 5.49
C ASN F 273 -0.56 -25.17 5.58
N PRO F 274 -0.22 -25.84 6.70
CA PRO F 274 1.06 -26.57 6.69
C PRO F 274 0.99 -27.72 5.69
N SER F 275 2.10 -28.42 5.49
CA SER F 275 2.20 -29.45 4.46
C SER F 275 1.94 -28.87 3.07
N LEU F 276 2.10 -27.55 2.97
CA LEU F 276 2.19 -26.89 1.67
C LEU F 276 3.56 -27.19 1.10
N ILE F 277 3.64 -27.42 -0.20
CA ILE F 277 4.90 -27.77 -0.82
C ILE F 277 5.29 -26.74 -1.86
N THR F 278 4.35 -26.38 -2.73
CA THR F 278 4.61 -25.34 -3.73
C THR F 278 3.60 -24.21 -3.71
N ILE F 279 4.11 -22.99 -3.75
CA ILE F 279 3.29 -21.79 -3.72
C ILE F 279 3.74 -20.84 -4.82
N HIS F 280 2.79 -20.43 -5.65
CA HIS F 280 3.08 -19.55 -6.77
C HIS F 280 2.34 -18.23 -6.66
N PHE F 281 3.08 -17.13 -6.51
CA PHE F 281 2.48 -15.81 -6.43
C PHE F 281 3.26 -14.76 -7.23
N TYR F 282 4.07 -15.20 -8.19
CA TYR F 282 4.79 -14.28 -9.05
C TYR F 282 3.84 -13.49 -9.95
N ASP F 283 4.39 -12.56 -10.73
CA ASP F 283 3.59 -11.64 -11.54
C ASP F 283 2.48 -10.94 -10.74
N ASN F 284 2.66 -10.87 -9.43
CA ASN F 284 1.84 -10.04 -8.58
C ASN F 284 2.65 -8.87 -8.03
N PRO F 285 2.12 -7.64 -8.17
CA PRO F 285 2.84 -6.48 -7.65
C PRO F 285 2.81 -6.43 -6.14
N ILE F 286 3.45 -7.41 -5.50
CA ILE F 286 3.47 -7.51 -4.05
C ILE F 286 4.48 -6.52 -3.48
N GLN F 287 4.01 -5.64 -2.60
CA GLN F 287 4.87 -4.61 -2.03
C GLN F 287 5.24 -4.93 -0.59
N PHE F 288 4.27 -5.41 0.18
CA PHE F 288 4.55 -5.83 1.55
C PHE F 288 4.32 -7.32 1.77
N VAL F 289 5.08 -7.88 2.71
CA VAL F 289 4.92 -9.25 3.16
C VAL F 289 5.04 -9.29 4.68
N GLY F 290 4.07 -9.90 5.35
CA GLY F 290 4.12 -10.05 6.79
C GLY F 290 5.33 -10.86 7.19
N ARG F 291 5.91 -10.54 8.35
CA ARG F 291 7.11 -11.26 8.78
C ARG F 291 6.80 -12.72 9.15
N SER F 292 5.72 -12.93 9.89
CA SER F 292 5.33 -14.28 10.30
C SER F 292 4.54 -15.01 9.21
N ALA F 293 4.35 -14.34 8.07
CA ALA F 293 3.51 -14.84 6.99
C ALA F 293 3.93 -16.19 6.43
N PHE F 294 5.22 -16.50 6.50
CA PHE F 294 5.73 -17.76 5.97
C PHE F 294 6.19 -18.70 7.08
N GLN F 295 5.49 -18.66 8.21
CA GLN F 295 5.82 -19.54 9.32
C GLN F 295 5.18 -20.92 9.19
N HIS F 296 5.84 -21.92 9.76
CA HIS F 296 5.34 -23.29 9.84
C HIS F 296 4.92 -23.88 8.49
N LEU F 297 5.86 -23.97 7.57
CA LEU F 297 5.67 -24.70 6.33
C LEU F 297 6.89 -25.59 6.09
N PRO F 298 7.00 -26.68 6.87
CA PRO F 298 8.19 -27.54 6.88
C PRO F 298 8.46 -28.20 5.53
N GLU F 299 7.44 -28.28 4.69
CA GLU F 299 7.56 -28.92 3.38
C GLU F 299 7.87 -27.93 2.27
N LEU F 300 7.91 -26.64 2.61
CA LEU F 300 8.23 -25.61 1.64
C LEU F 300 9.73 -25.65 1.32
N ARG F 301 10.07 -25.69 0.03
CA ARG F 301 11.45 -25.88 -0.39
C ARG F 301 12.11 -24.63 -0.97
N THR F 302 11.32 -23.75 -1.56
CA THR F 302 11.87 -22.59 -2.24
C THR F 302 11.03 -21.33 -1.97
N LEU F 303 11.71 -20.21 -1.71
CA LEU F 303 11.02 -18.94 -1.50
C LEU F 303 11.70 -17.80 -2.23
N THR F 304 10.93 -17.12 -3.09
CA THR F 304 11.44 -16.01 -3.89
C THR F 304 10.52 -14.80 -3.76
N LEU F 305 11.11 -13.66 -3.45
CA LEU F 305 10.38 -12.43 -3.14
C LEU F 305 11.07 -11.27 -3.83
N ASN F 306 10.61 -10.95 -5.04
CA ASN F 306 11.23 -9.91 -5.84
C ASN F 306 10.47 -8.59 -5.81
N GLY F 307 11.17 -7.52 -5.45
CA GLY F 307 10.63 -6.17 -5.53
C GLY F 307 9.56 -5.86 -4.50
N ALA F 308 9.62 -6.51 -3.35
CA ALA F 308 8.72 -6.21 -2.25
C ALA F 308 9.30 -5.05 -1.44
N SER F 309 9.20 -3.85 -2.00
CA SER F 309 9.84 -2.65 -1.46
C SER F 309 9.58 -2.39 0.02
N GLN F 310 8.39 -2.71 0.49
CA GLN F 310 7.98 -2.32 1.84
C GLN F 310 8.40 -3.33 2.89
N ILE F 311 9.09 -4.39 2.47
CA ILE F 311 9.70 -5.29 3.45
C ILE F 311 10.92 -4.57 4.02
N THR F 312 10.90 -4.36 5.33
CA THR F 312 11.97 -3.62 6.00
C THR F 312 12.73 -4.52 6.94
N GLU F 313 12.10 -5.63 7.31
CA GLU F 313 12.73 -6.59 8.21
C GLU F 313 12.77 -7.97 7.55
N PHE F 314 13.80 -8.74 7.85
CA PHE F 314 13.89 -10.12 7.37
C PHE F 314 12.71 -10.91 7.93
N PRO F 315 12.04 -11.72 7.09
CA PRO F 315 10.84 -12.41 7.56
C PRO F 315 11.17 -13.57 8.50
N ASP F 316 10.25 -13.89 9.40
CA ASP F 316 10.45 -15.00 10.32
C ASP F 316 10.12 -16.31 9.62
N LEU F 317 10.96 -17.32 9.84
CA LEU F 317 10.78 -18.61 9.20
C LEU F 317 10.85 -19.74 10.23
N THR F 318 10.08 -19.58 11.31
CA THR F 318 10.01 -20.59 12.36
C THR F 318 9.22 -21.81 11.89
N GLY F 319 9.78 -22.99 12.12
CA GLY F 319 9.13 -24.24 11.77
C GLY F 319 9.10 -24.50 10.28
N THR F 320 9.88 -23.74 9.53
CA THR F 320 10.05 -23.95 8.09
C THR F 320 11.53 -23.85 7.73
N ALA F 321 12.29 -24.86 8.14
CA ALA F 321 13.75 -24.82 8.03
C ALA F 321 14.26 -25.50 6.75
N ASN F 322 13.36 -26.18 6.03
CA ASN F 322 13.78 -26.97 4.89
C ASN F 322 13.81 -26.18 3.58
N LEU F 323 13.93 -24.86 3.69
CA LEU F 323 14.14 -24.01 2.52
C LEU F 323 15.50 -24.32 1.92
N GLU F 324 15.55 -24.48 0.60
CA GLU F 324 16.80 -24.77 -0.08
C GLU F 324 17.27 -23.59 -0.93
N SER F 325 16.33 -22.75 -1.34
CA SER F 325 16.66 -21.56 -2.11
C SER F 325 15.86 -20.37 -1.62
N LEU F 326 16.55 -19.39 -1.03
CA LEU F 326 15.88 -18.19 -0.58
C LEU F 326 16.45 -16.97 -1.29
N THR F 327 15.58 -16.32 -2.06
CA THR F 327 15.94 -15.09 -2.74
C THR F 327 14.92 -14.02 -2.40
N LEU F 328 15.40 -12.86 -1.97
CA LEU F 328 14.54 -11.76 -1.54
C LEU F 328 15.24 -10.45 -1.88
N THR F 329 14.74 -9.76 -2.90
CA THR F 329 15.43 -8.61 -3.47
C THR F 329 14.53 -7.39 -3.61
N GLY F 330 15.14 -6.25 -3.89
CA GLY F 330 14.42 -5.03 -4.18
C GLY F 330 13.63 -4.47 -3.01
N ALA F 331 14.12 -4.72 -1.79
CA ALA F 331 13.43 -4.26 -0.60
C ALA F 331 14.29 -3.30 0.21
N GLN F 332 13.96 -3.14 1.49
CA GLN F 332 14.65 -2.19 2.35
C GLN F 332 15.20 -2.86 3.59
N ILE F 333 15.63 -4.11 3.46
CA ILE F 333 16.12 -4.85 4.62
C ILE F 333 17.38 -4.20 5.14
N SER F 334 17.34 -3.77 6.39
CA SER F 334 18.42 -2.98 6.98
C SER F 334 19.50 -3.89 7.54
N SER F 335 19.07 -5.00 8.12
CA SER F 335 19.98 -5.90 8.78
C SER F 335 19.33 -7.26 9.01
N LEU F 336 20.15 -8.23 9.38
CA LEU F 336 19.67 -9.57 9.65
C LEU F 336 19.93 -9.88 11.10
N PRO F 337 18.98 -10.54 11.78
CA PRO F 337 19.32 -11.14 13.07
C PRO F 337 20.60 -11.97 12.96
N GLN F 338 21.43 -11.90 13.99
CA GLN F 338 22.74 -12.53 13.93
C GLN F 338 22.63 -14.04 13.85
N THR F 339 21.52 -14.58 14.34
CA THR F 339 21.25 -16.00 14.20
C THR F 339 20.15 -16.30 13.17
N VAL F 340 20.19 -15.65 12.02
CA VAL F 340 19.24 -15.94 10.94
C VAL F 340 19.50 -17.32 10.34
N CYS F 341 20.78 -17.66 10.25
CA CYS F 341 21.19 -18.92 9.61
C CYS F 341 20.71 -20.14 10.39
N ASN F 342 20.56 -20.00 11.70
CA ASN F 342 19.98 -21.05 12.53
C ASN F 342 18.60 -21.46 12.01
N GLN F 343 17.89 -20.50 11.40
CA GLN F 343 16.60 -20.76 10.80
C GLN F 343 16.76 -21.32 9.39
N LEU F 344 17.99 -21.38 8.90
CA LEU F 344 18.23 -21.70 7.49
C LEU F 344 19.26 -22.79 7.23
N PRO F 345 19.13 -23.96 7.88
CA PRO F 345 19.95 -25.04 7.35
C PRO F 345 19.31 -25.62 6.10
N ASN F 346 19.99 -26.53 5.41
CA ASN F 346 19.53 -27.10 4.14
C ASN F 346 19.49 -26.05 3.01
N LEU F 347 19.59 -24.78 3.38
CA LEU F 347 19.62 -23.70 2.40
C LEU F 347 20.86 -23.83 1.54
N GLN F 348 20.69 -23.64 0.24
CA GLN F 348 21.76 -23.84 -0.71
C GLN F 348 22.07 -22.54 -1.46
N VAL F 349 21.02 -21.77 -1.74
CA VAL F 349 21.18 -20.51 -2.45
C VAL F 349 20.60 -19.35 -1.67
N LEU F 350 21.37 -18.28 -1.53
CA LEU F 350 20.90 -17.09 -0.83
C LEU F 350 21.14 -15.85 -1.67
N ASP F 351 20.05 -15.18 -2.03
CA ASP F 351 20.17 -13.98 -2.84
C ASP F 351 19.45 -12.82 -2.18
N LEU F 352 20.21 -11.92 -1.56
CA LEU F 352 19.62 -10.76 -0.89
C LEU F 352 20.10 -9.47 -1.53
N SER F 353 20.33 -9.53 -2.84
CA SER F 353 20.79 -8.37 -3.60
C SER F 353 19.76 -7.24 -3.58
N TYR F 354 20.25 -6.02 -3.80
CA TYR F 354 19.40 -4.84 -3.91
C TYR F 354 18.55 -4.60 -2.66
N ASN F 355 19.24 -4.50 -1.53
CA ASN F 355 18.62 -4.12 -0.27
C ASN F 355 19.49 -3.05 0.38
N LEU F 356 19.27 -2.80 1.66
CA LEU F 356 20.10 -1.83 2.37
C LEU F 356 20.80 -2.49 3.56
N LEU F 357 21.76 -3.36 3.26
CA LEU F 357 22.48 -4.10 4.29
C LEU F 357 23.83 -3.46 4.54
N GLU F 358 24.16 -3.28 5.81
CA GLU F 358 25.41 -2.62 6.18
C GLU F 358 26.30 -3.61 6.91
N ASP F 359 25.79 -4.15 8.01
CA ASP F 359 26.50 -5.19 8.75
C ASP F 359 25.95 -6.56 8.34
N LEU F 360 26.76 -7.59 8.51
CA LEU F 360 26.37 -8.95 8.13
C LEU F 360 26.58 -9.95 9.26
N PRO F 361 25.63 -10.88 9.42
CA PRO F 361 25.74 -11.95 10.41
C PRO F 361 26.82 -12.98 10.05
N SER F 362 26.90 -14.06 10.83
CA SER F 362 27.99 -15.01 10.72
C SER F 362 27.97 -15.82 9.41
N PHE F 363 26.78 -16.21 8.98
CA PHE F 363 26.60 -17.06 7.80
C PHE F 363 27.25 -18.44 7.92
N SER F 364 28.01 -18.65 8.99
CA SER F 364 28.73 -19.90 9.22
C SER F 364 27.78 -21.07 9.45
N VAL F 365 26.65 -20.77 10.10
CA VAL F 365 25.67 -21.79 10.42
C VAL F 365 24.99 -22.29 9.15
N CYS F 366 24.92 -21.42 8.15
CA CYS F 366 24.30 -21.75 6.88
C CYS F 366 25.21 -22.58 5.97
N GLN F 367 25.66 -23.72 6.46
CA GLN F 367 26.38 -24.67 5.62
C GLN F 367 25.43 -25.22 4.56
N LYS F 368 25.98 -25.98 3.61
CA LYS F 368 25.25 -26.46 2.42
C LYS F 368 24.98 -25.33 1.42
N LEU F 369 25.29 -24.10 1.82
CA LEU F 369 25.20 -22.94 0.94
C LEU F 369 26.14 -23.07 -0.24
N GLN F 370 25.61 -22.93 -1.45
CA GLN F 370 26.42 -23.02 -2.65
C GLN F 370 26.60 -21.67 -3.34
N LYS F 371 25.60 -20.81 -3.26
CA LYS F 371 25.68 -19.53 -3.96
C LYS F 371 25.19 -18.39 -3.08
N ILE F 372 25.91 -17.26 -3.13
CA ILE F 372 25.52 -16.09 -2.34
C ILE F 372 25.61 -14.83 -3.20
N ASP F 373 24.53 -14.05 -3.18
CA ASP F 373 24.46 -12.84 -3.98
C ASP F 373 24.03 -11.65 -3.14
N LEU F 374 24.99 -10.79 -2.82
CA LEU F 374 24.75 -9.67 -1.92
C LEU F 374 25.07 -8.34 -2.59
N ARG F 375 25.00 -8.32 -3.91
CA ARG F 375 25.34 -7.11 -4.67
C ARG F 375 24.33 -5.98 -4.46
N HIS F 376 24.76 -4.77 -4.78
CA HIS F 376 23.97 -3.55 -4.57
C HIS F 376 23.35 -3.46 -3.17
N ASN F 377 24.18 -3.74 -2.18
CA ASN F 377 23.85 -3.46 -0.78
C ASN F 377 24.79 -2.36 -0.31
N GLU F 378 24.56 -1.82 0.88
CA GLU F 378 25.46 -0.78 1.39
C GLU F 378 26.37 -1.33 2.48
N ILE F 379 27.18 -2.32 2.13
CA ILE F 379 28.05 -3.00 3.07
C ILE F 379 29.42 -2.34 3.10
N TYR F 380 29.90 -1.97 4.28
CA TYR F 380 31.17 -1.24 4.36
C TYR F 380 32.36 -2.08 4.82
N GLU F 381 32.11 -3.25 5.39
CA GLU F 381 33.21 -4.05 5.95
C GLU F 381 32.87 -5.54 5.99
N ILE F 382 33.90 -6.37 5.80
CA ILE F 382 33.74 -7.82 5.88
C ILE F 382 34.66 -8.37 6.96
N LYS F 383 34.06 -8.77 8.09
CA LYS F 383 34.82 -9.26 9.23
C LYS F 383 35.29 -10.70 8.99
N VAL F 384 35.84 -11.31 10.04
CA VAL F 384 36.45 -12.64 9.91
C VAL F 384 35.42 -13.77 9.82
N ASP F 385 34.55 -13.85 10.82
CA ASP F 385 33.63 -14.97 10.97
C ASP F 385 32.47 -14.95 9.97
N THR F 386 32.30 -13.82 9.28
CA THR F 386 31.12 -13.61 8.43
C THR F 386 31.03 -14.56 7.22
N PHE F 387 32.09 -15.32 6.95
CA PHE F 387 32.04 -16.35 5.92
C PHE F 387 32.85 -17.60 6.26
N GLN F 388 32.99 -17.88 7.55
CA GLN F 388 33.79 -19.02 7.99
C GLN F 388 33.05 -20.35 7.80
N GLN F 389 33.79 -21.35 7.33
CA GLN F 389 33.29 -22.72 7.22
C GLN F 389 32.12 -22.89 6.28
N LEU F 390 32.19 -22.26 5.11
CA LEU F 390 31.20 -22.45 4.07
C LEU F 390 31.78 -23.36 3.00
N LEU F 391 31.87 -24.64 3.34
CA LEU F 391 32.64 -25.62 2.56
C LEU F 391 32.07 -25.92 1.17
N SER F 392 30.77 -25.75 1.01
CA SER F 392 30.12 -26.04 -0.27
C SER F 392 29.98 -24.80 -1.15
N LEU F 393 30.32 -23.63 -0.59
CA LEU F 393 30.16 -22.36 -1.29
C LEU F 393 31.04 -22.27 -2.54
N ARG F 394 30.42 -22.00 -3.67
CA ARG F 394 31.14 -21.93 -4.95
C ARG F 394 31.20 -20.52 -5.51
N SER F 395 30.11 -19.77 -5.37
CA SER F 395 30.02 -18.43 -5.96
C SER F 395 29.61 -17.37 -4.94
N LEU F 396 30.41 -16.31 -4.85
CA LEU F 396 30.12 -15.21 -3.94
C LEU F 396 30.18 -13.86 -4.67
N ASN F 397 29.05 -13.16 -4.68
CA ASN F 397 28.99 -11.85 -5.31
C ASN F 397 28.75 -10.75 -4.29
N LEU F 398 29.72 -9.84 -4.18
CA LEU F 398 29.62 -8.69 -3.29
C LEU F 398 29.79 -7.39 -4.07
N ALA F 399 29.51 -7.43 -5.37
CA ALA F 399 29.69 -6.28 -6.23
C ALA F 399 28.81 -5.11 -5.80
N TRP F 400 29.20 -3.90 -6.20
CA TRP F 400 28.47 -2.68 -5.91
C TRP F 400 28.05 -2.55 -4.44
N ASN F 401 29.00 -2.82 -3.56
CA ASN F 401 28.86 -2.53 -2.15
C ASN F 401 29.82 -1.38 -1.86
N LYS F 402 29.88 -0.92 -0.62
CA LYS F 402 30.85 0.10 -0.28
C LYS F 402 31.88 -0.45 0.70
N ILE F 403 32.39 -1.63 0.35
CA ILE F 403 33.31 -2.39 1.18
C ILE F 403 34.70 -1.75 1.20
N ALA F 404 35.02 -1.08 2.30
CA ALA F 404 36.29 -0.39 2.44
C ALA F 404 37.42 -1.32 2.88
N ILE F 405 37.05 -2.41 3.54
CA ILE F 405 38.05 -3.26 4.19
C ILE F 405 37.60 -4.72 4.31
N ILE F 406 38.55 -5.64 4.14
CA ILE F 406 38.30 -7.06 4.34
C ILE F 406 39.37 -7.63 5.24
N HIS F 407 38.96 -8.28 6.33
CA HIS F 407 39.91 -9.01 7.15
C HIS F 407 40.50 -10.12 6.28
N PRO F 408 41.84 -10.24 6.27
CA PRO F 408 42.54 -11.16 5.36
C PRO F 408 41.96 -12.57 5.32
N ASN F 409 41.73 -13.17 6.49
CA ASN F 409 41.29 -14.56 6.56
C ASN F 409 39.80 -14.78 6.38
N ALA F 410 39.07 -13.73 5.98
CA ALA F 410 37.65 -13.84 5.68
C ALA F 410 37.35 -14.96 4.69
N PHE F 411 38.25 -15.15 3.73
CA PHE F 411 38.07 -16.14 2.67
C PHE F 411 38.95 -17.36 2.87
N SER F 412 39.56 -17.46 4.04
CA SER F 412 40.50 -18.54 4.35
C SER F 412 39.90 -19.95 4.26
N THR F 413 38.63 -20.08 4.59
CA THR F 413 38.03 -21.40 4.79
C THR F 413 36.95 -21.72 3.77
N LEU F 414 37.23 -21.44 2.50
CA LEU F 414 36.24 -21.61 1.43
C LEU F 414 36.77 -22.52 0.32
N PRO F 415 36.93 -23.82 0.61
CA PRO F 415 37.58 -24.77 -0.30
C PRO F 415 36.92 -24.88 -1.68
N SER F 416 35.59 -24.85 -1.72
CA SER F 416 34.86 -25.03 -2.97
C SER F 416 34.69 -23.73 -3.75
N LEU F 417 35.15 -22.62 -3.18
CA LEU F 417 34.98 -21.31 -3.80
C LEU F 417 35.71 -21.23 -5.14
N ILE F 418 34.99 -20.86 -6.19
CA ILE F 418 35.59 -20.70 -7.52
C ILE F 418 35.29 -19.34 -8.15
N LYS F 419 34.11 -18.78 -7.86
CA LYS F 419 33.72 -17.50 -8.43
C LYS F 419 33.59 -16.40 -7.38
N LEU F 420 34.28 -15.28 -7.61
CA LEU F 420 34.24 -14.16 -6.66
C LEU F 420 34.11 -12.82 -7.36
N ASP F 421 33.14 -12.02 -6.91
CA ASP F 421 32.90 -10.72 -7.52
C ASP F 421 32.91 -9.59 -6.49
N LEU F 422 33.90 -8.72 -6.59
CA LEU F 422 34.01 -7.58 -5.69
C LEU F 422 34.01 -6.27 -6.47
N SER F 423 33.47 -6.33 -7.68
CA SER F 423 33.41 -5.17 -8.57
C SER F 423 32.74 -3.96 -7.93
N SER F 424 33.24 -2.77 -8.30
CA SER F 424 32.68 -1.49 -7.84
C SER F 424 32.57 -1.42 -6.33
N ASN F 425 33.69 -1.60 -5.65
CA ASN F 425 33.75 -1.52 -4.20
C ASN F 425 34.77 -0.47 -3.81
N LEU F 426 34.96 -0.28 -2.50
CA LEU F 426 35.87 0.76 -2.04
C LEU F 426 37.15 0.11 -1.49
N LEU F 427 37.66 -0.87 -2.22
CA LEU F 427 38.90 -1.55 -1.83
C LEU F 427 40.14 -0.81 -2.32
N SER F 428 41.22 -0.96 -1.56
CA SER F 428 42.52 -0.42 -1.92
C SER F 428 43.52 -1.56 -2.03
N SER F 429 43.32 -2.57 -1.18
CA SER F 429 44.17 -3.74 -1.13
C SER F 429 43.32 -5.00 -1.17
N PHE F 430 43.96 -6.16 -1.15
CA PHE F 430 43.26 -7.42 -1.35
C PHE F 430 43.80 -8.53 -0.45
N PRO F 431 42.89 -9.40 0.03
CA PRO F 431 43.28 -10.58 0.80
C PRO F 431 43.45 -11.81 -0.09
N ILE F 432 44.70 -12.15 -0.38
CA ILE F 432 45.01 -13.29 -1.23
C ILE F 432 44.92 -14.60 -0.45
N THR F 433 45.14 -14.54 0.86
CA THR F 433 45.22 -15.73 1.70
C THR F 433 43.98 -16.62 1.55
N GLY F 434 44.22 -17.93 1.50
CA GLY F 434 43.17 -18.86 1.13
C GLY F 434 42.88 -18.60 -0.34
N LEU F 435 41.67 -18.90 -0.78
CA LEU F 435 41.16 -18.37 -2.04
C LEU F 435 41.97 -18.77 -3.30
N HIS F 436 43.14 -19.35 -3.08
CA HIS F 436 44.00 -19.81 -4.17
C HIS F 436 43.29 -20.78 -5.11
N GLY F 437 43.56 -20.62 -6.41
CA GLY F 437 42.95 -21.45 -7.44
C GLY F 437 41.43 -21.44 -7.47
N LEU F 438 40.87 -20.25 -7.64
CA LEU F 438 39.45 -20.10 -7.96
C LEU F 438 39.33 -19.95 -9.47
N THR F 439 38.11 -20.01 -10.00
CA THR F 439 37.96 -19.91 -11.45
C THR F 439 37.70 -18.47 -11.91
N HIS F 440 36.86 -17.73 -11.18
CA HIS F 440 36.45 -16.38 -11.60
C HIS F 440 36.80 -15.30 -10.57
N LEU F 441 37.34 -14.17 -11.02
CA LEU F 441 37.68 -13.08 -10.12
C LEU F 441 37.40 -11.71 -10.73
N LYS F 442 36.57 -10.91 -10.07
CA LYS F 442 36.13 -9.63 -10.64
C LYS F 442 36.38 -8.47 -9.68
N LEU F 443 37.27 -7.55 -10.05
CA LEU F 443 37.68 -6.47 -9.15
C LEU F 443 37.59 -5.05 -9.74
N THR F 444 37.05 -4.90 -10.95
CA THR F 444 36.89 -3.59 -11.57
C THR F 444 36.11 -2.62 -10.67
N GLY F 445 36.43 -1.33 -10.78
CA GLY F 445 35.74 -0.31 -10.00
C GLY F 445 36.36 -0.07 -8.63
N ASN F 446 37.40 -0.84 -8.32
CA ASN F 446 38.19 -0.59 -7.11
C ASN F 446 39.41 0.25 -7.45
N HIS F 447 39.18 1.53 -7.75
CA HIS F 447 40.23 2.40 -8.29
C HIS F 447 41.44 2.55 -7.37
N ALA F 448 41.24 2.31 -6.07
CA ALA F 448 42.36 2.40 -5.12
C ALA F 448 43.19 1.12 -5.13
N LEU F 449 42.75 0.12 -5.89
CA LEU F 449 43.49 -1.13 -6.04
C LEU F 449 44.45 -1.00 -7.22
N GLN F 450 45.72 -0.71 -6.91
CA GLN F 450 46.69 -0.39 -7.94
C GLN F 450 47.85 -1.41 -7.99
N SER F 451 48.04 -2.13 -6.89
CA SER F 451 49.14 -3.10 -6.81
C SER F 451 48.90 -4.30 -7.73
N LEU F 452 49.97 -5.06 -7.97
CA LEU F 452 49.93 -6.16 -8.94
C LEU F 452 49.53 -7.50 -8.33
N ILE F 453 49.24 -8.46 -9.19
CA ILE F 453 48.83 -9.81 -8.79
C ILE F 453 49.51 -10.87 -9.66
N SER F 454 50.20 -11.80 -9.02
CA SER F 454 50.97 -12.83 -9.72
C SER F 454 50.09 -13.91 -10.33
N SER F 455 50.55 -14.48 -11.46
CA SER F 455 49.86 -15.60 -12.09
C SER F 455 49.76 -16.80 -11.15
N GLU F 456 50.88 -17.12 -10.52
CA GLU F 456 50.87 -18.07 -9.41
C GLU F 456 50.25 -17.33 -8.23
N ASN F 457 49.70 -18.07 -7.28
CA ASN F 457 48.74 -17.62 -6.26
C ASN F 457 47.32 -17.64 -6.84
N PHE F 458 47.26 -18.03 -8.11
CA PHE F 458 46.03 -17.98 -8.90
C PHE F 458 46.07 -18.86 -10.16
N PRO F 459 46.46 -20.14 -10.04
CA PRO F 459 46.24 -20.95 -11.24
C PRO F 459 44.75 -21.23 -11.47
N GLU F 460 44.37 -21.59 -12.70
CA GLU F 460 43.01 -22.00 -13.05
C GLU F 460 42.06 -20.82 -13.22
N LEU F 461 42.58 -19.60 -13.09
CA LEU F 461 41.78 -18.41 -13.34
C LEU F 461 41.46 -18.30 -14.82
N LYS F 462 40.21 -18.55 -15.20
CA LYS F 462 39.81 -18.48 -16.59
C LYS F 462 39.07 -17.17 -16.92
N VAL F 463 38.54 -16.51 -15.89
CA VAL F 463 37.93 -15.20 -16.07
C VAL F 463 38.39 -14.20 -15.02
N ILE F 464 38.91 -13.06 -15.48
CA ILE F 464 39.38 -12.00 -14.61
C ILE F 464 38.90 -10.63 -15.08
N GLU F 465 38.50 -9.79 -14.13
CA GLU F 465 38.25 -8.39 -14.40
C GLU F 465 39.16 -7.60 -13.47
N MET F 466 39.74 -6.52 -13.98
CA MET F 466 40.75 -5.80 -13.22
C MET F 466 40.61 -4.29 -13.41
N PRO F 467 40.84 -3.51 -12.33
CA PRO F 467 40.68 -2.06 -12.42
C PRO F 467 41.68 -1.41 -13.38
N TYR F 468 42.87 -2.00 -13.51
CA TYR F 468 43.89 -1.43 -14.37
C TYR F 468 44.48 -2.47 -15.32
N ALA F 469 44.59 -2.09 -16.60
CA ALA F 469 45.08 -2.95 -17.67
C ALA F 469 46.44 -3.59 -17.37
N TYR F 470 47.35 -2.81 -16.79
CA TYR F 470 48.69 -3.31 -16.51
C TYR F 470 48.64 -4.51 -15.54
N GLN F 471 47.64 -4.52 -14.67
CA GLN F 471 47.44 -5.66 -13.78
C GLN F 471 46.99 -6.89 -14.57
N CYS F 472 46.23 -6.66 -15.64
CA CYS F 472 45.82 -7.75 -16.52
C CYS F 472 47.02 -8.33 -17.26
N CYS F 473 47.81 -7.46 -17.88
CA CYS F 473 49.03 -7.88 -18.59
C CYS F 473 49.91 -8.81 -17.76
N ALA F 474 49.90 -8.62 -16.44
CA ALA F 474 50.62 -9.50 -15.52
C ALA F 474 50.13 -10.95 -15.59
N PHE F 475 49.02 -11.17 -16.28
CA PHE F 475 48.51 -12.51 -16.51
C PHE F 475 48.66 -12.95 -17.96
N GLY F 476 49.31 -12.13 -18.78
CA GLY F 476 49.56 -12.47 -20.16
C GLY F 476 48.68 -11.85 -21.23
N VAL F 477 47.77 -10.97 -20.84
CA VAL F 477 46.87 -10.34 -21.81
C VAL F 477 47.31 -8.94 -22.21
N CYS F 478 47.55 -8.76 -23.52
CA CYS F 478 47.91 -7.50 -24.17
C CYS F 478 48.34 -6.33 -23.27
N HIS F 530 40.46 -22.54 -20.46
CA HIS F 530 41.85 -22.82 -20.16
C HIS F 530 42.79 -21.73 -20.68
N SER F 531 42.37 -21.09 -21.76
CA SER F 531 43.13 -20.02 -22.40
C SER F 531 43.32 -18.83 -21.45
N VAL F 532 42.32 -18.63 -20.58
CA VAL F 532 42.19 -17.51 -19.61
C VAL F 532 42.14 -16.12 -20.26
N GLN F 533 41.38 -15.23 -19.62
CA GLN F 533 41.24 -13.86 -20.08
C GLN F 533 41.47 -12.92 -18.91
N CYS F 534 41.24 -11.63 -19.16
CA CYS F 534 41.38 -10.55 -18.18
C CYS F 534 41.10 -9.23 -18.88
N SER F 535 40.20 -8.41 -18.32
CA SER F 535 39.86 -7.13 -18.94
C SER F 535 39.78 -5.95 -17.97
N PRO F 536 40.13 -4.74 -18.45
CA PRO F 536 39.97 -3.47 -17.75
C PRO F 536 38.58 -2.92 -18.14
N CYS G 12 66.08 -11.23 -5.09
CA CYS G 12 64.89 -10.89 -5.88
C CYS G 12 65.23 -9.90 -6.98
N ALA G 13 65.69 -8.72 -6.58
CA ALA G 13 66.13 -7.66 -7.49
C ALA G 13 66.64 -6.45 -6.74
N LYS G 14 67.23 -5.51 -7.49
CA LYS G 14 67.71 -4.25 -6.95
C LYS G 14 66.56 -3.46 -6.31
N GLY G 15 66.61 -3.31 -5.00
CA GLY G 15 65.54 -2.65 -4.25
C GLY G 15 64.15 -3.16 -4.58
N CYS G 16 63.99 -4.48 -4.55
CA CYS G 16 62.70 -5.11 -4.84
C CYS G 16 62.37 -6.16 -3.77
N GLU G 17 61.12 -6.13 -3.30
CA GLU G 17 60.74 -6.92 -2.14
C GLU G 17 60.14 -8.28 -2.50
N LEU G 18 59.31 -8.32 -3.54
CA LEU G 18 58.73 -9.58 -4.00
C LEU G 18 58.71 -9.66 -5.52
N CYS G 19 59.20 -10.78 -6.05
CA CYS G 19 59.16 -11.01 -7.49
C CYS G 19 58.46 -12.31 -7.82
N SER G 20 57.98 -12.41 -9.06
CA SER G 20 57.43 -13.66 -9.57
C SER G 20 58.27 -14.13 -10.76
N GLU G 21 58.29 -15.44 -10.96
CA GLU G 21 59.12 -16.04 -11.98
C GLU G 21 58.75 -15.53 -13.39
N VAL G 22 57.45 -15.38 -13.62
CA VAL G 22 56.94 -14.90 -14.91
C VAL G 22 57.08 -13.39 -15.12
N ASN G 23 56.59 -12.60 -14.17
CA ASN G 23 56.45 -11.16 -14.37
C ASN G 23 57.55 -10.32 -13.74
N GLY G 24 58.53 -10.96 -13.12
CA GLY G 24 59.60 -10.22 -12.45
C GLY G 24 59.10 -9.63 -11.14
N CYS G 25 59.55 -8.41 -10.83
CA CYS G 25 59.24 -7.78 -9.55
C CYS G 25 57.76 -7.42 -9.44
N LEU G 26 57.18 -7.72 -8.27
CA LEU G 26 55.78 -7.41 -8.01
C LEU G 26 55.63 -6.19 -7.10
N LYS G 27 56.57 -6.01 -6.16
CA LYS G 27 56.50 -4.89 -5.22
C LYS G 27 57.84 -4.23 -5.03
N CYS G 28 57.83 -2.90 -5.08
CA CYS G 28 59.04 -2.10 -4.97
C CYS G 28 59.30 -1.64 -3.53
N SER G 29 60.57 -1.42 -3.22
CA SER G 29 60.99 -0.88 -1.93
C SER G 29 60.36 0.51 -1.75
N PRO G 30 60.23 0.99 -0.49
CA PRO G 30 59.36 2.11 -0.10
C PRO G 30 59.15 3.24 -1.11
N LYS G 31 60.18 3.99 -1.45
CA LYS G 31 59.99 5.18 -2.27
C LYS G 31 60.45 5.06 -3.71
N LEU G 32 60.64 3.83 -4.18
CA LEU G 32 60.98 3.59 -5.57
C LEU G 32 59.72 3.55 -6.45
N PHE G 33 59.94 3.67 -7.76
CA PHE G 33 58.86 3.56 -8.75
C PHE G 33 58.97 2.24 -9.49
N ILE G 34 57.83 1.60 -9.70
CA ILE G 34 57.80 0.39 -10.52
C ILE G 34 57.69 0.77 -11.99
N LEU G 35 58.47 0.11 -12.83
CA LEU G 35 58.39 0.29 -14.28
C LEU G 35 58.05 -1.03 -14.95
N LEU G 36 56.90 -1.08 -15.62
CA LEU G 36 56.49 -2.29 -16.30
C LEU G 36 56.90 -2.25 -17.78
N GLU G 37 57.64 -3.26 -18.19
CA GLU G 37 58.07 -3.35 -19.58
C GLU G 37 57.27 -4.47 -20.20
N ARG G 38 56.41 -4.11 -21.16
CA ARG G 38 55.60 -5.10 -21.87
C ARG G 38 56.26 -5.56 -23.16
N ASN G 39 56.88 -6.72 -23.11
CA ASN G 39 57.44 -7.34 -24.30
C ASN G 39 56.73 -8.64 -24.61
N ASP G 40 56.36 -8.81 -25.89
CA ASP G 40 55.74 -10.02 -26.42
C ASP G 40 54.59 -10.52 -25.56
N ILE G 41 53.62 -9.62 -25.30
CA ILE G 41 52.37 -9.90 -24.58
C ILE G 41 52.59 -10.24 -23.11
N ARG G 42 53.85 -10.19 -22.66
CA ARG G 42 54.16 -10.46 -21.25
C ARG G 42 54.76 -9.25 -20.53
N GLN G 43 54.27 -8.98 -19.32
CA GLN G 43 54.75 -7.88 -18.48
C GLN G 43 55.96 -8.27 -17.61
N VAL G 44 56.94 -7.38 -17.50
CA VAL G 44 58.10 -7.59 -16.63
C VAL G 44 58.38 -6.36 -15.77
N GLY G 45 58.48 -6.55 -14.46
CA GLY G 45 58.54 -5.44 -13.51
C GLY G 45 59.93 -5.08 -13.01
N VAL G 46 60.31 -3.82 -13.21
CA VAL G 46 61.60 -3.30 -12.74
C VAL G 46 61.37 -2.26 -11.63
N CYS G 47 62.39 -2.03 -10.81
CA CYS G 47 62.30 -1.06 -9.72
C CYS G 47 63.36 0.03 -9.83
N LEU G 48 62.92 1.27 -10.04
CA LEU G 48 63.83 2.38 -10.29
C LEU G 48 63.71 3.48 -9.23
N PRO G 49 64.73 4.35 -9.13
CA PRO G 49 64.63 5.48 -8.21
C PRO G 49 63.76 6.60 -8.77
N SER G 50 63.66 6.65 -10.09
CA SER G 50 62.75 7.56 -10.78
C SER G 50 62.52 7.07 -12.20
N CYS G 51 61.54 7.65 -12.89
CA CYS G 51 61.10 7.12 -14.17
C CYS G 51 61.91 7.70 -15.33
N PRO G 52 62.27 6.84 -16.30
CA PRO G 52 63.00 7.24 -17.51
C PRO G 52 62.20 8.25 -18.34
N PRO G 53 62.86 8.93 -19.29
CA PRO G 53 62.16 9.85 -20.18
C PRO G 53 61.07 9.16 -20.99
N GLY G 54 59.99 9.88 -21.30
CA GLY G 54 58.82 9.26 -21.88
C GLY G 54 57.82 8.93 -20.78
N TYR G 55 58.33 8.45 -19.66
CA TYR G 55 57.52 8.22 -18.47
C TYR G 55 57.53 9.45 -17.57
N PHE G 56 56.56 9.52 -16.66
CA PHE G 56 56.59 10.51 -15.61
C PHE G 56 56.33 9.82 -14.28
N ASP G 57 56.87 10.41 -13.21
CA ASP G 57 56.78 9.88 -11.87
C ASP G 57 55.40 10.14 -11.27
N ALA G 58 54.77 9.08 -10.79
CA ALA G 58 53.48 9.19 -10.13
C ALA G 58 53.54 8.51 -8.77
N ARG G 59 53.33 9.29 -7.71
CA ARG G 59 53.44 8.75 -6.36
C ARG G 59 52.08 8.42 -5.81
N ASN G 60 51.96 7.22 -5.24
CA ASN G 60 50.71 6.78 -4.62
C ASN G 60 51.01 5.94 -3.37
N PRO G 61 50.03 5.83 -2.46
CA PRO G 61 50.34 5.17 -1.18
C PRO G 61 50.43 3.66 -1.28
N ASP G 62 49.87 3.09 -2.34
CA ASP G 62 49.89 1.65 -2.54
C ASP G 62 51.05 1.27 -3.47
N MET G 63 51.18 2.02 -4.56
CA MET G 63 52.22 1.75 -5.55
C MET G 63 52.67 3.03 -6.24
N ASN G 64 53.97 3.32 -6.17
CA ASN G 64 54.54 4.38 -6.98
C ASN G 64 54.86 3.80 -8.36
N LYS G 65 54.39 4.45 -9.41
CA LYS G 65 54.45 3.87 -10.74
C LYS G 65 54.95 4.84 -11.80
N CYS G 66 55.72 4.31 -12.75
CA CYS G 66 56.18 5.09 -13.89
C CYS G 66 55.09 5.08 -14.96
N ILE G 67 54.70 6.25 -15.45
CA ILE G 67 53.58 6.27 -16.40
C ILE G 67 53.92 6.97 -17.71
N LYS G 68 53.77 6.25 -18.82
CA LYS G 68 54.02 6.85 -20.12
C LYS G 68 53.12 8.05 -20.35
N CYS G 69 53.69 9.14 -20.86
CA CYS G 69 52.88 10.28 -21.21
C CYS G 69 52.69 10.25 -22.72
N LYS G 70 51.57 9.68 -23.15
CA LYS G 70 51.24 9.64 -24.55
C LYS G 70 50.62 10.98 -24.90
N ILE G 71 51.50 11.97 -25.03
CA ILE G 71 51.16 13.34 -25.35
C ILE G 71 51.90 13.68 -26.63
N GLU G 72 51.15 14.16 -27.62
CA GLU G 72 51.72 14.45 -28.93
C GLU G 72 53.00 15.27 -28.86
N HIS G 73 54.09 14.65 -29.29
CA HIS G 73 55.38 15.32 -29.48
C HIS G 73 55.97 15.78 -28.15
N CYS G 74 55.75 15.01 -27.09
CA CYS G 74 56.30 15.35 -25.78
C CYS G 74 57.52 14.48 -25.46
N GLU G 75 58.53 15.08 -24.85
CA GLU G 75 59.77 14.38 -24.52
C GLU G 75 59.80 13.97 -23.06
N ALA G 76 59.44 14.90 -22.18
CA ALA G 76 59.27 14.61 -20.77
C ALA G 76 58.07 15.39 -20.25
N CYS G 77 57.46 14.91 -19.17
CA CYS G 77 56.21 15.49 -18.72
C CYS G 77 56.04 15.48 -17.20
N PHE G 78 55.11 16.31 -16.73
CA PHE G 78 54.88 16.54 -15.31
C PHE G 78 53.89 15.50 -14.83
N SER G 79 52.81 15.37 -15.60
CA SER G 79 51.86 14.28 -15.48
C SER G 79 51.49 13.95 -16.91
N HIS G 80 50.42 13.18 -17.11
CA HIS G 80 49.80 13.17 -18.43
C HIS G 80 49.14 14.55 -18.56
N ASN G 81 48.65 14.88 -19.76
CA ASN G 81 47.91 16.12 -19.95
C ASN G 81 48.76 17.40 -19.77
N PHE G 82 49.97 17.24 -19.24
CA PHE G 82 50.92 18.36 -19.10
C PHE G 82 52.35 17.95 -19.43
N CYS G 83 52.92 18.56 -20.46
CA CYS G 83 54.28 18.26 -20.88
C CYS G 83 55.29 19.22 -20.24
N THR G 84 56.40 18.68 -19.75
CA THR G 84 57.43 19.46 -19.08
C THR G 84 58.50 19.94 -20.08
N LYS G 85 59.03 19.02 -20.88
CA LYS G 85 59.98 19.37 -21.93
C LYS G 85 59.50 18.85 -23.28
N CYS G 86 59.19 19.77 -24.19
CA CYS G 86 58.63 19.39 -25.47
C CYS G 86 59.75 19.15 -26.48
N LYS G 87 59.43 18.45 -27.57
CA LYS G 87 60.40 18.20 -28.62
C LYS G 87 60.77 19.48 -29.37
N GLU G 88 62.06 19.64 -29.65
CA GLU G 88 62.55 20.78 -30.43
C GLU G 88 61.90 20.78 -31.80
N GLY G 89 61.63 21.98 -32.30
CA GLY G 89 60.91 22.15 -33.55
C GLY G 89 59.43 22.25 -33.27
N LEU G 90 59.06 22.27 -31.99
CA LEU G 90 57.68 22.42 -31.57
C LEU G 90 57.61 23.29 -30.32
N TYR G 91 56.75 24.30 -30.34
CA TYR G 91 56.63 25.23 -29.22
C TYR G 91 55.80 24.65 -28.09
N LEU G 92 56.23 24.92 -26.86
CA LEU G 92 55.56 24.42 -25.67
C LEU G 92 54.67 25.49 -25.03
N HIS G 93 53.37 25.22 -24.97
CA HIS G 93 52.42 26.18 -24.42
C HIS G 93 51.45 25.52 -23.44
N LYS G 94 51.57 25.90 -22.17
CA LYS G 94 50.74 25.38 -21.09
C LYS G 94 50.68 23.85 -21.06
N GLY G 95 51.84 23.22 -20.99
CA GLY G 95 51.95 21.78 -20.89
C GLY G 95 51.58 21.02 -22.14
N ARG G 96 51.33 21.75 -23.23
CA ARG G 96 50.98 21.13 -24.50
C ARG G 96 51.88 21.66 -25.61
N CYS G 97 51.92 20.94 -26.73
CA CYS G 97 52.91 21.20 -27.77
C CYS G 97 52.25 21.51 -29.10
N TYR G 98 52.48 22.72 -29.60
CA TYR G 98 51.90 23.15 -30.88
C TYR G 98 52.96 23.67 -31.83
N PRO G 99 52.64 23.69 -33.14
CA PRO G 99 53.38 24.52 -34.10
C PRO G 99 53.12 26.01 -33.87
N ALA G 100 51.85 26.38 -33.72
CA ALA G 100 51.47 27.79 -33.52
C ALA G 100 51.90 28.27 -32.13
N CYS G 101 50.89 28.47 -31.26
CA CYS G 101 50.97 28.62 -29.78
C CYS G 101 50.23 29.85 -29.17
N PRO G 102 49.12 30.29 -29.78
CA PRO G 102 48.35 31.52 -29.53
C PRO G 102 49.12 32.78 -29.04
N GLU G 103 48.55 33.98 -28.74
CA GLU G 103 47.23 34.62 -28.99
C GLU G 103 46.50 34.87 -27.68
N GLY G 104 46.84 34.10 -26.65
CA GLY G 104 46.45 34.47 -25.30
C GLY G 104 47.43 35.56 -24.89
N SER G 105 48.68 35.34 -25.28
CA SER G 105 49.79 36.31 -25.41
C SER G 105 51.09 35.55 -25.13
N SER G 106 51.60 34.86 -26.14
CA SER G 106 52.78 34.02 -25.97
C SER G 106 54.02 34.59 -26.65
N ALA G 107 54.24 34.16 -27.90
CA ALA G 107 55.42 34.51 -28.71
C ALA G 107 56.66 33.80 -28.19
N ALA G 108 57.71 33.77 -29.01
CA ALA G 108 58.89 32.96 -28.70
C ALA G 108 60.21 33.72 -28.79
N ASN G 109 60.96 33.74 -27.69
CA ASN G 109 62.30 34.32 -27.69
C ASN G 109 63.32 33.39 -28.37
N GLY G 110 64.54 33.40 -27.86
CA GLY G 110 65.55 32.45 -28.28
C GLY G 110 65.33 31.04 -27.76
N THR G 111 64.16 30.82 -27.17
CA THR G 111 63.78 29.49 -26.71
C THR G 111 62.54 29.01 -27.45
N MET G 112 62.04 27.84 -27.08
CA MET G 112 60.79 27.34 -27.67
C MET G 112 59.75 27.05 -26.60
N GLU G 113 59.44 28.06 -25.79
CA GLU G 113 58.51 27.90 -24.68
C GLU G 113 57.50 29.04 -24.65
N CYS G 114 56.85 29.25 -25.80
CA CYS G 114 55.86 30.31 -26.04
C CYS G 114 55.20 30.89 -24.80
N CYS H 12 -0.16 -28.58 -44.93
CA CYS H 12 0.50 -28.33 -43.65
C CYS H 12 0.37 -29.55 -42.75
N ALA H 13 -0.88 -29.86 -42.37
CA ALA H 13 -1.22 -31.06 -41.60
C ALA H 13 -2.74 -31.09 -41.36
N LYS H 14 -3.23 -32.22 -40.87
CA LYS H 14 -4.63 -32.37 -40.48
C LYS H 14 -5.00 -31.38 -39.37
N GLY H 15 -5.89 -30.46 -39.69
CA GLY H 15 -6.29 -29.40 -38.77
C GLY H 15 -5.14 -28.64 -38.14
N CYS H 16 -4.21 -28.19 -38.98
CA CYS H 16 -3.05 -27.43 -38.53
C CYS H 16 -2.88 -26.19 -39.40
N GLU H 17 -2.62 -25.05 -38.76
CA GLU H 17 -2.65 -23.77 -39.45
C GLU H 17 -1.28 -23.33 -39.98
N LEU H 18 -0.23 -23.55 -39.19
CA LEU H 18 1.12 -23.21 -39.64
C LEU H 18 2.11 -24.31 -39.27
N CYS H 19 2.86 -24.76 -40.27
CA CYS H 19 3.88 -25.78 -40.08
C CYS H 19 5.23 -25.36 -40.65
N SER H 20 6.28 -26.05 -40.22
CA SER H 20 7.58 -25.93 -40.85
C SER H 20 7.97 -27.30 -41.41
N GLU H 21 8.76 -27.31 -42.49
CA GLU H 21 9.17 -28.56 -43.12
C GLU H 21 9.91 -29.46 -42.15
N VAL H 22 10.73 -28.85 -41.32
CA VAL H 22 11.53 -29.57 -40.34
C VAL H 22 10.74 -30.07 -39.12
N ASN H 23 10.05 -29.17 -38.44
CA ASN H 23 9.47 -29.47 -37.14
C ASN H 23 7.98 -29.80 -37.16
N GLY H 24 7.39 -29.82 -38.35
CA GLY H 24 5.97 -30.10 -38.48
C GLY H 24 5.10 -28.94 -38.04
N CYS H 25 3.97 -29.24 -37.41
CA CYS H 25 2.97 -28.23 -37.06
C CYS H 25 3.45 -27.30 -35.96
N LEU H 26 3.25 -26.00 -36.17
CA LEU H 26 3.62 -24.99 -35.19
C LEU H 26 2.40 -24.43 -34.47
N LYS H 27 1.28 -24.36 -35.20
CA LYS H 27 0.09 -23.76 -34.64
C LYS H 27 -1.14 -24.61 -34.97
N CYS H 28 -1.95 -24.92 -33.97
CA CYS H 28 -3.11 -25.80 -34.15
C CYS H 28 -4.41 -25.01 -34.34
N SER H 29 -5.37 -25.61 -35.04
CA SER H 29 -6.68 -25.00 -35.24
C SER H 29 -7.36 -24.79 -33.87
N PRO H 30 -8.34 -23.85 -33.79
CA PRO H 30 -8.85 -23.27 -32.54
C PRO H 30 -8.87 -24.14 -31.27
N LYS H 31 -9.69 -25.19 -31.23
CA LYS H 31 -9.87 -25.96 -30.00
C LYS H 31 -9.08 -27.27 -29.99
N LEU H 32 -8.15 -27.43 -30.92
CA LEU H 32 -7.32 -28.63 -30.90
C LEU H 32 -6.15 -28.49 -29.91
N PHE H 33 -5.55 -29.62 -29.59
CA PHE H 33 -4.38 -29.65 -28.72
C PHE H 33 -3.12 -29.95 -29.52
N ILE H 34 -2.05 -29.21 -29.25
CA ILE H 34 -0.77 -29.50 -29.88
C ILE H 34 -0.03 -30.57 -29.08
N LEU H 35 0.54 -31.54 -29.80
CA LEU H 35 1.37 -32.57 -29.20
C LEU H 35 2.77 -32.55 -29.78
N LEU H 36 3.76 -32.28 -28.94
CA LEU H 36 5.13 -32.26 -29.42
C LEU H 36 5.80 -33.62 -29.17
N GLU H 37 6.22 -34.26 -30.26
CA GLU H 37 6.79 -35.59 -30.23
C GLU H 37 8.26 -35.56 -30.57
N ARG H 38 9.09 -36.30 -29.82
CA ARG H 38 10.50 -36.37 -30.15
C ARG H 38 10.78 -37.51 -31.11
N ASN H 39 11.04 -37.16 -32.37
CA ASN H 39 11.42 -38.16 -33.38
C ASN H 39 12.89 -38.52 -33.25
N ASP H 40 13.56 -37.84 -32.30
CA ASP H 40 14.96 -38.06 -31.97
C ASP H 40 15.88 -37.99 -33.19
N ILE H 41 16.60 -36.88 -33.33
CA ILE H 41 16.64 -35.80 -32.34
C ILE H 41 15.51 -34.76 -32.45
N ARG H 42 15.24 -34.33 -33.67
CA ARG H 42 14.24 -33.29 -33.97
C ARG H 42 12.85 -33.45 -33.37
N GLN H 43 12.31 -32.34 -32.90
CA GLN H 43 10.95 -32.25 -32.38
C GLN H 43 9.96 -32.08 -33.53
N VAL H 44 8.83 -32.78 -33.45
CA VAL H 44 7.81 -32.74 -34.49
C VAL H 44 6.42 -32.52 -33.91
N GLY H 45 5.71 -31.56 -34.47
CA GLY H 45 4.45 -31.11 -33.90
C GLY H 45 3.25 -31.73 -34.57
N VAL H 46 2.41 -32.38 -33.76
CA VAL H 46 1.16 -32.98 -34.23
C VAL H 46 -0.02 -32.19 -33.69
N CYS H 47 -1.16 -32.24 -34.38
CA CYS H 47 -2.35 -31.52 -33.95
C CYS H 47 -3.53 -32.47 -33.77
N LEU H 48 -4.01 -32.61 -32.54
CA LEU H 48 -5.02 -33.62 -32.21
C LEU H 48 -6.32 -33.03 -31.66
N PRO H 49 -7.41 -33.80 -31.71
CA PRO H 49 -8.67 -33.37 -31.08
C PRO H 49 -8.66 -33.56 -29.57
N SER H 50 -7.84 -34.51 -29.12
CA SER H 50 -7.58 -34.70 -27.69
C SER H 50 -6.30 -35.50 -27.52
N CYS H 51 -5.78 -35.55 -26.29
CA CYS H 51 -4.45 -36.12 -26.05
C CYS H 51 -4.48 -37.62 -25.81
N PRO H 52 -3.51 -38.34 -26.39
CA PRO H 52 -3.31 -39.79 -26.24
C PRO H 52 -3.06 -40.20 -24.79
N PRO H 53 -3.15 -41.50 -24.48
CA PRO H 53 -2.86 -41.97 -23.12
C PRO H 53 -1.42 -41.65 -22.73
N GLY H 54 -1.19 -41.37 -21.45
CA GLY H 54 0.08 -40.86 -21.01
C GLY H 54 0.05 -39.35 -20.93
N TYR H 55 -0.59 -38.73 -21.93
CA TYR H 55 -0.80 -37.29 -21.93
C TYR H 55 -2.15 -36.92 -21.34
N PHE H 56 -2.30 -35.66 -20.96
CA PHE H 56 -3.59 -35.13 -20.58
C PHE H 56 -3.83 -33.79 -21.29
N ASP H 57 -5.11 -33.49 -21.52
CA ASP H 57 -5.51 -32.27 -22.20
C ASP H 57 -5.39 -31.06 -21.28
N ALA H 58 -4.69 -30.03 -21.74
CA ALA H 58 -4.54 -28.80 -20.97
C ALA H 58 -4.96 -27.61 -21.82
N ARG H 59 -5.97 -26.88 -21.37
CA ARG H 59 -6.50 -25.76 -22.13
C ARG H 59 -5.95 -24.44 -21.61
N ASN H 60 -5.48 -23.59 -22.54
CA ASN H 60 -4.96 -22.27 -22.21
C ASN H 60 -5.38 -21.28 -23.31
N PRO H 61 -5.34 -19.96 -23.02
CA PRO H 61 -5.96 -19.05 -23.99
C PRO H 61 -5.12 -18.82 -25.25
N ASP H 62 -3.82 -19.07 -25.18
CA ASP H 62 -2.95 -18.91 -26.34
C ASP H 62 -2.67 -20.25 -27.00
N MET H 63 -2.44 -21.27 -26.19
CA MET H 63 -2.11 -22.60 -26.70
C MET H 63 -2.66 -23.72 -25.82
N ASN H 64 -3.48 -24.57 -26.43
CA ASN H 64 -3.89 -25.81 -25.78
C ASN H 64 -2.84 -26.87 -26.06
N LYS H 65 -2.37 -27.55 -25.03
CA LYS H 65 -1.23 -28.44 -25.18
C LYS H 65 -1.46 -29.79 -24.53
N CYS H 66 -0.96 -30.83 -25.18
CA CYS H 66 -1.00 -32.17 -24.61
C CYS H 66 0.19 -32.29 -23.67
N ILE H 67 -0.04 -32.70 -22.43
CA ILE H 67 1.05 -32.73 -21.48
C ILE H 67 1.23 -34.11 -20.86
N LYS H 68 2.43 -34.68 -21.03
CA LYS H 68 2.73 -36.00 -20.48
C LYS H 68 2.53 -36.05 -18.97
N CYS H 69 2.00 -37.17 -18.51
CA CYS H 69 1.69 -37.35 -17.09
C CYS H 69 2.80 -38.10 -16.37
N LYS H 70 3.71 -37.34 -15.76
CA LYS H 70 4.73 -37.95 -14.92
C LYS H 70 4.23 -38.19 -13.51
N ILE H 71 3.39 -39.22 -13.38
CA ILE H 71 2.90 -39.66 -12.09
C ILE H 71 3.20 -41.15 -12.02
N GLU H 72 3.93 -41.56 -10.99
CA GLU H 72 4.34 -42.96 -10.84
C GLU H 72 3.16 -43.92 -10.99
N HIS H 73 3.25 -44.75 -12.03
CA HIS H 73 2.30 -45.84 -12.26
C HIS H 73 0.89 -45.34 -12.58
N CYS H 74 0.83 -44.22 -13.28
CA CYS H 74 -0.45 -43.67 -13.75
C CYS H 74 -0.64 -43.94 -15.24
N GLU H 75 -1.87 -44.25 -15.64
CA GLU H 75 -2.16 -44.56 -17.04
C GLU H 75 -2.77 -43.35 -17.76
N ALA H 76 -3.74 -42.72 -17.12
CA ALA H 76 -4.32 -41.47 -17.62
C ALA H 76 -4.62 -40.54 -16.45
N CYS H 77 -4.66 -39.24 -16.71
CA CYS H 77 -4.74 -38.28 -15.62
C CYS H 77 -5.57 -37.04 -15.95
N PHE H 78 -5.92 -36.30 -14.91
CA PHE H 78 -6.78 -35.13 -15.00
C PHE H 78 -5.91 -33.92 -15.29
N SER H 79 -4.85 -33.80 -14.52
CA SER H 79 -3.77 -32.87 -14.77
C SER H 79 -2.50 -33.59 -14.38
N HIS H 80 -1.41 -32.86 -14.20
CA HIS H 80 -0.31 -33.42 -13.44
C HIS H 80 -0.80 -33.54 -12.00
N ASN H 81 -0.03 -34.20 -11.14
CA ASN H 81 -0.33 -34.26 -9.71
C ASN H 81 -1.66 -34.99 -9.36
N PHE H 82 -2.47 -35.29 -10.37
CA PHE H 82 -3.71 -36.04 -10.16
C PHE H 82 -3.98 -37.09 -11.25
N CYS H 83 -4.01 -38.36 -10.84
CA CYS H 83 -4.23 -39.48 -11.75
C CYS H 83 -5.72 -39.85 -11.86
N THR H 84 -6.17 -40.11 -13.08
CA THR H 84 -7.59 -40.43 -13.32
C THR H 84 -7.83 -41.94 -13.21
N LYS H 85 -7.09 -42.74 -13.96
CA LYS H 85 -7.18 -44.19 -13.81
C LYS H 85 -5.76 -44.76 -13.66
N CYS H 86 -5.54 -45.44 -12.54
CA CYS H 86 -4.20 -45.89 -12.17
C CYS H 86 -3.83 -47.21 -12.82
N LYS H 87 -2.54 -47.54 -12.80
CA LYS H 87 -2.05 -48.78 -13.40
C LYS H 87 -2.61 -49.96 -12.61
N GLU H 88 -3.08 -50.96 -13.35
CA GLU H 88 -3.63 -52.16 -12.72
C GLU H 88 -2.55 -52.85 -11.89
N GLY H 89 -2.97 -53.39 -10.75
CA GLY H 89 -2.05 -53.97 -9.80
C GLY H 89 -1.59 -52.93 -8.80
N LEU H 90 -2.19 -51.74 -8.89
CA LEU H 90 -1.89 -50.64 -7.98
C LEU H 90 -3.16 -49.87 -7.63
N TYR H 91 -3.36 -49.61 -6.34
CA TYR H 91 -4.58 -48.96 -5.86
C TYR H 91 -4.57 -47.45 -6.09
N LEU H 92 -5.72 -46.91 -6.47
CA LEU H 92 -5.86 -45.48 -6.72
C LEU H 92 -6.54 -44.74 -5.56
N HIS H 93 -5.83 -43.78 -4.97
CA HIS H 93 -6.39 -43.02 -3.86
C HIS H 93 -6.17 -41.52 -4.04
N LYS H 94 -7.26 -40.79 -4.25
CA LYS H 94 -7.24 -39.34 -4.44
C LYS H 94 -6.25 -38.88 -5.50
N GLY H 95 -6.41 -39.40 -6.72
CA GLY H 95 -5.57 -38.99 -7.84
C GLY H 95 -4.14 -39.48 -7.76
N ARG H 96 -3.83 -40.31 -6.78
CA ARG H 96 -2.48 -40.85 -6.65
C ARG H 96 -2.51 -42.37 -6.52
N CYS H 97 -1.36 -42.99 -6.77
CA CYS H 97 -1.31 -44.45 -6.92
C CYS H 97 -0.36 -45.07 -5.91
N TYR H 98 -0.91 -45.93 -5.04
CA TYR H 98 -0.12 -46.57 -4.01
C TYR H 98 -0.28 -48.09 -4.04
N PRO H 99 0.70 -48.82 -3.46
CA PRO H 99 0.49 -50.20 -3.01
C PRO H 99 -0.41 -50.23 -1.77
N ALA H 100 -0.09 -49.38 -0.79
CA ALA H 100 -0.82 -49.30 0.47
C ALA H 100 -2.24 -48.76 0.26
N CYS H 101 -2.44 -47.50 0.65
CA CYS H 101 -3.55 -46.57 0.32
C CYS H 101 -4.31 -45.97 1.52
N PRO H 102 -3.61 -45.71 2.66
CA PRO H 102 -4.11 -45.34 3.99
C PRO H 102 -5.49 -45.91 4.45
N GLU H 103 -6.06 -45.65 5.64
CA GLU H 103 -5.61 -45.09 6.95
C GLU H 103 -6.36 -43.79 7.24
N GLY H 104 -6.80 -43.11 6.20
CA GLY H 104 -7.78 -42.06 6.36
C GLY H 104 -9.10 -42.81 6.53
N SER H 105 -9.19 -43.89 5.76
CA SER H 105 -10.10 -45.04 5.91
C SER H 105 -10.52 -45.46 4.50
N SER H 106 -9.68 -46.28 3.87
CA SER H 106 -9.90 -46.65 2.47
C SER H 106 -10.37 -48.09 2.29
N ALA H 107 -9.40 -49.00 2.08
CA ALA H 107 -9.65 -50.41 1.78
C ALA H 107 -10.20 -50.56 0.36
N ALA H 108 -10.26 -51.80 -0.14
CA ALA H 108 -10.57 -52.03 -1.55
C ALA H 108 -11.78 -52.91 -1.75
N ASN H 109 -12.76 -52.38 -2.48
CA ASN H 109 -13.96 -53.11 -2.86
C ASN H 109 -13.67 -54.28 -3.80
N GLY H 110 -14.65 -54.62 -4.64
CA GLY H 110 -14.43 -55.54 -5.74
C GLY H 110 -13.64 -54.86 -6.84
N THR H 111 -13.17 -53.65 -6.55
CA THR H 111 -12.35 -52.88 -7.47
C THR H 111 -10.98 -52.57 -6.86
N MET H 112 -10.19 -51.75 -7.55
CA MET H 112 -8.91 -51.28 -7.03
C MET H 112 -8.91 -49.76 -6.91
N GLU H 113 -9.86 -49.23 -6.15
CA GLU H 113 -10.05 -47.79 -6.02
C GLU H 113 -10.19 -47.37 -4.56
N CYS H 114 -9.21 -47.77 -3.74
CA CYS H 114 -9.19 -47.54 -2.29
C CYS H 114 -10.12 -46.44 -1.78
N SER H 115 -11.23 -46.85 -1.17
CA SER H 115 -12.29 -45.94 -0.79
C SER H 115 -11.90 -45.02 0.36
C1 NAG I . 9.01 54.66 3.25
C2 NAG I . 8.11 55.72 2.65
C3 NAG I . 8.27 55.75 1.14
C4 NAG I . 9.73 56.01 0.78
C5 NAG I . 10.64 54.96 1.47
C6 NAG I . 12.12 55.26 1.33
C7 NAG I . 6.14 56.12 4.07
C8 NAG I . 4.70 55.80 4.31
N2 NAG I . 6.71 55.51 3.01
O3 NAG I . 7.46 56.77 0.58
O4 NAG I . 9.90 56.09 -0.64
O5 NAG I . 10.39 54.93 2.88
O6 NAG I . 12.89 54.07 1.38
O7 NAG I . 6.77 56.89 4.78
C1 NAG I . 10.31 54.94 -1.43
C2 NAG I . 9.33 54.61 -2.57
C3 NAG I . 9.91 53.54 -3.47
C4 NAG I . 11.30 53.93 -3.97
C5 NAG I . 12.19 54.23 -2.78
C6 NAG I . 13.57 54.73 -3.18
C7 NAG I . 6.99 55.03 -1.95
C8 NAG I . 5.73 54.42 -1.41
N2 NAG I . 8.03 54.21 -2.05
O3 NAG I . 9.05 53.31 -4.58
O4 NAG I . 11.87 52.87 -4.72
O5 NAG I . 11.61 55.27 -1.97
O6 NAG I . 14.41 54.86 -2.05
O7 NAG I . 7.06 56.21 -2.26
C1 NAG J . 31.31 20.51 16.39
C2 NAG J . 32.48 21.27 15.69
C3 NAG J . 33.60 21.60 16.68
C4 NAG J . 33.03 22.33 17.89
C5 NAG J . 31.99 21.43 18.56
C6 NAG J . 31.41 22.03 19.80
C7 NAG J . 32.74 20.70 13.29
C8 NAG J . 33.41 19.79 12.31
N2 NAG J . 33.01 20.48 14.58
O3 NAG J . 34.58 22.40 16.03
O4 NAG J . 34.02 22.77 18.83
O5 NAG J . 30.92 21.23 17.63
O6 NAG J . 30.44 21.18 20.41
O7 NAG J . 31.96 21.58 12.94
C1 NAG J . 35.08 21.85 19.24
C2 NAG J . 35.75 22.41 20.50
C3 NAG J . 36.90 21.51 20.94
C4 NAG J . 36.57 20.01 20.87
C5 NAG J . 35.70 19.64 19.66
C6 NAG J . 35.01 18.29 19.82
C7 NAG J . 35.46 24.86 20.49
C8 NAG J . 36.12 26.18 20.21
N2 NAG J . 36.21 23.77 20.28
O3 NAG J . 37.27 21.85 22.27
O4 NAG J . 37.81 19.32 20.77
O5 NAG J . 34.64 20.59 19.48
O6 NAG J . 35.25 17.46 18.70
O7 NAG J . 34.31 24.79 20.88
C1 BMA J . 37.95 18.11 21.55
C2 BMA J . 38.06 17.00 20.48
C3 BMA J . 38.64 15.71 21.04
C4 BMA J . 39.90 15.98 21.86
C5 BMA J . 39.54 16.93 23.01
C6 BMA J . 40.74 17.24 23.91
O2 BMA J . 38.90 17.43 19.38
O3 BMA J . 38.90 14.76 20.00
O4 BMA J . 40.43 14.76 22.36
O5 BMA J . 39.06 18.19 22.46
O6 BMA J . 40.28 17.90 25.07
C1 NAG K . 52.75 38.73 -7.42
C2 NAG K . 54.13 39.18 -6.86
C3 NAG K . 54.67 40.41 -7.64
C4 NAG K . 54.58 40.20 -9.15
C5 NAG K . 53.16 39.81 -9.53
C6 NAG K . 52.98 39.58 -11.01
C7 NAG K . 54.19 38.62 -4.46
C8 NAG K . 54.06 39.16 -3.07
N2 NAG K . 54.04 39.51 -5.45
O3 NAG K . 56.02 40.64 -7.25
O4 NAG K . 54.92 41.42 -9.81
O5 NAG K . 52.84 38.59 -8.86
O6 NAG K . 53.17 38.21 -11.37
O7 NAG K . 54.40 37.43 -4.68
C1 NAG K . 56.25 41.35 -10.35
C2 NAG K . 56.34 42.32 -11.53
C3 NAG K . 57.74 42.27 -12.13
C4 NAG K . 58.77 42.58 -11.05
C5 NAG K . 58.61 41.59 -9.90
C6 NAG K . 59.54 41.86 -8.75
C7 NAG K . 54.07 42.49 -12.45
C8 NAG K . 53.17 42.11 -13.59
N2 NAG K . 55.33 42.03 -12.54
O3 NAG K . 57.83 43.20 -13.20
O4 NAG K . 60.10 42.51 -11.56
O5 NAG K . 57.27 41.66 -9.39
O6 NAG K . 58.91 41.62 -7.50
O7 NAG K . 53.68 43.18 -11.51
C1 BMA K . 60.64 43.77 -12.06
C2 BMA K . 59.87 45.03 -11.58
C3 BMA K . 60.37 46.21 -12.39
C4 BMA K . 61.90 46.37 -12.22
C5 BMA K . 62.65 45.04 -12.59
C6 BMA K . 64.15 45.08 -12.27
O2 BMA K . 60.15 45.33 -10.21
O3 BMA K . 59.69 47.42 -12.05
O4 BMA K . 62.37 47.43 -13.04
O5 BMA K . 62.05 43.93 -11.86
O6 BMA K . 64.45 44.02 -11.39
C1 NAG L . -24.35 -33.44 0.81
C2 NAG L . -25.80 -33.53 0.35
C3 NAG L . -26.65 -34.11 1.46
C4 NAG L . -26.19 -35.51 1.78
C5 NAG L . -24.69 -35.52 2.15
C6 NAG L . -24.12 -36.93 2.16
C7 NAG L . -26.88 -32.05 -1.29
C8 NAG L . -27.38 -30.67 -1.57
N2 NAG L . -26.32 -32.23 -0.08
O3 NAG L . -28.02 -34.12 1.07
O4 NAG L . -26.94 -36.02 2.89
O5 NAG L . -23.89 -34.79 1.19
O6 NAG L . -23.21 -37.15 3.24
O7 NAG L . -26.96 -32.96 -2.11
C1 NAG L . -27.74 -37.22 2.64
C2 NAG L . -28.40 -37.28 1.24
C3 NAG L . -29.00 -38.66 0.97
C4 NAG L . -27.99 -39.76 1.26
C5 NAG L . -27.51 -39.65 2.69
C6 NAG L . -26.48 -40.69 3.05
C7 NAG L . -29.93 -35.88 -0.09
C8 NAG L . -31.00 -34.82 -0.04
N2 NAG L . -29.44 -36.25 1.10
O3 NAG L . -29.39 -38.72 -0.40
O4 NAG L . -28.46 -41.09 0.96
O5 NAG L . -26.88 -38.37 2.84
O6 NAG L . -25.55 -40.19 4.02
O7 NAG L . -29.51 -36.34 -1.14
C1 BMA L . -29.77 -41.58 1.34
C2 BMA L . -30.80 -41.36 0.18
C3 BMA L . -32.11 -42.06 0.50
C4 BMA L . -31.87 -43.54 0.72
C5 BMA L . -30.92 -43.73 1.93
C6 BMA L . -30.55 -45.20 2.13
O2 BMA L . -30.33 -41.92 -1.03
O3 BMA L . -33.06 -41.86 -0.55
O4 BMA L . -33.11 -44.21 0.95
O5 BMA L . -29.68 -42.97 1.72
O6 BMA L . -29.86 -45.33 3.37
C1 NAG M . -62.28 -26.86 33.32
C2 NAG M . -62.17 -26.36 34.75
C3 NAG M . -61.01 -27.05 35.48
C4 NAG M . -61.16 -28.57 35.38
C5 NAG M . -61.32 -28.99 33.92
C6 NAG M . -61.58 -30.46 33.75
C7 NAG M . -63.00 -24.06 34.97
C8 NAG M . -62.64 -22.60 34.99
N2 NAG M . -61.99 -24.91 34.79
O3 NAG M . -60.98 -26.65 36.84
O4 NAG M . -60.02 -29.21 35.93
O5 NAG M . -62.42 -28.30 33.32
O6 NAG M . -61.48 -30.87 32.39
O7 NAG M . -64.16 -24.44 35.11
C1 NAG N . -22.33 -31.48 -42.12
C2 NAG N . -22.06 -31.63 -43.61
C3 NAG N . -22.82 -30.57 -44.40
C4 NAG N . -24.30 -30.62 -44.05
C5 NAG N . -24.49 -30.53 -42.53
C6 NAG N . -25.93 -30.70 -42.10
C7 NAG N . -19.85 -32.63 -44.02
C8 NAG N . -18.41 -32.37 -44.32
N2 NAG N . -20.63 -31.55 -43.89
O3 NAG N . -22.63 -30.78 -45.79
O4 NAG N . -24.98 -29.53 -44.66
O5 NAG N . -23.74 -31.56 -41.87
O6 NAG N . -26.08 -30.49 -40.70
O7 NAG N . -20.30 -33.77 -43.90
#